data_7JQA
#
_entry.id   7JQA
#
_cell.length_a   50.050
_cell.length_b   180.140
_cell.length_c   86.660
_cell.angle_alpha   90.000
_cell.angle_beta   105.960
_cell.angle_gamma   90.000
#
_symmetry.space_group_name_H-M   'P 1 21 1'
#
loop_
_entity.id
_entity.type
_entity.pdbx_description
1 polymer 'Alcohol dehydrogenase E chain'
2 non-polymer 'ZINC ION'
3 non-polymer '1,4-DIHYDRONICOTINAMIDE ADENINE DINUCLEOTIDE'
4 non-polymer 'PARA-BROMOBENZYL ALCOHOL'
5 non-polymer (4S)-2-METHYL-2,4-PENTANEDIOL
6 water water
#
_entity_poly.entity_id   1
_entity_poly.type   'polypeptide(L)'
_entity_poly.pdbx_seq_one_letter_code
;STAGKVIKCKAAVLWEEKKPFSIEEVEVAPPKAHEVRIKMVATGICRSDDHVVSGTLVTPLPVIAGHEAAGIVESIGEGV
TTVRPGDKVIPLFTPQCGKCRVCKHPEGNFCLKNDLSMPRGTMQDGTSRFTCRGKPIHHFLGTSTFSQYTVVDEISVAKI
DAASPLEKVCLIGCGFSTGYGSAVKVAKVTQGSTCAVFGLGGVGLSVIMGCKAAGAARIIGVDINKDKFAKAKEVGATEC
VNPQDYKKPIQEVLTEMSNGGVDFSFEVIGRLDTMVTALSCCQEAYGVSVIVGVPPDSQNLSMNPMLLLSGRTWKGAIFG
GFKSKDSVPKLVADFMAKKFALDPLITHVLPFEKINEGFDLLRSGESIRTILTF
;
_entity_poly.pdbx_strand_id   A,B,C,D
#
# COMPACT_ATOMS: atom_id res chain seq x y z
N SER A 1 35.31 -14.94 -44.63
CA SER A 1 36.73 -14.56 -44.40
C SER A 1 36.85 -14.12 -42.93
N THR A 2 35.78 -13.61 -42.30
CA THR A 2 35.72 -13.39 -40.84
C THR A 2 34.99 -14.55 -40.15
N ALA A 3 34.33 -15.45 -40.91
CA ALA A 3 33.45 -16.44 -40.26
C ALA A 3 34.27 -17.21 -39.23
N GLY A 4 33.71 -17.47 -38.05
CA GLY A 4 34.38 -18.34 -37.06
C GLY A 4 35.52 -17.64 -36.34
N LYS A 5 35.77 -16.36 -36.64
CA LYS A 5 36.88 -15.59 -36.03
C LYS A 5 36.31 -14.49 -35.15
N VAL A 6 37.09 -14.13 -34.14
CA VAL A 6 36.84 -12.86 -33.40
C VAL A 6 37.05 -11.71 -34.39
N ILE A 7 36.12 -10.75 -34.42
CA ILE A 7 36.26 -9.50 -35.22
C ILE A 7 36.72 -8.39 -34.28
N LYS A 8 37.74 -7.66 -34.71
CA LYS A 8 38.13 -6.39 -34.11
C LYS A 8 37.50 -5.28 -34.95
N CYS A 9 36.71 -4.44 -34.33
CA CYS A 9 35.98 -3.38 -35.06
C CYS A 9 35.74 -2.19 -34.12
N LYS A 10 35.21 -1.12 -34.68
CA LYS A 10 34.88 0.11 -33.89
C LYS A 10 33.47 -0.06 -33.33
N ALA A 11 33.26 0.40 -32.09
CA ALA A 11 31.93 0.53 -31.50
C ALA A 11 31.87 1.78 -30.62
N ALA A 12 30.66 2.24 -30.42
CA ALA A 12 30.39 3.35 -29.50
C ALA A 12 30.04 2.72 -28.15
N VAL A 13 30.99 2.75 -27.22
CA VAL A 13 30.79 2.20 -25.86
C VAL A 13 30.32 3.34 -24.96
N LEU A 14 29.31 3.03 -24.16
CA LEU A 14 28.91 3.95 -23.06
C LEU A 14 29.43 3.38 -21.75
N TRP A 15 30.40 4.04 -21.14
CA TRP A 15 31.08 3.54 -19.94
C TRP A 15 30.30 3.93 -18.70
N GLU A 16 29.67 5.12 -18.73
CA GLU A 16 29.10 5.83 -17.55
C GLU A 16 27.88 6.62 -17.99
N GLU A 17 26.92 6.82 -17.10
CA GLU A 17 25.79 7.72 -17.35
C GLU A 17 26.31 9.13 -17.68
N LYS A 18 25.59 9.84 -18.53
CA LYS A 18 25.69 11.31 -18.71
C LYS A 18 27.09 11.64 -19.21
N LYS A 19 27.66 10.74 -20.00
CA LYS A 19 28.99 10.89 -20.63
C LYS A 19 28.80 10.67 -22.12
N PRO A 20 29.68 11.27 -22.95
CA PRO A 20 29.71 10.98 -24.37
C PRO A 20 29.99 9.50 -24.62
N PHE A 21 29.52 9.02 -25.77
CA PHE A 21 29.94 7.72 -26.30
C PHE A 21 31.44 7.80 -26.56
N SER A 22 32.12 6.69 -26.35
CA SER A 22 33.55 6.49 -26.67
C SER A 22 33.65 5.53 -27.83
N ILE A 23 34.17 6.04 -28.96
CA ILE A 23 34.33 5.27 -30.19
C ILE A 23 35.64 4.54 -30.01
N GLU A 24 35.62 3.23 -29.81
CA GLU A 24 36.93 2.58 -29.63
C GLU A 24 36.86 1.16 -30.13
N GLU A 25 38.01 0.49 -30.11
CA GLU A 25 38.15 -0.89 -30.64
C GLU A 25 37.44 -1.85 -29.68
N VAL A 26 36.61 -2.73 -30.21
CA VAL A 26 35.97 -3.83 -29.42
C VAL A 26 36.30 -5.12 -30.14
N GLU A 27 36.20 -6.22 -29.40
CA GLU A 27 36.28 -7.59 -29.92
C GLU A 27 34.86 -8.18 -29.94
N VAL A 28 34.43 -8.65 -31.11
CA VAL A 28 33.10 -9.29 -31.32
C VAL A 28 33.32 -10.78 -31.57
N ALA A 29 32.86 -11.59 -30.63
CA ALA A 29 32.98 -13.04 -30.70
C ALA A 29 32.15 -13.54 -31.86
N PRO A 30 32.54 -14.67 -32.44
CA PRO A 30 31.67 -15.34 -33.43
C PRO A 30 30.40 -15.86 -32.77
N PRO A 31 29.33 -16.03 -33.58
CA PRO A 31 28.04 -16.44 -33.08
C PRO A 31 28.11 -17.88 -32.62
N LYS A 32 27.43 -18.13 -31.51
CA LYS A 32 27.22 -19.49 -30.95
C LYS A 32 25.94 -20.04 -31.59
N ALA A 33 25.50 -21.20 -31.13
CA ALA A 33 24.30 -21.87 -31.66
C ALA A 33 23.16 -20.85 -31.69
N HIS A 34 22.39 -20.78 -32.78
CA HIS A 34 21.14 -19.97 -32.85
C HIS A 34 21.44 -18.49 -32.65
N GLU A 35 22.64 -18.03 -33.03
CA GLU A 35 23.03 -16.61 -32.99
C GLU A 35 23.48 -16.20 -34.39
N VAL A 36 23.42 -14.91 -34.62
CA VAL A 36 23.62 -14.27 -35.94
C VAL A 36 24.54 -13.07 -35.75
N ARG A 37 25.66 -13.06 -36.47
CA ARG A 37 26.55 -11.88 -36.45
C ARG A 37 26.24 -11.04 -37.68
N ILE A 38 26.05 -9.76 -37.42
CA ILE A 38 25.57 -8.74 -38.38
C ILE A 38 26.61 -7.65 -38.56
N LYS A 39 26.90 -7.36 -39.82
CA LYS A 39 27.64 -6.13 -40.23
C LYS A 39 26.63 -4.98 -40.33
N MET A 40 26.78 -3.98 -39.48
CA MET A 40 25.80 -2.89 -39.49
C MET A 40 26.00 -2.05 -40.74
N VAL A 41 24.86 -1.66 -41.34
CA VAL A 41 24.85 -0.72 -42.51
C VAL A 41 24.38 0.67 -42.08
N ALA A 42 23.35 0.73 -41.26
CA ALA A 42 22.74 2.02 -40.82
C ALA A 42 22.05 1.82 -39.47
N THR A 43 22.12 2.85 -38.63
CA THR A 43 21.39 2.84 -37.34
C THR A 43 20.87 4.22 -37.05
N GLY A 44 19.61 4.26 -36.60
CA GLY A 44 19.02 5.52 -36.19
C GLY A 44 19.34 5.84 -34.74
N ILE A 45 19.27 7.11 -34.44
CA ILE A 45 19.37 7.61 -33.05
C ILE A 45 17.96 7.85 -32.54
N CYS A 46 17.54 7.01 -31.62
CA CYS A 46 16.16 7.06 -31.03
C CYS A 46 16.28 7.74 -29.67
N ARG A 47 15.22 8.44 -29.23
CA ARG A 47 15.27 9.04 -27.88
C ARG A 47 15.54 7.98 -26.83
N SER A 48 15.09 6.73 -26.97
CA SER A 48 15.36 5.68 -25.96
C SER A 48 16.86 5.46 -25.79
N ASP A 49 17.67 5.65 -26.85
CA ASP A 49 19.12 5.48 -26.71
C ASP A 49 19.63 6.58 -25.78
N ASP A 50 19.09 7.78 -25.92
CA ASP A 50 19.43 8.96 -25.09
C ASP A 50 18.97 8.72 -23.65
N HIS A 51 17.79 8.11 -23.45
CA HIS A 51 17.35 7.74 -22.09
C HIS A 51 18.41 6.83 -21.41
N VAL A 52 19.19 6.03 -22.14
CA VAL A 52 20.21 5.16 -21.50
C VAL A 52 21.31 6.08 -20.96
N VAL A 53 21.72 7.06 -21.76
CA VAL A 53 22.77 8.05 -21.38
C VAL A 53 22.29 8.83 -20.16
N SER A 54 21.02 9.24 -20.12
CA SER A 54 20.54 10.15 -19.06
C SER A 54 20.22 9.35 -17.79
N GLY A 55 20.14 8.02 -17.87
CA GLY A 55 19.75 7.12 -16.77
C GLY A 55 18.24 7.06 -16.58
N THR A 56 17.47 7.67 -17.47
CA THR A 56 15.97 7.61 -17.50
C THR A 56 15.55 6.17 -17.77
N LEU A 57 16.26 5.50 -18.67
CA LEU A 57 16.04 4.08 -18.96
C LEU A 57 17.25 3.29 -18.46
N VAL A 58 17.01 2.47 -17.47
CA VAL A 58 18.10 1.73 -16.79
C VAL A 58 18.39 0.43 -17.52
N THR A 59 19.66 0.23 -17.84
CA THR A 59 20.18 -1.05 -18.39
C THR A 59 21.62 -1.15 -17.89
N PRO A 60 22.16 -2.36 -17.64
CA PRO A 60 23.55 -2.47 -17.17
C PRO A 60 24.57 -1.79 -18.09
N LEU A 61 25.48 -1.04 -17.45
CA LEU A 61 26.65 -0.42 -18.10
C LEU A 61 27.90 -1.16 -17.65
N PRO A 62 29.02 -1.10 -18.40
CA PRO A 62 29.08 -0.38 -19.67
C PRO A 62 28.26 -1.14 -20.73
N VAL A 63 27.85 -0.46 -21.79
CA VAL A 63 26.95 -1.03 -22.82
C VAL A 63 27.32 -0.51 -24.22
N ILE A 64 27.03 -1.34 -25.20
CA ILE A 64 26.83 -0.92 -26.60
C ILE A 64 25.34 -0.76 -26.79
N ALA A 65 24.90 0.49 -26.84
CA ALA A 65 23.48 0.82 -27.08
C ALA A 65 23.17 0.80 -28.60
N GLY A 66 22.02 1.37 -28.96
CA GLY A 66 21.48 1.31 -30.32
C GLY A 66 20.60 0.09 -30.49
N HIS A 67 19.44 0.28 -31.12
CA HIS A 67 18.44 -0.80 -31.28
C HIS A 67 17.66 -0.64 -32.58
N GLU A 68 17.83 0.47 -33.29
CA GLU A 68 17.04 0.86 -34.49
C GLU A 68 18.04 0.76 -35.65
N ALA A 69 18.11 -0.35 -36.35
CA ALA A 69 19.22 -0.53 -37.30
C ALA A 69 18.86 -1.51 -38.40
N ALA A 70 19.76 -1.57 -39.38
CA ALA A 70 19.68 -2.56 -40.46
C ALA A 70 21.09 -2.93 -40.87
N GLY A 71 21.27 -4.16 -41.30
CA GLY A 71 22.59 -4.63 -41.75
C GLY A 71 22.48 -5.91 -42.55
N ILE A 72 23.63 -6.54 -42.69
CA ILE A 72 23.87 -7.70 -43.57
C ILE A 72 24.51 -8.76 -42.70
N VAL A 73 23.96 -9.95 -42.79
CA VAL A 73 24.43 -11.11 -41.99
C VAL A 73 25.86 -11.43 -42.44
N GLU A 74 26.78 -11.43 -41.51
CA GLU A 74 28.21 -11.78 -41.76
C GLU A 74 28.35 -13.28 -41.62
N SER A 75 27.72 -13.85 -40.61
CA SER A 75 27.79 -15.29 -40.31
C SER A 75 26.70 -15.72 -39.34
N ILE A 76 26.43 -17.02 -39.34
CA ILE A 76 25.39 -17.63 -38.49
C ILE A 76 26.03 -18.72 -37.66
N GLY A 77 25.50 -18.90 -36.46
CA GLY A 77 25.80 -20.04 -35.60
C GLY A 77 25.09 -21.30 -36.07
N GLU A 78 25.48 -22.43 -35.45
CA GLU A 78 24.91 -23.77 -35.71
C GLU A 78 23.41 -23.68 -35.46
N GLY A 79 22.61 -24.24 -36.34
CA GLY A 79 21.15 -24.42 -36.08
C GLY A 79 20.32 -23.23 -36.53
N VAL A 80 20.93 -22.10 -36.90
CA VAL A 80 20.19 -20.95 -37.45
C VAL A 80 19.51 -21.40 -38.73
N THR A 81 18.20 -21.18 -38.84
CA THR A 81 17.44 -21.54 -40.05
C THR A 81 16.79 -20.34 -40.75
N THR A 82 16.58 -19.20 -40.10
CA THR A 82 15.70 -18.14 -40.61
C THR A 82 16.50 -17.05 -41.32
N VAL A 83 17.84 -17.06 -41.24
CA VAL A 83 18.67 -16.12 -42.04
C VAL A 83 19.91 -16.86 -42.55
N ARG A 84 20.50 -16.32 -43.60
CA ARG A 84 21.80 -16.81 -44.14
C ARG A 84 22.77 -15.66 -44.33
N PRO A 85 24.09 -15.98 -44.36
CA PRO A 85 25.11 -14.99 -44.65
C PRO A 85 24.70 -14.22 -45.91
N GLY A 86 24.89 -12.90 -45.89
CA GLY A 86 24.56 -11.97 -46.98
C GLY A 86 23.11 -11.49 -46.98
N ASP A 87 22.24 -12.07 -46.16
CA ASP A 87 20.85 -11.61 -46.02
C ASP A 87 20.84 -10.20 -45.43
N LYS A 88 19.95 -9.35 -45.92
CA LYS A 88 19.64 -8.10 -45.23
C LYS A 88 18.73 -8.40 -44.05
N VAL A 89 18.97 -7.73 -42.93
CA VAL A 89 18.26 -8.03 -41.65
C VAL A 89 18.03 -6.73 -40.89
N ILE A 90 17.00 -6.74 -40.09
CA ILE A 90 16.73 -5.74 -39.05
C ILE A 90 16.72 -6.48 -37.72
N PRO A 91 17.61 -6.05 -36.79
CA PRO A 91 17.54 -6.54 -35.42
C PRO A 91 16.23 -6.11 -34.76
N LEU A 92 15.70 -6.97 -33.90
CA LEU A 92 14.39 -6.86 -33.23
C LEU A 92 14.64 -6.62 -31.74
N PHE A 93 14.44 -5.40 -31.24
CA PHE A 93 14.62 -5.11 -29.79
C PHE A 93 13.55 -5.79 -28.94
N THR A 94 12.43 -6.14 -29.56
CA THR A 94 11.40 -6.99 -28.99
C THR A 94 11.49 -8.28 -29.76
N PRO A 95 11.89 -9.38 -29.09
CA PRO A 95 12.05 -10.65 -29.79
C PRO A 95 10.68 -11.26 -30.11
N GLN A 96 10.71 -12.27 -30.96
CA GLN A 96 9.54 -13.15 -31.21
C GLN A 96 10.01 -14.59 -31.18
N CYS A 97 9.92 -15.22 -30.00
CA CYS A 97 10.45 -16.59 -29.85
C CYS A 97 9.49 -17.56 -30.54
N GLY A 98 8.21 -17.15 -30.63
CA GLY A 98 7.18 -17.99 -31.27
C GLY A 98 6.68 -19.07 -30.32
N LYS A 99 7.20 -19.21 -29.12
CA LYS A 99 6.95 -20.40 -28.28
C LYS A 99 6.14 -20.02 -27.03
N CYS A 100 6.27 -18.80 -26.55
CA CYS A 100 5.75 -18.39 -25.24
C CYS A 100 4.23 -18.04 -25.35
N ARG A 101 3.61 -17.92 -24.20
CA ARG A 101 2.16 -17.65 -24.11
C ARG A 101 1.81 -16.31 -24.80
N VAL A 102 2.70 -15.33 -24.75
CA VAL A 102 2.45 -14.04 -25.46
C VAL A 102 2.59 -14.25 -26.96
N CYS A 103 3.69 -14.83 -27.44
CA CYS A 103 3.92 -15.04 -28.88
C CYS A 103 2.73 -15.82 -29.46
N LYS A 104 2.13 -16.73 -28.69
CA LYS A 104 1.00 -17.54 -29.17
C LYS A 104 -0.32 -16.76 -29.06
N HIS A 105 -0.39 -15.67 -28.30
CA HIS A 105 -1.65 -14.90 -28.14
C HIS A 105 -1.91 -14.02 -29.38
N PRO A 106 -3.13 -13.89 -29.89
CA PRO A 106 -3.36 -13.10 -31.11
C PRO A 106 -3.03 -11.60 -31.02
N GLU A 107 -3.10 -11.03 -29.82
CA GLU A 107 -2.90 -9.56 -29.64
CA GLU A 107 -2.90 -9.57 -29.60
C GLU A 107 -1.45 -9.32 -29.18
C GLU A 107 -1.62 -9.23 -28.83
N GLY A 108 -0.93 -10.17 -28.29
N GLY A 108 -0.87 -10.21 -28.34
CA GLY A 108 0.36 -9.95 -27.57
C GLY A 108 1.55 -9.82 -28.49
N ASN A 109 2.50 -8.95 -28.15
CA ASN A 109 3.78 -8.84 -28.91
C ASN A 109 4.98 -8.82 -27.95
N PHE A 110 4.76 -8.68 -26.64
CA PHE A 110 5.85 -8.49 -25.66
C PHE A 110 6.32 -9.86 -25.20
N CYS A 111 7.04 -10.48 -26.13
CA CYS A 111 7.63 -11.84 -25.98
C CYS A 111 8.28 -11.95 -24.60
N LEU A 112 8.10 -13.05 -23.89
CA LEU A 112 8.67 -13.21 -22.53
C LEU A 112 10.19 -13.34 -22.57
N LYS A 113 10.80 -13.48 -23.76
CA LYS A 113 12.28 -13.54 -23.86
C LYS A 113 12.87 -12.14 -23.94
N ASN A 114 12.06 -11.09 -23.85
CA ASN A 114 12.50 -9.67 -23.95
C ASN A 114 13.53 -9.38 -22.86
N ASP A 115 14.39 -8.40 -23.12
CA ASP A 115 15.37 -7.89 -22.13
C ASP A 115 15.03 -6.46 -21.67
N LEU A 116 13.75 -6.12 -21.68
CA LEU A 116 13.24 -4.74 -21.40
C LEU A 116 12.72 -4.70 -19.98
N SER A 117 11.98 -5.72 -19.55
CA SER A 117 11.26 -5.74 -18.26
C SER A 117 12.26 -5.68 -17.12
N MET A 118 13.25 -6.56 -17.17
CA MET A 118 14.25 -6.79 -16.10
C MET A 118 15.60 -6.90 -16.79
N PRO A 119 16.14 -5.78 -17.33
CA PRO A 119 17.29 -5.84 -18.22
C PRO A 119 18.54 -6.48 -17.60
N ARG A 120 19.11 -7.41 -18.35
CA ARG A 120 20.37 -8.11 -17.99
C ARG A 120 21.52 -7.62 -18.91
N GLY A 121 21.19 -7.14 -20.11
CA GLY A 121 22.18 -6.73 -21.13
C GLY A 121 23.10 -7.86 -21.55
N THR A 122 22.54 -9.02 -21.85
CA THR A 122 23.27 -10.20 -22.35
C THR A 122 22.57 -10.74 -23.59
N MET A 123 23.20 -11.76 -24.18
CA MET A 123 22.58 -12.69 -25.13
C MET A 123 21.56 -13.50 -24.28
N GLN A 124 20.70 -14.25 -24.92
CA GLN A 124 19.75 -15.20 -24.25
C GLN A 124 20.49 -16.16 -23.31
N ASP A 125 21.71 -16.59 -23.63
CA ASP A 125 22.45 -17.54 -22.77
C ASP A 125 23.11 -16.86 -21.56
N GLY A 126 22.89 -15.57 -21.36
CA GLY A 126 23.36 -14.84 -20.16
C GLY A 126 24.80 -14.39 -20.23
N THR A 127 25.45 -14.51 -21.37
CA THR A 127 26.83 -14.03 -21.61
C THR A 127 26.84 -12.91 -22.65
N SER A 128 28.00 -12.26 -22.82
CA SER A 128 28.21 -11.16 -23.79
C SER A 128 29.14 -11.62 -24.92
N ARG A 129 28.96 -11.09 -26.10
CA ARG A 129 29.83 -11.36 -27.27
C ARG A 129 30.80 -10.21 -27.46
N PHE A 130 30.77 -9.24 -26.56
CA PHE A 130 31.63 -8.03 -26.68
C PHE A 130 32.68 -7.93 -25.58
N THR A 131 33.89 -7.66 -25.99
CA THR A 131 35.03 -7.31 -25.10
C THR A 131 35.57 -5.94 -25.52
N CYS A 132 35.91 -5.11 -24.54
CA CYS A 132 36.57 -3.80 -24.77
C CYS A 132 37.53 -3.53 -23.61
N ARG A 133 38.79 -3.17 -23.94
CA ARG A 133 39.84 -2.93 -22.94
C ARG A 133 39.92 -4.15 -22.04
N GLY A 134 39.62 -5.31 -22.60
CA GLY A 134 39.68 -6.59 -21.91
C GLY A 134 38.54 -6.77 -20.95
N LYS A 135 37.53 -5.90 -20.95
CA LYS A 135 36.36 -6.11 -20.06
C LYS A 135 35.18 -6.62 -20.88
N PRO A 136 34.27 -7.45 -20.33
CA PRO A 136 33.01 -7.71 -21.02
C PRO A 136 32.10 -6.46 -21.06
N ILE A 137 31.42 -6.25 -22.18
CA ILE A 137 30.52 -5.09 -22.39
C ILE A 137 29.11 -5.64 -22.54
N HIS A 138 28.12 -4.96 -21.95
CA HIS A 138 26.72 -5.41 -22.03
C HIS A 138 26.18 -5.14 -23.41
N HIS A 139 25.24 -6.02 -23.79
CA HIS A 139 24.31 -5.82 -24.92
C HIS A 139 23.18 -4.89 -24.46
N PHE A 140 22.38 -4.39 -25.39
CA PHE A 140 21.23 -3.50 -25.14
C PHE A 140 20.03 -4.09 -25.88
N LEU A 141 19.02 -4.60 -25.15
CA LEU A 141 17.76 -5.12 -25.75
C LEU A 141 18.03 -6.21 -26.79
N GLY A 142 19.07 -7.03 -26.58
CA GLY A 142 19.47 -8.07 -27.54
C GLY A 142 19.74 -7.52 -28.93
N THR A 143 20.15 -6.27 -29.04
CA THR A 143 20.46 -5.67 -30.36
C THR A 143 21.87 -5.10 -30.37
N SER A 144 22.15 -3.98 -29.70
CA SER A 144 23.50 -3.36 -29.68
C SER A 144 23.92 -3.01 -31.09
N THR A 145 23.35 -1.96 -31.65
CA THR A 145 23.57 -1.59 -33.05
C THR A 145 24.61 -0.46 -33.22
N PHE A 146 25.11 0.17 -32.15
CA PHE A 146 26.15 1.24 -32.23
C PHE A 146 27.54 0.60 -32.35
N SER A 147 27.68 -0.34 -33.29
CA SER A 147 28.92 -1.12 -33.46
C SER A 147 29.00 -1.54 -34.92
N GLN A 148 30.19 -1.62 -35.47
CA GLN A 148 30.30 -2.00 -36.91
C GLN A 148 29.80 -3.44 -37.04
N TYR A 149 29.92 -4.22 -35.99
CA TYR A 149 29.40 -5.62 -35.99
C TYR A 149 28.68 -5.92 -34.66
N THR A 150 27.60 -6.69 -34.70
CA THR A 150 26.92 -7.11 -33.46
C THR A 150 26.55 -8.57 -33.59
N VAL A 151 26.22 -9.18 -32.48
CA VAL A 151 25.72 -10.58 -32.46
C VAL A 151 24.38 -10.54 -31.76
N VAL A 152 23.39 -11.16 -32.39
CA VAL A 152 22.01 -11.18 -31.86
C VAL A 152 21.54 -12.64 -31.84
N ASP A 153 20.66 -12.94 -30.91
CA ASP A 153 19.94 -14.24 -30.93
C ASP A 153 19.05 -14.29 -32.18
N GLU A 154 18.80 -15.50 -32.70
CA GLU A 154 17.95 -15.69 -33.90
C GLU A 154 16.54 -15.11 -33.69
N ILE A 155 15.99 -15.21 -32.49
CA ILE A 155 14.62 -14.68 -32.21
C ILE A 155 14.63 -13.15 -32.23
N SER A 156 15.80 -12.51 -32.26
CA SER A 156 15.94 -11.02 -32.28
C SER A 156 16.42 -10.54 -33.65
N VAL A 157 16.13 -11.27 -34.72
CA VAL A 157 16.46 -10.75 -36.08
C VAL A 157 15.44 -11.23 -37.10
N ALA A 158 15.14 -10.36 -38.06
CA ALA A 158 14.22 -10.65 -39.19
C ALA A 158 14.95 -10.43 -40.51
N LYS A 159 14.82 -11.39 -41.41
CA LYS A 159 15.30 -11.29 -42.80
C LYS A 159 14.34 -10.37 -43.53
N ILE A 160 14.86 -9.41 -44.25
CA ILE A 160 14.05 -8.46 -45.05
C ILE A 160 14.41 -8.60 -46.54
N ASP A 161 13.64 -7.88 -47.37
CA ASP A 161 13.83 -7.84 -48.83
C ASP A 161 15.31 -7.60 -49.18
N ALA A 162 15.81 -8.39 -50.13
CA ALA A 162 17.22 -8.31 -50.57
C ALA A 162 17.48 -6.97 -51.23
N ALA A 163 16.46 -6.29 -51.77
CA ALA A 163 16.66 -4.98 -52.44
C ALA A 163 16.34 -3.80 -51.52
N SER A 164 16.03 -3.99 -50.23
CA SER A 164 15.60 -2.82 -49.42
C SER A 164 16.77 -1.85 -49.24
N PRO A 165 16.49 -0.53 -49.21
CA PRO A 165 17.50 0.48 -48.91
C PRO A 165 17.71 0.60 -47.38
N LEU A 166 18.82 0.06 -46.91
CA LEU A 166 19.01 -0.18 -45.45
C LEU A 166 19.10 1.17 -44.72
N GLU A 167 19.57 2.22 -45.41
CA GLU A 167 19.76 3.58 -44.83
C GLU A 167 18.40 4.22 -44.54
N LYS A 168 17.30 3.66 -45.02
CA LYS A 168 15.94 4.11 -44.67
C LYS A 168 15.22 3.10 -43.79
N VAL A 169 15.24 1.83 -44.18
CA VAL A 169 14.40 0.81 -43.48
C VAL A 169 14.93 0.53 -42.06
N CYS A 170 16.12 0.96 -41.65
CA CYS A 170 16.49 0.88 -40.23
C CYS A 170 15.39 1.48 -39.34
N LEU A 171 14.64 2.47 -39.80
CA LEU A 171 13.57 3.09 -38.97
C LEU A 171 12.44 2.12 -38.66
N ILE A 172 12.21 1.10 -39.49
CA ILE A 172 11.21 0.05 -39.22
C ILE A 172 11.68 -0.74 -38.01
N GLY A 173 12.95 -0.62 -37.59
CA GLY A 173 13.48 -1.33 -36.43
C GLY A 173 13.01 -0.69 -35.14
N CYS A 174 12.53 0.56 -35.15
CA CYS A 174 11.92 1.11 -33.95
C CYS A 174 10.90 2.20 -34.26
N GLY A 175 11.37 3.40 -34.58
CA GLY A 175 10.57 4.61 -34.39
C GLY A 175 9.33 4.58 -35.29
N PHE A 176 9.51 4.22 -36.56
CA PHE A 176 8.36 4.21 -37.50
C PHE A 176 7.30 3.18 -37.09
N SER A 177 7.72 1.95 -36.82
CA SER A 177 6.84 0.79 -36.57
C SER A 177 6.10 1.05 -35.27
N THR A 178 6.83 1.58 -34.30
CA THR A 178 6.25 1.91 -32.96
C THR A 178 5.14 2.95 -33.16
N GLY A 179 5.43 4.06 -33.84
CA GLY A 179 4.38 5.10 -33.93
C GLY A 179 3.19 4.59 -34.74
N TYR A 180 3.52 4.09 -35.92
CA TYR A 180 2.49 3.65 -36.89
C TYR A 180 1.57 2.59 -36.28
N GLY A 181 2.16 1.58 -35.67
CA GLY A 181 1.44 0.50 -34.98
C GLY A 181 0.61 1.05 -33.82
N SER A 182 1.15 2.01 -33.06
CA SER A 182 0.43 2.56 -31.88
C SER A 182 -0.92 3.05 -32.40
N ALA A 183 -0.95 3.67 -33.59
CA ALA A 183 -2.22 4.19 -34.19
C ALA A 183 -3.06 3.06 -34.78
N VAL A 184 -2.49 2.21 -35.68
CA VAL A 184 -3.31 1.32 -36.51
C VAL A 184 -3.63 0.03 -35.79
N LYS A 185 -2.78 -0.43 -34.88
CA LYS A 185 -2.94 -1.74 -34.23
C LYS A 185 -3.44 -1.59 -32.80
N VAL A 186 -2.80 -0.70 -32.03
CA VAL A 186 -3.02 -0.62 -30.56
C VAL A 186 -4.28 0.22 -30.31
N ALA A 187 -4.31 1.46 -30.78
CA ALA A 187 -5.49 2.33 -30.66
C ALA A 187 -6.62 1.82 -31.54
N LYS A 188 -6.27 1.32 -32.75
CA LYS A 188 -7.24 0.93 -33.82
C LYS A 188 -8.05 2.16 -34.19
N VAL A 189 -7.32 3.20 -34.59
CA VAL A 189 -7.90 4.52 -34.92
C VAL A 189 -8.95 4.30 -36.02
N THR A 190 -10.11 4.93 -35.89
CA THR A 190 -11.24 4.77 -36.85
C THR A 190 -11.34 5.94 -37.84
N GLN A 191 -11.95 5.61 -39.01
CA GLN A 191 -12.24 6.58 -40.10
C GLN A 191 -13.16 7.69 -39.54
N GLY A 192 -12.75 8.93 -39.77
CA GLY A 192 -13.56 10.10 -39.38
C GLY A 192 -13.33 10.50 -37.94
N SER A 193 -12.36 9.90 -37.23
CA SER A 193 -12.10 10.22 -35.81
C SER A 193 -11.27 11.49 -35.65
N THR A 194 -11.14 11.95 -34.41
CA THR A 194 -10.24 13.05 -33.97
C THR A 194 -9.17 12.47 -33.03
N CYS A 195 -7.92 12.71 -33.39
CA CYS A 195 -6.74 12.19 -32.69
C CYS A 195 -5.96 13.39 -32.10
N ALA A 196 -5.33 13.19 -30.95
CA ALA A 196 -4.34 14.14 -30.38
C ALA A 196 -3.02 13.40 -30.18
N VAL A 197 -1.92 13.95 -30.68
CA VAL A 197 -0.58 13.33 -30.61
C VAL A 197 0.35 14.26 -29.83
N PHE A 198 0.74 13.82 -28.65
CA PHE A 198 1.65 14.59 -27.78
C PHE A 198 3.08 14.15 -28.09
N GLY A 199 3.86 15.07 -28.62
CA GLY A 199 5.27 14.83 -29.01
C GLY A 199 5.40 14.58 -30.51
N LEU A 200 6.16 15.39 -31.20
CA LEU A 200 6.23 15.32 -32.69
C LEU A 200 7.67 15.08 -33.11
N GLY A 201 8.34 14.22 -32.35
CA GLY A 201 9.59 13.57 -32.79
C GLY A 201 9.32 12.45 -33.77
N GLY A 202 10.33 11.60 -34.06
CA GLY A 202 10.15 10.56 -35.07
C GLY A 202 8.99 9.63 -34.77
N VAL A 203 8.82 9.30 -33.51
CA VAL A 203 7.74 8.37 -33.14
C VAL A 203 6.39 9.08 -33.26
N GLY A 204 6.27 10.32 -32.80
CA GLY A 204 4.98 11.05 -32.91
C GLY A 204 4.59 11.28 -34.37
N LEU A 205 5.58 11.57 -35.24
CA LEU A 205 5.27 11.78 -36.69
C LEU A 205 4.78 10.46 -37.26
N SER A 206 5.36 9.36 -36.80
CA SER A 206 4.93 8.00 -37.22
C SER A 206 3.48 7.71 -36.75
N VAL A 207 3.13 8.09 -35.52
CA VAL A 207 1.75 8.00 -35.00
C VAL A 207 0.80 8.80 -35.92
N ILE A 208 1.20 10.01 -36.29
CA ILE A 208 0.37 10.81 -37.24
C ILE A 208 0.18 10.05 -38.56
N MET A 209 1.24 9.51 -39.15
CA MET A 209 1.10 8.74 -40.40
C MET A 209 0.07 7.62 -40.22
N GLY A 210 0.11 6.90 -39.09
CA GLY A 210 -0.85 5.81 -38.84
C GLY A 210 -2.27 6.39 -38.73
N CYS A 211 -2.42 7.52 -38.06
CA CYS A 211 -3.74 8.21 -37.85
C CYS A 211 -4.30 8.62 -39.23
N LYS A 212 -3.45 9.20 -40.09
CA LYS A 212 -3.85 9.54 -41.49
C LYS A 212 -4.18 8.25 -42.28
N ALA A 213 -3.41 7.19 -42.16
CA ALA A 213 -3.66 5.93 -42.92
C ALA A 213 -4.96 5.31 -42.45
N ALA A 214 -5.32 5.50 -41.19
CA ALA A 214 -6.58 4.96 -40.60
C ALA A 214 -7.77 5.83 -41.02
N GLY A 215 -7.54 7.00 -41.61
CA GLY A 215 -8.62 7.84 -42.11
C GLY A 215 -9.16 8.80 -41.05
N ALA A 216 -8.39 9.09 -40.00
CA ALA A 216 -8.76 10.11 -39.01
C ALA A 216 -9.20 11.39 -39.77
N ALA A 217 -10.28 12.05 -39.36
CA ALA A 217 -10.69 13.38 -39.87
C ALA A 217 -9.75 14.50 -39.41
N ARG A 218 -9.37 14.48 -38.14
CA ARG A 218 -8.59 15.55 -37.48
C ARG A 218 -7.49 14.88 -36.68
N ILE A 219 -6.31 15.46 -36.76
CA ILE A 219 -5.08 14.98 -36.08
C ILE A 219 -4.39 16.20 -35.54
N ILE A 220 -4.47 16.39 -34.21
CA ILE A 220 -3.95 17.59 -33.52
C ILE A 220 -2.61 17.22 -32.93
N GLY A 221 -1.55 17.76 -33.50
CA GLY A 221 -0.18 17.58 -33.00
C GLY A 221 0.06 18.53 -31.85
N VAL A 222 0.70 18.07 -30.77
CA VAL A 222 0.97 18.89 -29.56
C VAL A 222 2.45 18.79 -29.24
N ASP A 223 3.11 19.93 -29.08
CA ASP A 223 4.56 19.94 -28.82
C ASP A 223 4.88 21.32 -28.30
N ILE A 224 5.80 21.40 -27.35
CA ILE A 224 6.28 22.69 -26.80
C ILE A 224 7.33 23.32 -27.72
N ASN A 225 7.82 22.61 -28.73
CA ASN A 225 8.77 23.14 -29.74
C ASN A 225 7.98 23.36 -31.02
N LYS A 226 7.58 24.60 -31.30
CA LYS A 226 6.78 24.95 -32.51
C LYS A 226 7.58 24.69 -33.80
N ASP A 227 8.89 24.48 -33.73
CA ASP A 227 9.70 24.11 -34.93
C ASP A 227 9.32 22.72 -35.46
N LYS A 228 8.62 21.92 -34.65
CA LYS A 228 8.17 20.54 -35.01
C LYS A 228 6.89 20.57 -35.88
N PHE A 229 6.15 21.69 -35.87
CA PHE A 229 4.79 21.79 -36.48
C PHE A 229 4.79 21.55 -38.00
N ALA A 230 5.75 22.15 -38.69
CA ALA A 230 5.75 22.11 -40.17
C ALA A 230 5.76 20.65 -40.64
N LYS A 231 6.67 19.83 -40.10
CA LYS A 231 6.84 18.44 -40.57
C LYS A 231 5.59 17.64 -40.17
N ALA A 232 5.06 17.91 -38.97
CA ALA A 232 3.82 17.27 -38.48
C ALA A 232 2.67 17.55 -39.47
N LYS A 233 2.52 18.79 -39.89
CA LYS A 233 1.50 19.15 -40.89
C LYS A 233 1.78 18.41 -42.20
N GLU A 234 3.04 18.28 -42.66
CA GLU A 234 3.36 17.58 -43.95
C GLU A 234 2.92 16.11 -43.88
N VAL A 235 3.04 15.44 -42.74
CA VAL A 235 2.73 13.99 -42.69
C VAL A 235 1.29 13.73 -42.22
N GLY A 236 0.45 14.75 -42.02
CA GLY A 236 -1.00 14.55 -41.84
C GLY A 236 -1.64 15.30 -40.67
N ALA A 237 -0.89 16.06 -39.87
CA ALA A 237 -1.53 16.81 -38.77
C ALA A 237 -2.41 17.90 -39.39
N THR A 238 -3.66 18.00 -38.94
CA THR A 238 -4.62 19.04 -39.41
C THR A 238 -4.42 20.34 -38.62
N GLU A 239 -3.97 20.26 -37.36
CA GLU A 239 -3.73 21.41 -36.46
C GLU A 239 -2.55 21.06 -35.57
N CYS A 240 -1.84 22.07 -35.09
CA CYS A 240 -0.75 21.93 -34.09
C CYS A 240 -0.93 23.02 -33.01
N VAL A 241 -0.80 22.60 -31.76
CA VAL A 241 -0.98 23.46 -30.56
C VAL A 241 0.29 23.32 -29.74
N ASN A 242 0.79 24.47 -29.30
CA ASN A 242 1.87 24.51 -28.31
C ASN A 242 1.24 24.85 -26.96
N PRO A 243 1.31 23.96 -25.94
CA PRO A 243 0.79 24.27 -24.62
C PRO A 243 1.26 25.62 -24.04
N GLN A 244 2.45 26.09 -24.39
CA GLN A 244 3.06 27.31 -23.81
C GLN A 244 2.31 28.57 -24.26
N ASP A 245 1.58 28.51 -25.37
CA ASP A 245 0.77 29.62 -25.94
C ASP A 245 -0.58 29.81 -25.24
N TYR A 246 -1.00 28.90 -24.33
CA TYR A 246 -2.33 28.95 -23.68
C TYR A 246 -2.23 29.23 -22.19
N LYS A 247 -3.20 29.96 -21.64
CA LYS A 247 -3.30 30.14 -20.18
C LYS A 247 -3.88 28.87 -19.56
N LYS A 248 -4.81 28.20 -20.23
CA LYS A 248 -5.52 27.02 -19.70
C LYS A 248 -4.65 25.80 -19.91
N PRO A 249 -4.77 24.75 -19.05
CA PRO A 249 -4.03 23.51 -19.26
C PRO A 249 -4.48 22.84 -20.57
N ILE A 250 -3.54 22.21 -21.25
CA ILE A 250 -3.76 21.83 -22.67
C ILE A 250 -4.86 20.76 -22.75
N GLN A 251 -5.09 19.95 -21.71
CA GLN A 251 -6.21 18.97 -21.78
C GLN A 251 -7.53 19.73 -21.91
N GLU A 252 -7.62 20.91 -21.33
CA GLU A 252 -8.81 21.78 -21.39
C GLU A 252 -8.99 22.38 -22.81
N VAL A 253 -7.90 22.88 -23.40
CA VAL A 253 -7.83 23.36 -24.82
C VAL A 253 -8.26 22.22 -25.77
N LEU A 254 -7.64 21.05 -25.69
CA LEU A 254 -8.00 19.92 -26.61
C LEU A 254 -9.46 19.50 -26.44
N THR A 255 -9.93 19.43 -25.20
CA THR A 255 -11.34 19.07 -24.94
C THR A 255 -12.27 20.06 -25.64
N GLU A 256 -12.00 21.37 -25.52
CA GLU A 256 -12.76 22.45 -26.23
C GLU A 256 -12.68 22.24 -27.74
N MET A 257 -11.45 22.14 -28.29
CA MET A 257 -11.21 22.02 -29.75
C MET A 257 -11.97 20.82 -30.34
N SER A 258 -12.13 19.75 -29.56
CA SER A 258 -12.76 18.47 -29.97
C SER A 258 -14.23 18.39 -29.56
N ASN A 259 -14.80 19.48 -29.03
CA ASN A 259 -16.25 19.52 -28.72
C ASN A 259 -16.52 18.43 -27.70
N GLY A 260 -15.63 18.28 -26.73
CA GLY A 260 -15.88 17.40 -25.58
C GLY A 260 -14.86 16.28 -25.40
N GLY A 261 -13.76 16.31 -26.13
CA GLY A 261 -12.65 15.34 -25.99
C GLY A 261 -12.39 14.61 -27.28
N VAL A 262 -11.14 14.16 -27.47
CA VAL A 262 -10.73 13.44 -28.70
C VAL A 262 -11.15 11.97 -28.64
N ASP A 263 -11.19 11.33 -29.80
CA ASP A 263 -11.45 9.87 -29.87
C ASP A 263 -10.21 9.12 -29.39
N PHE A 264 -9.04 9.56 -29.81
CA PHE A 264 -7.78 8.83 -29.57
C PHE A 264 -6.72 9.85 -29.20
N SER A 265 -5.97 9.64 -28.12
CA SER A 265 -4.80 10.45 -27.74
C SER A 265 -3.60 9.52 -27.56
N PHE A 266 -2.42 10.05 -27.79
CA PHE A 266 -1.15 9.32 -27.77
C PHE A 266 -0.13 10.14 -26.95
N GLU A 267 0.50 9.55 -25.93
CA GLU A 267 1.63 10.19 -25.23
C GLU A 267 2.90 9.63 -25.87
N VAL A 268 3.63 10.51 -26.56
CA VAL A 268 4.81 10.10 -27.35
C VAL A 268 5.99 10.98 -26.93
N ILE A 269 6.13 11.18 -25.62
CA ILE A 269 7.20 12.01 -25.02
C ILE A 269 8.00 11.21 -24.00
N GLY A 270 7.34 10.74 -22.94
CA GLY A 270 7.92 10.00 -21.82
C GLY A 270 7.89 10.81 -20.55
N ARG A 271 6.84 11.55 -20.33
CA ARG A 271 6.69 12.30 -19.06
C ARG A 271 5.43 11.81 -18.33
N LEU A 272 5.52 11.72 -17.02
CA LEU A 272 4.38 11.32 -16.19
C LEU A 272 3.18 12.29 -16.38
N ASP A 273 3.44 13.57 -16.44
CA ASP A 273 2.41 14.63 -16.46
C ASP A 273 1.66 14.58 -17.80
N THR A 274 2.36 14.37 -18.91
CA THR A 274 1.74 14.35 -20.25
C THR A 274 0.97 13.01 -20.37
N MET A 275 1.39 11.94 -19.71
CA MET A 275 0.58 10.70 -19.76
C MET A 275 -0.81 10.95 -19.17
N VAL A 276 -0.86 11.63 -18.03
CA VAL A 276 -2.20 11.96 -17.40
C VAL A 276 -2.98 12.99 -18.24
N THR A 277 -2.31 13.98 -18.80
CA THR A 277 -2.93 15.05 -19.61
C THR A 277 -3.52 14.39 -20.86
N ALA A 278 -2.75 13.52 -21.51
CA ALA A 278 -3.24 12.85 -22.73
C ALA A 278 -4.45 11.99 -22.37
N LEU A 279 -4.44 11.28 -21.23
CA LEU A 279 -5.62 10.47 -20.86
C LEU A 279 -6.80 11.42 -20.69
N SER A 280 -6.60 12.57 -20.05
CA SER A 280 -7.70 13.47 -19.68
C SER A 280 -8.34 14.07 -20.94
N CYS A 281 -7.55 14.31 -22.00
CA CYS A 281 -8.04 15.03 -23.19
C CYS A 281 -8.86 14.09 -24.11
N CYS A 282 -8.85 12.78 -23.92
CA CYS A 282 -9.72 11.86 -24.70
C CYS A 282 -11.13 11.91 -24.06
N GLN A 283 -12.16 11.71 -24.88
CA GLN A 283 -13.59 11.89 -24.48
C GLN A 283 -13.87 10.95 -23.30
N GLU A 284 -14.53 11.42 -22.26
CA GLU A 284 -14.61 10.67 -20.99
C GLU A 284 -15.38 9.34 -21.09
N ALA A 285 -16.34 9.16 -22.02
CA ALA A 285 -17.22 8.00 -22.07
C ALA A 285 -16.63 6.94 -23.03
N TYR A 286 -15.86 7.36 -24.03
CA TYR A 286 -15.42 6.38 -25.07
C TYR A 286 -14.01 6.63 -25.60
N GLY A 287 -13.30 7.63 -25.08
CA GLY A 287 -11.95 7.92 -25.52
C GLY A 287 -11.01 6.79 -25.26
N VAL A 288 -9.94 6.74 -26.07
CA VAL A 288 -8.85 5.77 -25.88
C VAL A 288 -7.56 6.59 -25.86
N SER A 289 -6.69 6.34 -24.88
CA SER A 289 -5.36 7.01 -24.78
C SER A 289 -4.30 5.93 -24.77
N VAL A 290 -3.25 6.08 -25.60
CA VAL A 290 -2.15 5.10 -25.76
C VAL A 290 -0.86 5.77 -25.28
N ILE A 291 -0.24 5.16 -24.27
CA ILE A 291 1.12 5.55 -23.80
C ILE A 291 2.15 4.90 -24.71
N VAL A 292 2.98 5.74 -25.30
CA VAL A 292 4.10 5.29 -26.18
C VAL A 292 5.43 5.70 -25.56
N GLY A 293 5.50 6.90 -24.96
CA GLY A 293 6.69 7.48 -24.31
C GLY A 293 7.17 6.60 -23.19
N VAL A 294 8.48 6.53 -23.04
CA VAL A 294 9.13 5.69 -21.99
C VAL A 294 9.33 6.57 -20.79
N PRO A 295 8.67 6.19 -19.66
CA PRO A 295 8.70 7.02 -18.47
C PRO A 295 10.02 6.87 -17.75
N PRO A 296 10.35 7.81 -16.85
CA PRO A 296 11.60 7.73 -16.11
C PRO A 296 11.61 6.54 -15.12
N ASP A 297 12.73 5.83 -15.05
CA ASP A 297 12.84 4.59 -14.25
C ASP A 297 12.22 4.73 -12.85
N SER A 298 11.40 3.75 -12.49
CA SER A 298 10.89 3.49 -11.12
C SER A 298 9.97 4.60 -10.61
N GLN A 299 9.50 5.49 -11.46
CA GLN A 299 8.69 6.63 -10.96
C GLN A 299 7.21 6.31 -11.23
N ASN A 300 6.37 6.57 -10.25
CA ASN A 300 4.90 6.46 -10.34
C ASN A 300 4.23 7.80 -10.70
N LEU A 301 3.22 7.73 -11.52
CA LEU A 301 2.29 8.85 -11.74
C LEU A 301 1.08 8.72 -10.78
N SER A 302 0.41 9.82 -10.64
CA SER A 302 -0.73 9.96 -9.74
C SER A 302 -1.89 10.37 -10.62
N MET A 303 -3.03 9.69 -10.51
CA MET A 303 -4.19 10.03 -11.34
C MET A 303 -5.49 9.70 -10.62
N ASN A 304 -6.54 10.36 -11.01
CA ASN A 304 -7.89 10.14 -10.48
C ASN A 304 -8.62 9.07 -11.28
N PRO A 305 -8.91 7.92 -10.65
CA PRO A 305 -9.53 6.79 -11.36
C PRO A 305 -10.93 7.12 -11.90
N MET A 306 -11.55 8.25 -11.53
CA MET A 306 -12.82 8.67 -12.16
C MET A 306 -12.58 8.96 -13.65
N LEU A 307 -11.36 9.25 -14.05
CA LEU A 307 -11.03 9.40 -15.51
C LEU A 307 -11.36 8.10 -16.24
N LEU A 308 -11.13 6.93 -15.59
CA LEU A 308 -11.41 5.61 -16.21
C LEU A 308 -12.85 5.19 -15.96
N LEU A 309 -13.38 5.42 -14.78
CA LEU A 309 -14.74 4.95 -14.46
C LEU A 309 -15.78 5.50 -15.46
N SER A 310 -15.65 6.73 -15.93
CA SER A 310 -16.57 7.32 -16.94
C SER A 310 -16.60 6.48 -18.23
N GLY A 311 -15.54 5.70 -18.54
CA GLY A 311 -15.56 4.85 -19.74
C GLY A 311 -14.27 4.93 -20.54
N ARG A 312 -13.31 5.81 -20.20
CA ARG A 312 -12.03 5.84 -20.95
C ARG A 312 -11.29 4.52 -20.92
N THR A 313 -10.49 4.29 -21.99
CA THR A 313 -9.58 3.17 -22.10
C THR A 313 -8.17 3.70 -22.09
N TRP A 314 -7.30 3.08 -21.28
CA TRP A 314 -5.91 3.54 -21.19
C TRP A 314 -5.08 2.35 -21.54
N LYS A 315 -4.14 2.51 -22.43
CA LYS A 315 -3.23 1.38 -22.67
C LYS A 315 -1.88 1.89 -23.12
N GLY A 316 -0.96 0.97 -23.20
CA GLY A 316 0.35 1.28 -23.78
C GLY A 316 0.81 0.14 -24.62
N ALA A 317 1.95 0.31 -25.25
CA ALA A 317 2.51 -0.76 -26.06
C ALA A 317 3.98 -0.50 -26.33
N ILE A 318 4.65 -1.60 -26.58
CA ILE A 318 6.04 -1.64 -27.08
C ILE A 318 5.99 -1.91 -28.58
N PHE A 319 6.76 -1.19 -29.39
CA PHE A 319 6.95 -1.49 -30.82
C PHE A 319 5.59 -1.51 -31.55
N GLY A 320 4.70 -0.60 -31.15
CA GLY A 320 3.42 -0.41 -31.86
C GLY A 320 2.54 -1.63 -31.80
N GLY A 321 2.75 -2.56 -30.85
CA GLY A 321 1.94 -3.78 -30.78
C GLY A 321 2.31 -4.83 -31.82
N PHE A 322 3.33 -4.61 -32.65
CA PHE A 322 3.69 -5.58 -33.71
C PHE A 322 4.41 -6.81 -33.15
N LYS A 323 3.97 -8.02 -33.54
CA LYS A 323 4.78 -9.24 -33.40
C LYS A 323 5.97 -9.00 -34.32
N SER A 324 7.14 -8.89 -33.73
CA SER A 324 8.28 -8.23 -34.38
C SER A 324 8.75 -9.02 -35.61
N LYS A 325 9.01 -10.31 -35.47
CA LYS A 325 9.61 -11.13 -36.56
C LYS A 325 8.60 -11.36 -37.69
N ASP A 326 7.30 -11.46 -37.37
CA ASP A 326 6.24 -11.57 -38.40
C ASP A 326 6.14 -10.22 -39.15
N SER A 327 6.22 -9.13 -38.40
CA SER A 327 5.76 -7.79 -38.88
C SER A 327 6.83 -7.11 -39.71
N VAL A 328 8.07 -7.14 -39.22
CA VAL A 328 9.13 -6.25 -39.77
C VAL A 328 9.31 -6.57 -41.27
N PRO A 329 9.39 -7.82 -41.75
CA PRO A 329 9.54 -8.03 -43.20
C PRO A 329 8.34 -7.52 -44.03
N LYS A 330 7.12 -7.65 -43.46
CA LYS A 330 5.89 -7.14 -44.11
C LYS A 330 5.98 -5.62 -44.17
N LEU A 331 6.44 -4.98 -43.10
CA LEU A 331 6.56 -3.50 -43.10
C LEU A 331 7.58 -3.08 -44.14
N VAL A 332 8.67 -3.82 -44.29
CA VAL A 332 9.65 -3.50 -45.36
C VAL A 332 8.99 -3.69 -46.73
N ALA A 333 8.25 -4.78 -46.95
CA ALA A 333 7.56 -5.04 -48.24
C ALA A 333 6.61 -3.85 -48.51
N ASP A 334 5.86 -3.41 -47.50
CA ASP A 334 4.89 -2.28 -47.66
C ASP A 334 5.66 -1.01 -48.02
N PHE A 335 6.80 -0.78 -47.40
CA PHE A 335 7.65 0.40 -47.67
C PHE A 335 8.10 0.35 -49.13
N MET A 336 8.58 -0.81 -49.58
CA MET A 336 9.10 -0.95 -50.97
CA MET A 336 9.12 -0.85 -50.96
C MET A 336 7.97 -0.65 -51.96
N ALA A 337 6.71 -0.92 -51.57
CA ALA A 337 5.51 -0.66 -52.39
C ALA A 337 4.95 0.75 -52.12
N LYS A 338 5.72 1.60 -51.42
CA LYS A 338 5.42 3.01 -51.05
C LYS A 338 4.03 3.11 -50.36
N LYS A 339 3.66 2.14 -49.51
CA LYS A 339 2.44 2.22 -48.65
C LYS A 339 2.60 3.27 -47.54
N PHE A 340 3.83 3.60 -47.15
CA PHE A 340 4.14 4.70 -46.19
C PHE A 340 5.50 5.26 -46.58
N ALA A 341 5.84 6.39 -45.98
CA ALA A 341 7.07 7.13 -46.28
C ALA A 341 7.96 7.15 -45.03
N LEU A 342 9.28 7.07 -45.22
CA LEU A 342 10.27 7.17 -44.12
C LEU A 342 11.09 8.45 -44.29
N ASP A 343 11.30 8.93 -45.52
CA ASP A 343 12.11 10.15 -45.74
C ASP A 343 11.69 11.33 -44.86
N PRO A 344 10.36 11.59 -44.63
CA PRO A 344 9.97 12.70 -43.77
C PRO A 344 10.59 12.67 -42.35
N LEU A 345 10.93 11.48 -41.83
CA LEU A 345 11.51 11.29 -40.48
C LEU A 345 13.02 11.55 -40.50
N ILE A 346 13.67 11.44 -41.68
CA ILE A 346 15.15 11.52 -41.73
C ILE A 346 15.54 12.97 -42.00
N THR A 347 16.11 13.66 -41.01
CA THR A 347 16.54 15.07 -41.12
C THR A 347 18.06 15.17 -41.27
N HIS A 348 18.81 14.15 -40.87
CA HIS A 348 20.29 14.22 -40.89
C HIS A 348 20.84 12.85 -41.19
N VAL A 349 21.95 12.76 -41.92
CA VAL A 349 22.69 11.49 -42.10
C VAL A 349 24.12 11.85 -41.76
N LEU A 350 24.74 11.06 -40.91
CA LEU A 350 26.15 11.25 -40.52
C LEU A 350 26.83 9.91 -40.54
N PRO A 351 28.17 9.91 -40.65
CA PRO A 351 28.95 8.72 -40.41
C PRO A 351 28.86 8.36 -38.92
N PHE A 352 28.88 7.06 -38.66
CA PHE A 352 28.94 6.42 -37.33
C PHE A 352 29.88 7.15 -36.38
N GLU A 353 31.07 7.52 -36.87
CA GLU A 353 32.14 8.12 -36.07
C GLU A 353 31.59 9.41 -35.43
N LYS A 354 30.58 10.04 -36.04
CA LYS A 354 30.01 11.34 -35.53
C LYS A 354 28.75 11.09 -34.68
N ILE A 355 28.69 9.96 -33.99
CA ILE A 355 27.54 9.59 -33.12
C ILE A 355 27.27 10.69 -32.10
N ASN A 356 28.28 11.27 -31.46
CA ASN A 356 28.06 12.29 -30.41
C ASN A 356 27.42 13.52 -31.05
N GLU A 357 27.83 13.93 -32.26
CA GLU A 357 27.11 15.05 -32.93
C GLU A 357 25.63 14.65 -33.13
N GLY A 358 25.39 13.40 -33.48
CA GLY A 358 24.06 12.77 -33.60
C GLY A 358 23.22 13.01 -32.37
N PHE A 359 23.77 12.65 -31.21
CA PHE A 359 23.03 12.84 -29.94
C PHE A 359 22.84 14.34 -29.68
N ASP A 360 23.83 15.17 -29.94
CA ASP A 360 23.69 16.63 -29.76
C ASP A 360 22.54 17.20 -30.61
N LEU A 361 22.35 16.75 -31.87
CA LEU A 361 21.26 17.18 -32.77
C LEU A 361 19.90 16.82 -32.16
N LEU A 362 19.82 15.63 -31.59
CA LEU A 362 18.56 15.19 -30.93
C LEU A 362 18.29 16.07 -29.71
N ARG A 363 19.29 16.24 -28.84
CA ARG A 363 19.14 16.94 -27.54
C ARG A 363 18.80 18.43 -27.74
N SER A 364 19.26 19.03 -28.83
CA SER A 364 19.06 20.46 -29.15
C SER A 364 17.67 20.73 -29.70
N GLY A 365 16.93 19.70 -30.11
CA GLY A 365 15.63 19.83 -30.75
C GLY A 365 15.69 19.93 -32.25
N GLU A 366 16.90 19.93 -32.81
CA GLU A 366 17.13 20.23 -34.26
C GLU A 366 16.65 19.06 -35.15
N SER A 367 16.92 17.80 -34.75
CA SER A 367 16.68 16.62 -35.62
C SER A 367 15.36 15.93 -35.31
N ILE A 368 14.89 15.10 -36.24
CA ILE A 368 13.89 14.04 -35.98
C ILE A 368 14.75 12.79 -35.87
N ARG A 369 15.06 12.15 -36.98
CA ARG A 369 16.01 11.02 -36.97
C ARG A 369 17.28 11.42 -37.71
N THR A 370 18.41 11.20 -37.03
CA THR A 370 19.74 11.09 -37.65
C THR A 370 20.04 9.62 -37.90
N ILE A 371 20.36 9.30 -39.16
CA ILE A 371 20.82 7.96 -39.55
C ILE A 371 22.35 7.99 -39.58
N LEU A 372 22.95 7.10 -38.80
CA LEU A 372 24.42 6.86 -38.84
C LEU A 372 24.75 5.77 -39.85
N THR A 373 25.72 6.01 -40.73
CA THR A 373 26.14 5.05 -41.75
C THR A 373 27.54 4.50 -41.39
N PHE A 374 27.76 3.25 -41.66
CA PHE A 374 29.00 2.59 -41.19
C PHE A 374 30.08 2.62 -42.27
N SER B 1 -55.85 9.65 -10.35
CA SER B 1 -56.64 10.60 -9.48
C SER B 1 -55.68 11.45 -8.63
N THR B 2 -54.41 11.02 -8.46
CA THR B 2 -53.35 11.84 -7.84
C THR B 2 -52.67 12.64 -8.93
N ALA B 3 -52.98 12.34 -10.18
CA ALA B 3 -52.41 13.04 -11.36
C ALA B 3 -52.66 14.54 -11.23
N GLY B 4 -51.61 15.34 -11.47
CA GLY B 4 -51.63 16.82 -11.43
C GLY B 4 -51.61 17.35 -9.99
N LYS B 5 -51.55 16.46 -8.99
CA LYS B 5 -51.60 16.88 -7.56
C LYS B 5 -50.29 16.54 -6.84
N VAL B 6 -50.00 17.33 -5.81
CA VAL B 6 -49.01 17.00 -4.76
C VAL B 6 -49.39 15.68 -4.07
N ILE B 7 -48.40 14.81 -3.93
CA ILE B 7 -48.53 13.57 -3.14
C ILE B 7 -47.74 13.78 -1.84
N LYS B 8 -48.38 13.50 -0.70
CA LYS B 8 -47.71 13.41 0.61
C LYS B 8 -47.46 11.94 0.83
N CYS B 9 -46.21 11.55 1.04
CA CYS B 9 -45.83 10.14 1.18
C CYS B 9 -44.63 10.06 2.09
N LYS B 10 -44.18 8.86 2.38
CA LYS B 10 -42.97 8.73 3.21
C LYS B 10 -41.77 8.56 2.28
N ALA B 11 -40.67 9.17 2.65
CA ALA B 11 -39.38 8.94 1.96
C ALA B 11 -38.29 8.81 3.01
N ALA B 12 -37.19 8.18 2.67
CA ALA B 12 -36.04 8.06 3.59
C ALA B 12 -35.10 9.18 3.25
N VAL B 13 -34.98 10.12 4.15
CA VAL B 13 -34.13 11.32 3.95
C VAL B 13 -32.79 11.13 4.66
N LEU B 14 -31.71 11.44 3.96
CA LEU B 14 -30.37 11.51 4.58
C LEU B 14 -30.06 12.99 4.79
N TRP B 15 -30.13 13.42 6.05
CA TRP B 15 -29.94 14.85 6.42
C TRP B 15 -28.46 15.19 6.52
N GLU B 16 -27.63 14.23 6.92
CA GLU B 16 -26.24 14.49 7.37
C GLU B 16 -25.41 13.26 7.04
N GLU B 17 -24.13 13.38 6.72
CA GLU B 17 -23.37 12.14 6.44
C GLU B 17 -23.27 11.32 7.75
N LYS B 18 -23.08 10.03 7.64
CA LYS B 18 -22.74 9.11 8.77
C LYS B 18 -23.89 9.08 9.78
N LYS B 19 -25.11 9.39 9.37
CA LYS B 19 -26.32 9.26 10.24
C LYS B 19 -27.25 8.21 9.63
N PRO B 20 -28.15 7.61 10.42
CA PRO B 20 -29.19 6.77 9.86
C PRO B 20 -30.07 7.58 8.91
N PHE B 21 -30.68 6.89 7.97
CA PHE B 21 -31.78 7.45 7.17
C PHE B 21 -32.94 7.75 8.13
N SER B 22 -33.67 8.82 7.79
CA SER B 22 -34.81 9.28 8.59
C SER B 22 -36.05 9.14 7.73
N ILE B 23 -37.00 8.31 8.17
CA ILE B 23 -38.31 8.19 7.48
C ILE B 23 -39.11 9.45 7.79
N GLU B 24 -39.40 10.25 6.76
CA GLU B 24 -40.04 11.58 6.83
C GLU B 24 -41.27 11.62 5.93
N GLU B 25 -42.23 12.46 6.32
CA GLU B 25 -43.33 12.86 5.45
C GLU B 25 -42.77 13.90 4.49
N VAL B 26 -42.82 13.56 3.21
CA VAL B 26 -42.41 14.51 2.15
C VAL B 26 -43.63 14.79 1.28
N GLU B 27 -43.57 15.94 0.61
CA GLU B 27 -44.46 16.27 -0.52
C GLU B 27 -43.68 16.05 -1.81
N VAL B 28 -44.29 15.31 -2.73
CA VAL B 28 -43.75 15.09 -4.09
C VAL B 28 -44.63 15.87 -5.07
N ALA B 29 -44.06 16.90 -5.69
CA ALA B 29 -44.71 17.70 -6.74
C ALA B 29 -45.13 16.79 -7.88
N PRO B 30 -46.15 17.22 -8.62
CA PRO B 30 -46.49 16.55 -9.87
C PRO B 30 -45.41 16.78 -10.93
N PRO B 31 -45.32 15.87 -11.91
CA PRO B 31 -44.28 15.96 -12.94
C PRO B 31 -44.57 17.12 -13.89
N LYS B 32 -43.53 17.90 -14.18
CA LYS B 32 -43.58 18.99 -15.17
C LYS B 32 -43.30 18.39 -16.56
N ALA B 33 -43.15 19.23 -17.57
CA ALA B 33 -43.01 18.72 -18.94
C ALA B 33 -41.84 17.73 -18.99
N HIS B 34 -42.06 16.56 -19.59
CA HIS B 34 -41.03 15.51 -19.88
C HIS B 34 -40.54 14.84 -18.59
N GLU B 35 -41.41 14.80 -17.57
CA GLU B 35 -41.15 14.15 -16.27
C GLU B 35 -42.20 13.09 -16.04
N VAL B 36 -41.83 12.11 -15.21
CA VAL B 36 -42.61 10.89 -14.90
C VAL B 36 -42.60 10.71 -13.39
N ARG B 37 -43.79 10.62 -12.81
CA ARG B 37 -43.89 10.28 -11.39
C ARG B 37 -44.23 8.78 -11.26
N ILE B 38 -43.48 8.10 -10.40
CA ILE B 38 -43.41 6.63 -10.31
C ILE B 38 -43.82 6.30 -8.88
N LYS B 39 -44.70 5.32 -8.75
CA LYS B 39 -44.99 4.66 -7.45
C LYS B 39 -43.96 3.54 -7.26
N MET B 40 -43.13 3.63 -6.23
CA MET B 40 -42.09 2.61 -6.08
C MET B 40 -42.74 1.27 -5.72
N VAL B 41 -42.17 0.19 -6.24
CA VAL B 41 -42.59 -1.17 -5.83
C VAL B 41 -41.45 -1.91 -5.12
N ALA B 42 -40.20 -1.80 -5.59
CA ALA B 42 -39.08 -2.47 -4.92
C ALA B 42 -37.82 -1.65 -5.20
N THR B 43 -36.95 -1.53 -4.21
CA THR B 43 -35.65 -0.87 -4.43
C THR B 43 -34.58 -1.71 -3.73
N GLY B 44 -33.41 -1.81 -4.36
CA GLY B 44 -32.30 -2.62 -3.86
C GLY B 44 -31.35 -1.74 -3.06
N ILE B 45 -30.63 -2.28 -2.07
CA ILE B 45 -29.65 -1.42 -1.31
C ILE B 45 -28.29 -1.70 -1.94
N CYS B 46 -27.75 -0.71 -2.65
CA CYS B 46 -26.48 -0.82 -3.39
C CYS B 46 -25.39 -0.15 -2.54
N ARG B 47 -24.17 -0.68 -2.61
CA ARG B 47 -23.07 -0.07 -1.84
C ARG B 47 -22.92 1.41 -2.24
N SER B 48 -23.24 1.81 -3.47
CA SER B 48 -23.12 3.25 -3.84
C SER B 48 -24.05 4.13 -2.96
N ASP B 49 -25.21 3.67 -2.58
CA ASP B 49 -26.11 4.44 -1.66
C ASP B 49 -25.40 4.59 -0.30
N ASP B 50 -24.68 3.56 0.15
CA ASP B 50 -23.91 3.58 1.41
C ASP B 50 -22.74 4.57 1.28
N HIS B 51 -22.16 4.70 0.08
CA HIS B 51 -21.07 5.68 -0.17
C HIS B 51 -21.59 7.08 0.12
N VAL B 52 -22.85 7.35 -0.17
CA VAL B 52 -23.38 8.71 0.11
C VAL B 52 -23.36 8.90 1.63
N VAL B 53 -23.81 7.91 2.37
CA VAL B 53 -23.87 7.97 3.85
C VAL B 53 -22.43 8.16 4.38
N SER B 54 -21.50 7.41 3.84
CA SER B 54 -20.11 7.41 4.40
C SER B 54 -19.35 8.67 3.96
N GLY B 55 -19.84 9.43 2.95
CA GLY B 55 -19.12 10.60 2.39
C GLY B 55 -18.07 10.23 1.32
N THR B 56 -17.93 8.93 0.98
CA THR B 56 -17.09 8.39 -0.14
C THR B 56 -17.53 9.03 -1.45
N LEU B 57 -18.86 9.19 -1.59
CA LEU B 57 -19.50 9.68 -2.82
C LEU B 57 -20.23 10.95 -2.41
N VAL B 58 -19.71 12.06 -2.88
CA VAL B 58 -20.23 13.41 -2.55
C VAL B 58 -21.39 13.74 -3.47
N THR B 59 -22.50 14.14 -2.87
CA THR B 59 -23.69 14.62 -3.60
C THR B 59 -24.37 15.57 -2.62
N PRO B 60 -25.05 16.65 -3.08
CA PRO B 60 -25.63 17.62 -2.13
C PRO B 60 -26.62 16.97 -1.16
N LEU B 61 -26.53 17.38 0.10
CA LEU B 61 -27.43 16.94 1.18
C LEU B 61 -28.28 18.15 1.58
N PRO B 62 -29.46 17.95 2.17
CA PRO B 62 -30.04 16.62 2.40
C PRO B 62 -30.54 16.00 1.10
N VAL B 63 -30.69 14.67 1.06
CA VAL B 63 -30.97 13.91 -0.20
C VAL B 63 -31.87 12.73 0.10
N ILE B 64 -32.67 12.40 -0.91
CA ILE B 64 -33.34 11.07 -1.02
C ILE B 64 -32.48 10.22 -1.96
N ALA B 65 -31.76 9.24 -1.41
CA ALA B 65 -30.89 8.35 -2.19
C ALA B 65 -31.73 7.19 -2.77
N GLY B 66 -31.05 6.14 -3.19
CA GLY B 66 -31.72 5.03 -3.87
C GLY B 66 -31.71 5.26 -5.38
N HIS B 67 -31.20 4.29 -6.11
CA HIS B 67 -31.05 4.42 -7.57
C HIS B 67 -31.34 3.06 -8.23
N GLU B 68 -31.48 1.95 -7.49
CA GLU B 68 -31.67 0.57 -8.03
C GLU B 68 -33.12 0.18 -7.75
N ALA B 69 -34.03 0.37 -8.70
CA ALA B 69 -35.45 0.24 -8.34
C ALA B 69 -36.34 -0.15 -9.51
N ALA B 70 -37.59 -0.48 -9.20
CA ALA B 70 -38.62 -0.69 -10.21
C ALA B 70 -39.93 -0.23 -9.60
N GLY B 71 -40.77 0.37 -10.41
CA GLY B 71 -42.09 0.83 -9.96
C GLY B 71 -43.10 0.82 -11.09
N ILE B 72 -44.20 1.48 -10.81
CA ILE B 72 -45.31 1.68 -11.76
C ILE B 72 -45.54 3.18 -11.94
N VAL B 73 -45.67 3.63 -13.17
CA VAL B 73 -45.91 5.06 -13.48
C VAL B 73 -47.28 5.44 -12.93
N GLU B 74 -47.28 6.44 -12.07
CA GLU B 74 -48.50 7.02 -11.46
C GLU B 74 -49.02 8.10 -12.40
N SER B 75 -48.14 8.90 -13.03
CA SER B 75 -48.60 9.94 -13.97
C SER B 75 -47.41 10.43 -14.78
N ILE B 76 -47.70 11.17 -15.85
CA ILE B 76 -46.70 11.72 -16.82
C ILE B 76 -46.96 13.22 -17.02
N GLY B 77 -45.86 13.95 -17.09
CA GLY B 77 -45.84 15.36 -17.49
C GLY B 77 -46.23 15.49 -18.94
N GLU B 78 -46.50 16.71 -19.34
CA GLU B 78 -46.74 17.11 -20.74
C GLU B 78 -45.55 16.65 -21.60
N GLY B 79 -45.85 16.08 -22.75
CA GLY B 79 -44.83 15.79 -23.78
C GLY B 79 -44.19 14.42 -23.66
N VAL B 80 -44.49 13.68 -22.61
CA VAL B 80 -43.89 12.33 -22.39
C VAL B 80 -44.46 11.40 -23.44
N THR B 81 -43.57 10.65 -24.08
CA THR B 81 -43.95 9.75 -25.17
C THR B 81 -43.53 8.32 -24.91
N THR B 82 -42.63 8.02 -23.96
CA THR B 82 -41.97 6.69 -23.90
C THR B 82 -42.57 5.77 -22.84
N VAL B 83 -43.42 6.34 -21.96
CA VAL B 83 -44.12 5.62 -20.86
C VAL B 83 -45.54 6.20 -20.69
N ARG B 84 -46.42 5.39 -20.14
CA ARG B 84 -47.78 5.87 -19.74
C ARG B 84 -48.15 5.41 -18.34
N PRO B 85 -49.17 6.05 -17.74
CA PRO B 85 -49.64 5.57 -16.44
C PRO B 85 -49.93 4.06 -16.47
N GLY B 86 -49.55 3.33 -15.42
CA GLY B 86 -49.78 1.89 -15.26
C GLY B 86 -48.59 1.08 -15.73
N ASP B 87 -47.70 1.70 -16.49
CA ASP B 87 -46.52 1.00 -17.05
C ASP B 87 -45.56 0.63 -15.92
N LYS B 88 -44.98 -0.56 -16.04
CA LYS B 88 -43.84 -0.95 -15.21
C LYS B 88 -42.59 -0.29 -15.78
N VAL B 89 -41.80 0.30 -14.89
CA VAL B 89 -40.58 1.06 -15.31
C VAL B 89 -39.42 0.77 -14.34
N ILE B 90 -38.24 0.94 -14.88
CA ILE B 90 -37.00 1.00 -14.08
C ILE B 90 -36.39 2.39 -14.28
N PRO B 91 -36.16 3.16 -13.19
CA PRO B 91 -35.44 4.44 -13.26
C PRO B 91 -33.99 4.17 -13.67
N LEU B 92 -33.42 5.11 -14.42
CA LEU B 92 -32.07 4.97 -15.02
C LEU B 92 -31.12 6.01 -14.42
N PHE B 93 -30.19 5.59 -13.57
CA PHE B 93 -29.30 6.53 -12.84
C PHE B 93 -28.28 7.12 -13.80
N THR B 94 -28.07 6.44 -14.91
CA THR B 94 -27.37 6.94 -16.10
C THR B 94 -28.45 7.13 -17.16
N PRO B 95 -28.70 8.39 -17.60
CA PRO B 95 -29.77 8.66 -18.53
C PRO B 95 -29.36 8.25 -19.95
N GLN B 96 -30.33 8.21 -20.86
CA GLN B 96 -30.02 8.08 -22.31
C GLN B 96 -30.83 9.14 -23.07
N CYS B 97 -30.30 10.34 -23.22
CA CYS B 97 -31.03 11.43 -23.91
C CYS B 97 -31.22 11.17 -25.41
N GLY B 98 -30.34 10.38 -26.00
CA GLY B 98 -30.43 10.04 -27.42
C GLY B 98 -29.91 11.11 -28.37
N LYS B 99 -29.51 12.29 -27.88
CA LYS B 99 -29.09 13.46 -28.72
C LYS B 99 -27.63 13.87 -28.52
N CYS B 100 -26.96 13.53 -27.42
CA CYS B 100 -25.57 14.00 -27.17
C CYS B 100 -24.56 13.14 -27.93
N ARG B 101 -23.33 13.59 -27.98
CA ARG B 101 -22.27 12.86 -28.74
C ARG B 101 -22.12 11.43 -28.23
N VAL B 102 -22.25 11.20 -26.92
CA VAL B 102 -22.07 9.84 -26.33
C VAL B 102 -23.24 8.94 -26.73
N CYS B 103 -24.48 9.42 -26.59
CA CYS B 103 -25.68 8.59 -26.90
C CYS B 103 -25.58 8.21 -28.38
N LYS B 104 -25.07 9.10 -29.25
CA LYS B 104 -24.94 8.80 -30.73
C LYS B 104 -23.75 7.87 -31.04
N HIS B 105 -22.78 7.72 -30.14
CA HIS B 105 -21.57 6.89 -30.35
C HIS B 105 -21.96 5.43 -30.16
N PRO B 106 -21.49 4.51 -31.02
CA PRO B 106 -21.79 3.09 -30.88
C PRO B 106 -21.49 2.45 -29.51
N GLU B 107 -20.43 2.89 -28.84
CA GLU B 107 -19.89 2.22 -27.62
C GLU B 107 -20.33 3.00 -26.38
N GLY B 108 -20.29 4.32 -26.41
CA GLY B 108 -20.40 5.08 -25.15
C GLY B 108 -21.77 4.95 -24.49
N ASN B 109 -21.82 5.05 -23.18
CA ASN B 109 -23.14 5.04 -22.50
C ASN B 109 -23.27 6.18 -21.50
N PHE B 110 -22.19 6.87 -21.17
CA PHE B 110 -22.16 7.91 -20.10
C PHE B 110 -22.74 9.21 -20.67
N CYS B 111 -24.06 9.19 -20.95
CA CYS B 111 -24.81 10.36 -21.48
C CYS B 111 -24.36 11.67 -20.78
N LEU B 112 -24.21 12.75 -21.55
CA LEU B 112 -23.75 14.05 -21.00
C LEU B 112 -24.80 14.67 -20.05
N LYS B 113 -26.01 14.13 -19.95
CA LYS B 113 -27.06 14.68 -19.05
C LYS B 113 -26.97 14.07 -17.64
N ASN B 114 -26.02 13.16 -17.43
CA ASN B 114 -25.80 12.45 -16.14
C ASN B 114 -25.58 13.47 -15.00
N ASP B 115 -25.95 13.07 -13.77
CA ASP B 115 -25.75 13.87 -12.55
C ASP B 115 -24.66 13.20 -11.71
N LEU B 116 -23.70 12.52 -12.34
CA LEU B 116 -22.62 11.78 -11.66
C LEU B 116 -21.33 12.58 -11.65
N SER B 117 -20.95 13.16 -12.79
CA SER B 117 -19.61 13.84 -12.97
C SER B 117 -19.48 14.99 -11.97
N MET B 118 -20.49 15.83 -11.90
CA MET B 118 -20.51 17.01 -11.01
C MET B 118 -21.91 17.10 -10.40
N PRO B 119 -22.22 16.22 -9.42
CA PRO B 119 -23.59 16.09 -8.91
C PRO B 119 -24.19 17.43 -8.44
N ARG B 120 -25.39 17.76 -8.92
CA ARG B 120 -26.22 18.92 -8.50
C ARG B 120 -27.35 18.42 -7.59
N GLY B 121 -27.79 17.17 -7.76
CA GLY B 121 -28.89 16.59 -6.96
C GLY B 121 -30.21 17.26 -7.26
N THR B 122 -30.49 17.52 -8.55
CA THR B 122 -31.76 18.13 -8.99
C THR B 122 -32.37 17.32 -10.13
N MET B 123 -33.54 17.77 -10.55
CA MET B 123 -34.07 17.41 -11.91
C MET B 123 -33.22 18.10 -13.00
N GLN B 124 -33.45 17.71 -14.26
CA GLN B 124 -32.72 18.32 -15.40
C GLN B 124 -32.94 19.83 -15.35
N ASP B 125 -34.10 20.31 -14.91
CA ASP B 125 -34.39 21.78 -14.93
C ASP B 125 -33.69 22.51 -13.79
N GLY B 126 -32.93 21.84 -12.94
CA GLY B 126 -32.13 22.45 -11.87
C GLY B 126 -32.93 22.68 -10.61
N THR B 127 -34.15 22.13 -10.51
CA THR B 127 -35.01 22.24 -9.30
C THR B 127 -35.33 20.87 -8.70
N SER B 128 -35.90 20.85 -7.49
CA SER B 128 -36.31 19.62 -6.78
C SER B 128 -37.84 19.43 -6.76
N ARG B 129 -38.31 18.19 -6.89
CA ARG B 129 -39.77 17.87 -6.72
C ARG B 129 -40.10 17.46 -5.27
N PHE B 130 -39.15 17.56 -4.35
CA PHE B 130 -39.27 17.01 -2.98
C PHE B 130 -39.18 18.14 -1.95
N THR B 131 -40.09 18.16 -1.00
CA THR B 131 -40.03 19.12 0.11
C THR B 131 -40.22 18.34 1.40
N CYS B 132 -39.52 18.75 2.44
CA CYS B 132 -39.76 18.17 3.78
C CYS B 132 -39.91 19.34 4.74
N ARG B 133 -41.13 19.55 5.24
CA ARG B 133 -41.46 20.68 6.14
C ARG B 133 -40.95 21.99 5.54
N GLY B 134 -41.34 22.28 4.28
CA GLY B 134 -40.93 23.51 3.58
C GLY B 134 -39.55 23.42 2.96
N LYS B 135 -38.67 22.51 3.42
CA LYS B 135 -37.26 22.51 2.91
C LYS B 135 -37.16 21.62 1.67
N PRO B 136 -36.53 22.13 0.60
CA PRO B 136 -36.27 21.30 -0.57
C PRO B 136 -35.28 20.18 -0.22
N ILE B 137 -35.53 18.97 -0.74
CA ILE B 137 -34.65 17.81 -0.51
C ILE B 137 -34.00 17.49 -1.87
N HIS B 138 -32.68 17.32 -1.94
CA HIS B 138 -32.02 16.92 -3.21
C HIS B 138 -32.47 15.56 -3.72
N HIS B 139 -32.42 15.46 -5.05
CA HIS B 139 -32.48 14.20 -5.80
C HIS B 139 -31.12 13.54 -5.77
N PHE B 140 -31.05 12.27 -6.17
CA PHE B 140 -29.80 11.47 -6.26
C PHE B 140 -29.75 10.82 -7.65
N LEU B 141 -28.74 11.17 -8.46
CA LEU B 141 -28.53 10.61 -9.84
C LEU B 141 -29.82 10.63 -10.66
N GLY B 142 -30.69 11.62 -10.43
CA GLY B 142 -31.97 11.75 -11.15
C GLY B 142 -32.93 10.60 -10.94
N THR B 143 -32.80 9.84 -9.84
CA THR B 143 -33.63 8.66 -9.58
C THR B 143 -34.35 8.87 -8.26
N SER B 144 -33.65 8.80 -7.15
CA SER B 144 -34.23 8.98 -5.79
C SER B 144 -35.34 7.96 -5.54
N THR B 145 -34.96 6.75 -5.21
CA THR B 145 -35.91 5.61 -5.19
C THR B 145 -36.25 5.22 -3.77
N PHE B 146 -35.62 5.82 -2.76
CA PHE B 146 -35.92 5.53 -1.35
C PHE B 146 -37.10 6.42 -0.93
N SER B 147 -38.17 6.32 -1.68
CA SER B 147 -39.39 7.11 -1.50
C SER B 147 -40.58 6.31 -2.03
N GLN B 148 -41.76 6.54 -1.50
CA GLN B 148 -42.95 5.77 -1.98
C GLN B 148 -43.27 6.22 -3.39
N TYR B 149 -43.01 7.49 -3.68
CA TYR B 149 -43.15 8.10 -5.01
C TYR B 149 -41.90 8.89 -5.34
N THR B 150 -41.51 8.89 -6.60
CA THR B 150 -40.44 9.80 -7.05
C THR B 150 -40.81 10.47 -8.37
N VAL B 151 -40.07 11.50 -8.76
CA VAL B 151 -40.23 12.12 -10.10
C VAL B 151 -38.89 12.06 -10.81
N VAL B 152 -38.88 11.59 -12.04
CA VAL B 152 -37.66 11.45 -12.88
C VAL B 152 -37.89 12.12 -14.22
N ASP B 153 -36.81 12.59 -14.81
CA ASP B 153 -36.76 13.03 -16.22
C ASP B 153 -37.05 11.83 -17.12
N GLU B 154 -37.78 12.08 -18.22
CA GLU B 154 -38.15 10.99 -19.16
C GLU B 154 -36.87 10.26 -19.62
N ILE B 155 -35.74 10.98 -19.75
CA ILE B 155 -34.48 10.32 -20.22
C ILE B 155 -33.93 9.37 -19.14
N SER B 156 -34.47 9.44 -17.92
CA SER B 156 -34.02 8.59 -16.79
C SER B 156 -35.07 7.53 -16.42
N VAL B 157 -35.89 7.07 -17.37
CA VAL B 157 -36.82 5.95 -17.10
C VAL B 157 -37.02 5.12 -18.37
N ALA B 158 -37.03 3.81 -18.21
CA ALA B 158 -37.35 2.82 -19.27
C ALA B 158 -38.61 2.04 -18.91
N LYS B 159 -39.50 1.89 -19.88
CA LYS B 159 -40.65 0.95 -19.81
C LYS B 159 -40.12 -0.47 -19.92
N ILE B 160 -40.62 -1.34 -19.05
CA ILE B 160 -40.24 -2.77 -19.11
C ILE B 160 -41.51 -3.63 -19.19
N ASP B 161 -41.26 -4.92 -19.31
CA ASP B 161 -42.30 -5.95 -19.57
C ASP B 161 -43.39 -5.87 -18.48
N ALA B 162 -44.66 -5.80 -18.90
CA ALA B 162 -45.82 -5.59 -18.02
C ALA B 162 -45.97 -6.78 -17.04
N ALA B 163 -45.42 -7.94 -17.37
CA ALA B 163 -45.48 -9.16 -16.52
C ALA B 163 -44.21 -9.32 -15.67
N SER B 164 -43.26 -8.39 -15.71
CA SER B 164 -41.98 -8.60 -14.98
C SER B 164 -42.18 -8.51 -13.47
N PRO B 165 -41.49 -9.40 -12.70
CA PRO B 165 -41.49 -9.33 -11.23
C PRO B 165 -40.58 -8.23 -10.64
N LEU B 166 -41.19 -7.13 -10.22
CA LEU B 166 -40.44 -5.88 -9.89
C LEU B 166 -39.53 -6.13 -8.68
N GLU B 167 -39.92 -7.03 -7.79
CA GLU B 167 -39.15 -7.40 -6.59
C GLU B 167 -37.84 -8.09 -7.00
N LYS B 168 -37.70 -8.54 -8.25
CA LYS B 168 -36.44 -9.14 -8.79
C LYS B 168 -35.77 -8.19 -9.77
N VAL B 169 -36.50 -7.62 -10.70
CA VAL B 169 -35.86 -6.94 -11.86
C VAL B 169 -35.34 -5.55 -11.48
N CYS B 170 -35.72 -4.99 -10.32
CA CYS B 170 -35.09 -3.77 -9.76
C CYS B 170 -33.56 -3.92 -9.83
N LEU B 171 -32.99 -5.12 -9.67
CA LEU B 171 -31.50 -5.31 -9.69
C LEU B 171 -30.94 -4.95 -11.06
N ILE B 172 -31.77 -4.96 -12.08
CA ILE B 172 -31.33 -4.61 -13.45
C ILE B 172 -31.09 -3.11 -13.54
N GLY B 173 -31.66 -2.34 -12.62
CA GLY B 173 -31.45 -0.89 -12.55
C GLY B 173 -30.04 -0.57 -12.08
N CYS B 174 -29.29 -1.50 -11.51
CA CYS B 174 -27.89 -1.18 -11.19
C CYS B 174 -27.05 -2.45 -11.13
N GLY B 175 -27.08 -3.17 -10.02
CA GLY B 175 -26.00 -4.09 -9.63
C GLY B 175 -25.83 -5.22 -10.62
N PHE B 176 -26.91 -5.87 -11.05
CA PHE B 176 -26.78 -6.99 -12.02
C PHE B 176 -26.14 -6.46 -13.31
N SER B 177 -26.79 -5.45 -13.88
CA SER B 177 -26.47 -4.89 -15.21
C SER B 177 -25.03 -4.35 -15.19
N THR B 178 -24.64 -3.64 -14.14
CA THR B 178 -23.27 -3.13 -14.03
C THR B 178 -22.30 -4.29 -14.11
N GLY B 179 -22.49 -5.29 -13.24
CA GLY B 179 -21.50 -6.39 -13.14
C GLY B 179 -21.46 -7.25 -14.39
N TYR B 180 -22.62 -7.66 -14.87
CA TYR B 180 -22.74 -8.50 -16.09
C TYR B 180 -22.15 -7.76 -17.31
N GLY B 181 -22.61 -6.53 -17.54
CA GLY B 181 -22.08 -5.67 -18.62
C GLY B 181 -20.56 -5.48 -18.51
N SER B 182 -20.03 -5.27 -17.30
CA SER B 182 -18.59 -5.04 -17.16
C SER B 182 -17.83 -6.22 -17.77
N ALA B 183 -18.33 -7.43 -17.60
CA ALA B 183 -17.72 -8.67 -18.16
C ALA B 183 -17.98 -8.77 -19.66
N VAL B 184 -19.24 -8.71 -20.06
CA VAL B 184 -19.64 -9.12 -21.44
C VAL B 184 -19.50 -7.97 -22.44
N LYS B 185 -19.59 -6.74 -21.99
CA LYS B 185 -19.59 -5.60 -22.92
C LYS B 185 -18.28 -4.81 -22.79
N VAL B 186 -17.81 -4.54 -21.57
CA VAL B 186 -16.65 -3.65 -21.35
C VAL B 186 -15.36 -4.45 -21.50
N ALA B 187 -15.14 -5.46 -20.67
CA ALA B 187 -13.96 -6.35 -20.80
C ALA B 187 -14.03 -7.16 -22.12
N LYS B 188 -15.23 -7.60 -22.53
CA LYS B 188 -15.47 -8.59 -23.61
C LYS B 188 -14.66 -9.83 -23.30
N VAL B 189 -14.96 -10.43 -22.15
CA VAL B 189 -14.30 -11.68 -21.70
C VAL B 189 -14.41 -12.72 -22.82
N THR B 190 -13.34 -13.51 -23.05
CA THR B 190 -13.32 -14.48 -24.16
C THR B 190 -13.50 -15.90 -23.65
N GLN B 191 -13.93 -16.82 -24.53
CA GLN B 191 -14.07 -18.26 -24.24
C GLN B 191 -12.72 -18.82 -23.75
N GLY B 192 -12.72 -19.56 -22.64
CA GLY B 192 -11.54 -20.24 -22.11
C GLY B 192 -10.56 -19.34 -21.38
N SER B 193 -10.88 -18.05 -21.15
CA SER B 193 -9.98 -17.13 -20.43
C SER B 193 -9.95 -17.41 -18.92
N THR B 194 -8.93 -16.85 -18.28
CA THR B 194 -8.80 -16.70 -16.81
C THR B 194 -9.17 -15.26 -16.41
N CYS B 195 -10.13 -15.17 -15.50
CA CYS B 195 -10.71 -13.93 -14.92
C CYS B 195 -10.40 -13.88 -13.43
N ALA B 196 -10.11 -12.71 -12.91
CA ALA B 196 -10.05 -12.47 -11.45
C ALA B 196 -11.03 -11.37 -11.12
N VAL B 197 -11.85 -11.62 -10.10
CA VAL B 197 -12.92 -10.66 -9.69
C VAL B 197 -12.65 -10.28 -8.25
N PHE B 198 -12.30 -9.00 -8.03
CA PHE B 198 -12.02 -8.44 -6.70
C PHE B 198 -13.32 -7.83 -6.17
N GLY B 199 -13.83 -8.43 -5.11
CA GLY B 199 -15.09 -7.98 -4.51
C GLY B 199 -16.22 -8.89 -4.91
N LEU B 200 -16.85 -9.55 -3.92
CA LEU B 200 -17.85 -10.60 -4.23
C LEU B 200 -19.19 -10.19 -3.61
N GLY B 201 -19.52 -8.90 -3.65
CA GLY B 201 -20.87 -8.44 -3.33
C GLY B 201 -21.77 -8.61 -4.55
N GLY B 202 -22.92 -7.93 -4.57
CA GLY B 202 -23.89 -8.07 -5.66
C GLY B 202 -23.27 -7.77 -7.01
N VAL B 203 -22.43 -6.74 -7.07
CA VAL B 203 -21.92 -6.33 -8.39
C VAL B 203 -20.85 -7.36 -8.82
N GLY B 204 -19.98 -7.82 -7.92
CA GLY B 204 -18.95 -8.83 -8.23
C GLY B 204 -19.54 -10.16 -8.60
N LEU B 205 -20.61 -10.57 -7.91
CA LEU B 205 -21.34 -11.78 -8.31
C LEU B 205 -21.83 -11.64 -9.72
N SER B 206 -22.31 -10.48 -10.13
CA SER B 206 -22.86 -10.29 -11.50
C SER B 206 -21.71 -10.29 -12.52
N VAL B 207 -20.52 -9.80 -12.12
CA VAL B 207 -19.28 -9.92 -12.93
C VAL B 207 -19.04 -11.42 -13.18
N ILE B 208 -19.07 -12.25 -12.13
CA ILE B 208 -18.87 -13.72 -12.22
C ILE B 208 -19.91 -14.31 -13.18
N MET B 209 -21.17 -13.91 -13.05
CA MET B 209 -22.23 -14.42 -13.95
C MET B 209 -21.84 -14.07 -15.39
N GLY B 210 -21.37 -12.86 -15.64
CA GLY B 210 -20.94 -12.37 -16.97
C GLY B 210 -19.77 -13.17 -17.53
N CYS B 211 -18.73 -13.34 -16.74
CA CYS B 211 -17.57 -14.18 -17.11
C CYS B 211 -17.97 -15.63 -17.44
N LYS B 212 -18.86 -16.25 -16.65
CA LYS B 212 -19.32 -17.64 -16.88
C LYS B 212 -20.08 -17.64 -18.21
N ALA B 213 -21.00 -16.70 -18.41
CA ALA B 213 -21.80 -16.59 -19.63
C ALA B 213 -20.87 -16.41 -20.83
N ALA B 214 -19.74 -15.73 -20.68
CA ALA B 214 -18.80 -15.48 -21.80
C ALA B 214 -17.86 -16.66 -22.02
N GLY B 215 -17.92 -17.70 -21.19
CA GLY B 215 -17.19 -18.96 -21.41
C GLY B 215 -15.84 -18.95 -20.76
N ALA B 216 -15.62 -18.11 -19.74
CA ALA B 216 -14.31 -18.14 -19.06
C ALA B 216 -14.09 -19.56 -18.52
N ALA B 217 -12.88 -20.08 -18.59
CA ALA B 217 -12.53 -21.40 -18.05
C ALA B 217 -12.23 -21.30 -16.56
N ARG B 218 -11.69 -20.17 -16.12
CA ARG B 218 -11.26 -19.96 -14.72
C ARG B 218 -11.74 -18.58 -14.27
N ILE B 219 -12.37 -18.53 -13.12
CA ILE B 219 -12.88 -17.27 -12.53
C ILE B 219 -12.52 -17.35 -11.06
N ILE B 220 -11.55 -16.52 -10.70
CA ILE B 220 -10.96 -16.46 -9.36
C ILE B 220 -11.60 -15.31 -8.59
N GLY B 221 -12.36 -15.61 -7.54
CA GLY B 221 -12.96 -14.55 -6.75
C GLY B 221 -11.99 -14.18 -5.66
N VAL B 222 -11.91 -12.90 -5.36
CA VAL B 222 -11.02 -12.37 -4.31
C VAL B 222 -11.88 -11.54 -3.36
N ASP B 223 -11.86 -11.87 -2.09
CA ASP B 223 -12.61 -11.15 -1.04
C ASP B 223 -11.90 -11.40 0.30
N ILE B 224 -11.84 -10.38 1.15
CA ILE B 224 -11.30 -10.53 2.54
C ILE B 224 -12.36 -11.17 3.45
N ASN B 225 -13.58 -11.38 2.96
CA ASN B 225 -14.71 -11.95 3.74
C ASN B 225 -15.01 -13.31 3.14
N LYS B 226 -14.40 -14.34 3.74
CA LYS B 226 -14.49 -15.74 3.23
C LYS B 226 -15.96 -16.16 3.23
N ASP B 227 -16.84 -15.52 4.02
CA ASP B 227 -18.31 -15.83 4.02
C ASP B 227 -18.89 -15.59 2.63
N LYS B 228 -18.25 -14.80 1.77
CA LYS B 228 -18.75 -14.49 0.40
C LYS B 228 -18.42 -15.63 -0.58
N PHE B 229 -17.56 -16.57 -0.22
CA PHE B 229 -16.99 -17.52 -1.22
C PHE B 229 -18.05 -18.51 -1.73
N ALA B 230 -18.96 -18.97 -0.86
CA ALA B 230 -19.86 -20.09 -1.17
C ALA B 230 -20.74 -19.64 -2.36
N LYS B 231 -21.33 -18.46 -2.22
CA LYS B 231 -22.23 -17.86 -3.24
C LYS B 231 -21.43 -17.53 -4.50
N ALA B 232 -20.22 -17.00 -4.38
CA ALA B 232 -19.36 -16.77 -5.57
C ALA B 232 -19.21 -18.08 -6.33
N LYS B 233 -18.91 -19.18 -5.63
CA LYS B 233 -18.75 -20.52 -6.27
C LYS B 233 -20.08 -20.95 -6.91
N GLU B 234 -21.22 -20.72 -6.26
CA GLU B 234 -22.55 -21.14 -6.80
C GLU B 234 -22.80 -20.49 -8.16
N VAL B 235 -22.43 -19.24 -8.36
CA VAL B 235 -22.69 -18.52 -9.64
C VAL B 235 -21.51 -18.62 -10.63
N GLY B 236 -20.41 -19.33 -10.30
CA GLY B 236 -19.43 -19.77 -11.32
C GLY B 236 -17.96 -19.56 -10.98
N ALA B 237 -17.63 -19.01 -9.82
CA ALA B 237 -16.21 -18.91 -9.40
C ALA B 237 -15.63 -20.32 -9.32
N THR B 238 -14.50 -20.54 -9.97
CA THR B 238 -13.83 -21.85 -9.95
C THR B 238 -12.98 -21.95 -8.68
N GLU B 239 -12.59 -20.81 -8.12
CA GLU B 239 -11.62 -20.69 -7.00
C GLU B 239 -11.90 -19.39 -6.29
N CYS B 240 -11.57 -19.35 -5.00
CA CYS B 240 -11.68 -18.09 -4.23
C CYS B 240 -10.43 -17.93 -3.39
N VAL B 241 -9.95 -16.69 -3.28
CA VAL B 241 -8.80 -16.40 -2.42
C VAL B 241 -9.07 -15.20 -1.53
N ASN B 242 -8.59 -15.36 -0.31
CA ASN B 242 -8.61 -14.31 0.73
C ASN B 242 -7.20 -13.77 0.88
N PRO B 243 -6.95 -12.50 0.46
CA PRO B 243 -5.62 -11.91 0.62
C PRO B 243 -5.08 -12.01 2.06
N GLN B 244 -5.99 -12.02 3.05
CA GLN B 244 -5.54 -12.04 4.48
C GLN B 244 -4.87 -13.38 4.82
N ASP B 245 -5.11 -14.41 4.01
CA ASP B 245 -4.54 -15.76 4.25
C ASP B 245 -3.06 -15.82 3.82
N TYR B 246 -2.55 -14.83 3.08
CA TYR B 246 -1.24 -14.95 2.39
C TYR B 246 -0.25 -14.01 3.05
N LYS B 247 1.02 -14.41 3.10
CA LYS B 247 2.09 -13.62 3.71
C LYS B 247 2.73 -12.71 2.66
N LYS B 248 2.24 -12.73 1.41
CA LYS B 248 2.73 -11.88 0.28
C LYS B 248 1.55 -11.28 -0.47
N PRO B 249 1.79 -10.26 -1.33
CA PRO B 249 0.72 -9.54 -2.05
C PRO B 249 -0.09 -10.44 -2.98
N ILE B 250 -1.41 -10.20 -3.05
CA ILE B 250 -2.32 -11.11 -3.80
C ILE B 250 -2.04 -11.03 -5.31
N GLN B 251 -1.50 -9.93 -5.82
CA GLN B 251 -1.17 -9.86 -7.29
C GLN B 251 -0.11 -10.92 -7.62
N GLU B 252 0.87 -11.15 -6.73
CA GLU B 252 1.91 -12.20 -6.91
C GLU B 252 1.23 -13.57 -6.85
N VAL B 253 0.33 -13.78 -5.88
CA VAL B 253 -0.46 -15.02 -5.73
C VAL B 253 -1.23 -15.24 -7.03
N LEU B 254 -1.90 -14.23 -7.57
CA LEU B 254 -2.77 -14.43 -8.76
C LEU B 254 -1.90 -14.61 -9.99
N THR B 255 -0.73 -13.98 -10.01
CA THR B 255 0.23 -14.16 -11.14
C THR B 255 0.67 -15.63 -11.13
N GLU B 256 1.01 -16.23 -9.97
CA GLU B 256 1.51 -17.65 -9.90
C GLU B 256 0.34 -18.59 -10.25
N MET B 257 -0.87 -18.32 -9.75
CA MET B 257 -2.08 -19.14 -10.01
C MET B 257 -2.39 -19.20 -11.50
N SER B 258 -2.21 -18.08 -12.19
CA SER B 258 -2.57 -17.84 -13.61
C SER B 258 -1.36 -18.10 -14.52
N ASN B 259 -0.25 -18.56 -13.97
CA ASN B 259 0.92 -18.94 -14.78
C ASN B 259 1.39 -17.72 -15.58
N GLY B 260 1.44 -16.54 -14.93
CA GLY B 260 2.03 -15.32 -15.47
C GLY B 260 1.02 -14.19 -15.66
N GLY B 261 -0.19 -14.26 -15.08
CA GLY B 261 -1.16 -13.16 -15.13
C GLY B 261 -2.49 -13.58 -15.76
N VAL B 262 -3.59 -12.99 -15.31
CA VAL B 262 -4.93 -13.33 -15.83
C VAL B 262 -5.23 -12.58 -17.15
N ASP B 263 -6.21 -13.05 -17.91
CA ASP B 263 -6.68 -12.40 -19.15
C ASP B 263 -7.50 -11.16 -18.79
N PHE B 264 -8.34 -11.26 -17.77
CA PHE B 264 -9.29 -10.19 -17.39
C PHE B 264 -9.38 -10.07 -15.86
N SER B 265 -9.26 -8.84 -15.35
CA SER B 265 -9.41 -8.53 -13.90
C SER B 265 -10.43 -7.44 -13.79
N PHE B 266 -11.15 -7.51 -12.69
CA PHE B 266 -12.26 -6.59 -12.36
C PHE B 266 -12.05 -6.08 -10.94
N GLU B 267 -12.01 -4.76 -10.74
CA GLU B 267 -12.06 -4.18 -9.39
C GLU B 267 -13.53 -3.81 -9.12
N VAL B 268 -14.11 -4.48 -8.14
CA VAL B 268 -15.56 -4.34 -7.82
C VAL B 268 -15.71 -4.12 -6.31
N ILE B 269 -14.87 -3.26 -5.76
CA ILE B 269 -14.78 -2.91 -4.31
C ILE B 269 -14.90 -1.40 -4.15
N GLY B 270 -14.03 -0.63 -4.79
CA GLY B 270 -13.98 0.82 -4.62
C GLY B 270 -12.78 1.23 -3.81
N ARG B 271 -11.64 0.53 -3.89
CA ARG B 271 -10.42 0.96 -3.17
C ARG B 271 -9.28 1.20 -4.17
N LEU B 272 -8.52 2.27 -3.94
CA LEU B 272 -7.36 2.63 -4.81
C LEU B 272 -6.37 1.47 -4.85
N ASP B 273 -6.07 0.84 -3.73
CA ASP B 273 -5.02 -0.20 -3.68
C ASP B 273 -5.47 -1.42 -4.54
N THR B 274 -6.73 -1.84 -4.46
CA THR B 274 -7.23 -2.99 -5.24
C THR B 274 -7.36 -2.62 -6.71
N MET B 275 -7.58 -1.36 -7.08
CA MET B 275 -7.57 -0.96 -8.51
C MET B 275 -6.17 -1.23 -9.08
N VAL B 276 -5.14 -0.86 -8.33
CA VAL B 276 -3.75 -1.07 -8.83
C VAL B 276 -3.40 -2.56 -8.79
N THR B 277 -3.80 -3.28 -7.76
CA THR B 277 -3.55 -4.73 -7.65
C THR B 277 -4.26 -5.43 -8.83
N ALA B 278 -5.52 -5.07 -9.12
CA ALA B 278 -6.27 -5.75 -10.21
C ALA B 278 -5.54 -5.49 -11.54
N LEU B 279 -5.02 -4.30 -11.76
CA LEU B 279 -4.31 -4.02 -13.02
C LEU B 279 -3.07 -4.88 -13.07
N SER B 280 -2.30 -4.91 -11.97
CA SER B 280 -0.99 -5.61 -11.88
C SER B 280 -1.17 -7.11 -12.13
N CYS B 281 -2.28 -7.69 -11.67
CA CYS B 281 -2.47 -9.16 -11.75
C CYS B 281 -2.92 -9.59 -13.17
N CYS B 282 -3.30 -8.68 -14.06
CA CYS B 282 -3.60 -9.09 -15.45
C CYS B 282 -2.27 -9.20 -16.26
N GLN B 283 -2.19 -10.07 -17.26
CA GLN B 283 -0.95 -10.44 -17.98
C GLN B 283 -0.38 -9.17 -18.61
N GLU B 284 0.94 -8.98 -18.53
CA GLU B 284 1.57 -7.67 -18.82
C GLU B 284 1.44 -7.25 -20.28
N ALA B 285 1.29 -8.21 -21.22
CA ALA B 285 1.33 -7.98 -22.69
C ALA B 285 -0.08 -7.81 -23.26
N TYR B 286 -1.10 -8.47 -22.71
CA TYR B 286 -2.42 -8.59 -23.38
C TYR B 286 -3.52 -8.60 -22.32
N GLY B 287 -3.22 -8.37 -21.05
CA GLY B 287 -4.24 -8.38 -19.99
C GLY B 287 -5.15 -7.17 -20.10
N VAL B 288 -6.35 -7.31 -19.58
CA VAL B 288 -7.34 -6.19 -19.52
C VAL B 288 -7.84 -6.14 -18.09
N SER B 289 -7.85 -4.93 -17.49
CA SER B 289 -8.40 -4.69 -16.14
C SER B 289 -9.51 -3.64 -16.24
N VAL B 290 -10.67 -3.94 -15.66
CA VAL B 290 -11.86 -3.03 -15.65
C VAL B 290 -12.10 -2.59 -14.23
N ILE B 291 -12.16 -1.28 -14.02
CA ILE B 291 -12.54 -0.71 -12.72
C ILE B 291 -14.04 -0.53 -12.75
N VAL B 292 -14.66 -1.11 -11.74
CA VAL B 292 -16.13 -1.02 -11.51
C VAL B 292 -16.41 -0.27 -10.20
N GLY B 293 -15.61 -0.51 -9.17
CA GLY B 293 -15.69 0.16 -7.85
C GLY B 293 -15.64 1.68 -7.95
N VAL B 294 -16.42 2.37 -7.12
CA VAL B 294 -16.44 3.85 -7.04
C VAL B 294 -15.38 4.20 -6.01
N PRO B 295 -14.34 4.95 -6.45
CA PRO B 295 -13.23 5.34 -5.58
C PRO B 295 -13.72 6.37 -4.55
N PRO B 296 -12.94 6.55 -3.46
CA PRO B 296 -13.23 7.61 -2.50
C PRO B 296 -13.00 9.01 -3.11
N ASP B 297 -13.92 9.90 -2.79
CA ASP B 297 -13.98 11.29 -3.31
C ASP B 297 -12.60 11.95 -3.35
N SER B 298 -12.25 12.48 -4.51
CA SER B 298 -11.09 13.39 -4.72
C SER B 298 -9.76 12.68 -4.49
N GLN B 299 -9.67 11.38 -4.32
CA GLN B 299 -8.37 10.73 -4.05
C GLN B 299 -7.76 10.17 -5.33
N ASN B 300 -6.45 10.34 -5.45
CA ASN B 300 -5.67 9.87 -6.61
C ASN B 300 -5.00 8.57 -6.19
N LEU B 301 -4.94 7.65 -7.13
CA LEU B 301 -4.06 6.46 -7.01
C LEU B 301 -2.69 6.77 -7.58
N SER B 302 -1.77 5.94 -7.16
CA SER B 302 -0.37 5.96 -7.61
C SER B 302 -0.05 4.65 -8.33
N MET B 303 0.52 4.75 -9.52
CA MET B 303 0.83 3.55 -10.31
C MET B 303 2.02 3.79 -11.23
N ASN B 304 2.65 2.69 -11.59
CA ASN B 304 3.84 2.66 -12.46
C ASN B 304 3.37 2.54 -13.90
N PRO B 305 3.54 3.56 -14.78
CA PRO B 305 3.05 3.43 -16.14
C PRO B 305 3.70 2.29 -16.96
N MET B 306 4.80 1.69 -16.51
CA MET B 306 5.33 0.49 -17.19
C MET B 306 4.28 -0.63 -17.15
N LEU B 307 3.34 -0.64 -16.23
CA LEU B 307 2.30 -1.71 -16.26
C LEU B 307 1.51 -1.61 -17.57
N LEU B 308 1.32 -0.40 -18.08
CA LEU B 308 0.56 -0.17 -19.34
C LEU B 308 1.49 -0.31 -20.53
N LEU B 309 2.75 0.19 -20.44
CA LEU B 309 3.63 0.26 -21.66
C LEU B 309 3.89 -1.17 -22.19
N SER B 310 3.92 -2.18 -21.31
CA SER B 310 4.10 -3.59 -21.71
C SER B 310 2.93 -4.09 -22.59
N GLY B 311 1.74 -3.50 -22.50
CA GLY B 311 0.62 -3.96 -23.32
C GLY B 311 -0.74 -4.01 -22.60
N ARG B 312 -0.77 -3.90 -21.28
CA ARG B 312 -2.05 -3.98 -20.52
C ARG B 312 -3.01 -2.90 -21.00
N THR B 313 -4.29 -3.18 -20.89
CA THR B 313 -5.36 -2.24 -21.18
C THR B 313 -6.11 -2.04 -19.85
N TRP B 314 -6.37 -0.81 -19.52
CA TRP B 314 -7.04 -0.42 -18.27
C TRP B 314 -8.26 0.38 -18.64
N LYS B 315 -9.42 -0.01 -18.16
CA LYS B 315 -10.61 0.80 -18.47
C LYS B 315 -11.57 0.77 -17.30
N GLY B 316 -12.48 1.70 -17.32
CA GLY B 316 -13.61 1.64 -16.38
C GLY B 316 -14.94 1.76 -17.11
N ALA B 317 -16.01 1.57 -16.35
CA ALA B 317 -17.34 1.85 -16.94
C ALA B 317 -18.36 2.11 -15.86
N ILE B 318 -19.37 2.87 -16.25
CA ILE B 318 -20.62 3.07 -15.47
C ILE B 318 -21.69 2.15 -16.07
N PHE B 319 -22.43 1.50 -15.20
CA PHE B 319 -23.61 0.67 -15.57
C PHE B 319 -23.24 -0.38 -16.61
N GLY B 320 -22.04 -0.97 -16.50
CA GLY B 320 -21.66 -2.13 -17.32
C GLY B 320 -21.49 -1.73 -18.78
N GLY B 321 -21.44 -0.44 -19.08
CA GLY B 321 -21.28 0.08 -20.46
C GLY B 321 -22.57 0.05 -21.25
N PHE B 322 -23.70 -0.31 -20.62
CA PHE B 322 -25.02 -0.40 -21.28
C PHE B 322 -25.61 1.00 -21.51
N LYS B 323 -25.92 1.32 -22.76
CA LYS B 323 -26.86 2.40 -23.13
C LYS B 323 -28.17 2.11 -22.37
N SER B 324 -28.52 2.94 -21.40
CA SER B 324 -29.43 2.50 -20.30
C SER B 324 -30.84 2.28 -20.87
N LYS B 325 -31.40 3.25 -21.60
CA LYS B 325 -32.83 3.14 -22.00
C LYS B 325 -33.02 2.02 -23.03
N ASP B 326 -32.05 1.91 -23.94
CA ASP B 326 -32.07 0.82 -24.93
C ASP B 326 -31.88 -0.51 -24.21
N SER B 327 -31.00 -0.64 -23.23
CA SER B 327 -30.60 -2.00 -22.73
C SER B 327 -31.52 -2.53 -21.63
N VAL B 328 -31.99 -1.66 -20.75
CA VAL B 328 -32.73 -2.13 -19.54
C VAL B 328 -33.95 -2.96 -19.96
N PRO B 329 -34.78 -2.57 -20.92
CA PRO B 329 -35.89 -3.44 -21.35
C PRO B 329 -35.52 -4.81 -21.92
N LYS B 330 -34.43 -4.85 -22.71
CA LYS B 330 -33.88 -6.08 -23.33
C LYS B 330 -33.34 -6.98 -22.21
N LEU B 331 -32.68 -6.39 -21.19
CA LEU B 331 -32.18 -7.21 -20.04
C LEU B 331 -33.38 -7.80 -19.29
N VAL B 332 -34.45 -7.05 -19.16
CA VAL B 332 -35.64 -7.61 -18.47
C VAL B 332 -36.21 -8.74 -19.31
N ALA B 333 -36.38 -8.52 -20.60
CA ALA B 333 -36.89 -9.59 -21.50
C ALA B 333 -35.96 -10.81 -21.38
N ASP B 334 -34.64 -10.61 -21.33
CA ASP B 334 -33.69 -11.76 -21.22
C ASP B 334 -33.92 -12.51 -19.90
N PHE B 335 -34.16 -11.75 -18.83
CA PHE B 335 -34.48 -12.34 -17.51
C PHE B 335 -35.77 -13.17 -17.63
N MET B 336 -36.79 -12.62 -18.27
CA MET B 336 -38.12 -13.26 -18.42
C MET B 336 -37.93 -14.56 -19.22
N ALA B 337 -36.90 -14.60 -20.05
CA ALA B 337 -36.58 -15.72 -20.95
C ALA B 337 -35.57 -16.67 -20.27
N LYS B 338 -35.25 -16.48 -18.99
CA LYS B 338 -34.33 -17.34 -18.18
C LYS B 338 -32.91 -17.33 -18.74
N LYS B 339 -32.42 -16.21 -19.28
CA LYS B 339 -31.03 -16.11 -19.82
C LYS B 339 -30.02 -15.94 -18.67
N PHE B 340 -30.49 -15.43 -17.53
CA PHE B 340 -29.68 -15.16 -16.31
C PHE B 340 -30.64 -15.23 -15.11
N ALA B 341 -30.05 -15.36 -13.92
CA ALA B 341 -30.75 -15.50 -12.63
C ALA B 341 -30.41 -14.32 -11.70
N LEU B 342 -31.40 -13.84 -10.97
CA LEU B 342 -31.27 -12.70 -10.02
C LEU B 342 -31.45 -13.19 -8.57
N ASP B 343 -32.22 -14.26 -8.30
CA ASP B 343 -32.39 -14.80 -6.92
C ASP B 343 -31.05 -15.01 -6.24
N PRO B 344 -29.94 -15.46 -6.87
CA PRO B 344 -28.68 -15.65 -6.14
C PRO B 344 -28.10 -14.37 -5.52
N LEU B 345 -28.49 -13.20 -6.03
CA LEU B 345 -28.06 -11.89 -5.49
C LEU B 345 -28.89 -11.46 -4.27
N ILE B 346 -30.09 -12.01 -4.12
CA ILE B 346 -31.10 -11.48 -3.15
C ILE B 346 -31.03 -12.35 -1.91
N THR B 347 -30.55 -11.81 -0.81
CA THR B 347 -30.35 -12.56 0.45
C THR B 347 -31.40 -12.17 1.49
N HIS B 348 -31.98 -10.97 1.38
CA HIS B 348 -32.94 -10.44 2.37
C HIS B 348 -33.98 -9.60 1.65
N VAL B 349 -35.20 -9.64 2.13
CA VAL B 349 -36.33 -8.82 1.61
C VAL B 349 -36.99 -8.18 2.83
N LEU B 350 -37.05 -6.86 2.89
CA LEU B 350 -37.58 -6.14 4.05
C LEU B 350 -38.59 -5.14 3.51
N PRO B 351 -39.61 -4.76 4.30
CA PRO B 351 -40.39 -3.59 3.97
C PRO B 351 -39.52 -2.32 4.01
N PHE B 352 -39.89 -1.35 3.18
CA PHE B 352 -39.19 -0.05 3.01
C PHE B 352 -38.89 0.58 4.35
N GLU B 353 -39.84 0.57 5.27
CA GLU B 353 -39.64 1.36 6.52
C GLU B 353 -38.48 0.75 7.35
N LYS B 354 -37.98 -0.46 7.03
CA LYS B 354 -36.80 -1.09 7.70
C LYS B 354 -35.51 -0.88 6.91
N ILE B 355 -35.46 0.19 6.14
CA ILE B 355 -34.25 0.56 5.34
C ILE B 355 -33.01 0.54 6.20
N ASN B 356 -33.01 1.10 7.42
CA ASN B 356 -31.76 1.14 8.23
C ASN B 356 -31.28 -0.27 8.58
N GLU B 357 -32.20 -1.20 8.90
CA GLU B 357 -31.84 -2.63 9.08
C GLU B 357 -31.20 -3.16 7.80
N GLY B 358 -31.75 -2.81 6.63
CA GLY B 358 -31.17 -3.15 5.33
C GLY B 358 -29.73 -2.67 5.20
N PHE B 359 -29.44 -1.42 5.57
CA PHE B 359 -28.05 -0.90 5.53
C PHE B 359 -27.15 -1.55 6.61
N ASP B 360 -27.68 -1.83 7.79
CA ASP B 360 -26.92 -2.54 8.85
C ASP B 360 -26.49 -3.88 8.29
N LEU B 361 -27.37 -4.57 7.53
CA LEU B 361 -27.02 -5.93 7.01
C LEU B 361 -25.87 -5.80 6.01
N LEU B 362 -25.91 -4.77 5.19
CA LEU B 362 -24.85 -4.58 4.18
C LEU B 362 -23.53 -4.34 4.91
N ARG B 363 -23.55 -3.41 5.86
CA ARG B 363 -22.33 -2.93 6.53
C ARG B 363 -21.72 -4.06 7.32
N SER B 364 -22.55 -4.97 7.85
CA SER B 364 -22.10 -6.10 8.69
C SER B 364 -21.42 -7.17 7.83
N GLY B 365 -21.65 -7.25 6.52
CA GLY B 365 -21.09 -8.30 5.66
C GLY B 365 -22.08 -9.44 5.41
N GLU B 366 -23.26 -9.40 6.04
CA GLU B 366 -24.15 -10.57 6.09
C GLU B 366 -25.04 -10.61 4.83
N SER B 367 -25.26 -9.51 4.12
CA SER B 367 -26.15 -9.49 2.94
C SER B 367 -25.35 -9.36 1.63
N ILE B 368 -26.03 -9.70 0.54
CA ILE B 368 -25.58 -9.27 -0.81
C ILE B 368 -26.52 -8.13 -1.19
N ARG B 369 -27.68 -8.43 -1.77
CA ARG B 369 -28.77 -7.45 -1.94
C ARG B 369 -29.92 -7.69 -0.98
N THR B 370 -30.26 -6.64 -0.24
CA THR B 370 -31.56 -6.49 0.45
C THR B 370 -32.47 -5.74 -0.53
N ILE B 371 -33.62 -6.31 -0.84
CA ILE B 371 -34.70 -5.62 -1.60
C ILE B 371 -35.72 -5.07 -0.59
N LEU B 372 -36.01 -3.79 -0.71
CA LEU B 372 -37.01 -3.07 0.12
C LEU B 372 -38.30 -3.01 -0.66
N THR B 373 -39.38 -3.49 -0.06
CA THR B 373 -40.65 -3.58 -0.78
C THR B 373 -41.63 -2.57 -0.18
N PHE B 374 -42.50 -2.12 -1.05
CA PHE B 374 -43.52 -1.09 -0.73
C PHE B 374 -44.90 -1.74 -0.60
N SER C 1 49.20 -17.86 -3.89
CA SER C 1 50.47 -17.18 -3.55
C SER C 1 50.56 -16.94 -2.04
N THR C 2 49.53 -16.40 -1.39
CA THR C 2 49.54 -16.20 0.08
C THR C 2 48.68 -17.28 0.75
N ALA C 3 47.98 -18.08 -0.04
CA ALA C 3 47.06 -19.09 0.49
C ALA C 3 47.82 -20.04 1.41
N GLY C 4 47.17 -20.46 2.49
CA GLY C 4 47.76 -21.37 3.47
C GLY C 4 48.82 -20.72 4.35
N LYS C 5 49.17 -19.44 4.20
CA LYS C 5 50.25 -18.86 5.02
C LYS C 5 49.79 -17.62 5.78
N VAL C 6 50.50 -17.34 6.84
CA VAL C 6 50.30 -16.09 7.62
C VAL C 6 50.56 -14.91 6.68
N ILE C 7 49.70 -13.89 6.71
CA ILE C 7 49.94 -12.60 5.98
C ILE C 7 50.38 -11.56 6.98
N LYS C 8 51.52 -10.93 6.74
CA LYS C 8 51.89 -9.71 7.48
C LYS C 8 51.31 -8.57 6.66
N CYS C 9 50.54 -7.72 7.31
CA CYS C 9 49.89 -6.59 6.64
C CYS C 9 49.63 -5.47 7.63
N LYS C 10 49.14 -4.34 7.10
CA LYS C 10 48.84 -3.12 7.90
C LYS C 10 47.41 -3.24 8.46
N ALA C 11 47.20 -2.88 9.72
CA ALA C 11 45.83 -2.75 10.26
C ALA C 11 45.81 -1.57 11.23
N ALA C 12 44.60 -1.14 11.53
CA ALA C 12 44.38 -0.06 12.48
C ALA C 12 43.94 -0.71 13.78
N VAL C 13 44.85 -0.76 14.74
CA VAL C 13 44.67 -1.41 16.04
C VAL C 13 44.24 -0.33 17.04
N LEU C 14 43.20 -0.63 17.82
CA LEU C 14 42.75 0.20 18.94
C LEU C 14 43.21 -0.49 20.23
N TRP C 15 44.26 0.04 20.82
CA TRP C 15 44.87 -0.54 22.03
C TRP C 15 44.08 -0.13 23.27
N GLU C 16 43.51 1.08 23.29
CA GLU C 16 42.94 1.70 24.51
C GLU C 16 41.73 2.49 24.09
N GLU C 17 40.72 2.64 24.96
CA GLU C 17 39.61 3.57 24.67
C GLU C 17 40.14 5.00 24.54
N LYS C 18 39.44 5.82 23.75
CA LYS C 18 39.59 7.30 23.66
C LYS C 18 41.00 7.64 23.17
N LYS C 19 41.63 6.73 22.46
CA LYS C 19 42.98 6.95 21.87
C LYS C 19 42.82 6.84 20.36
N PRO C 20 43.73 7.47 19.57
CA PRO C 20 43.78 7.25 18.14
C PRO C 20 44.08 5.78 17.83
N PHE C 21 43.63 5.36 16.66
CA PHE C 21 44.01 4.07 16.06
C PHE C 21 45.52 4.11 15.76
N SER C 22 46.18 2.97 15.89
CA SER C 22 47.62 2.81 15.60
C SER C 22 47.72 2.02 14.31
N ILE C 23 48.16 2.65 13.21
CA ILE C 23 48.36 1.89 11.95
C ILE C 23 49.67 1.10 12.09
N GLU C 24 49.64 -0.21 12.09
CA GLU C 24 50.92 -0.95 12.30
C GLU C 24 50.80 -2.40 11.79
N GLU C 25 51.91 -3.10 11.76
CA GLU C 25 51.97 -4.46 11.19
C GLU C 25 51.25 -5.43 12.11
N VAL C 26 50.38 -6.23 11.52
CA VAL C 26 49.72 -7.35 12.23
C VAL C 26 49.97 -8.60 11.40
N GLU C 27 49.81 -9.72 12.04
CA GLU C 27 49.87 -11.05 11.41
C GLU C 27 48.47 -11.61 11.37
N VAL C 28 48.05 -11.99 10.18
CA VAL C 28 46.69 -12.53 9.90
C VAL C 28 46.84 -14.01 9.57
N ALA C 29 46.33 -14.88 10.44
CA ALA C 29 46.41 -16.33 10.26
C ALA C 29 45.61 -16.70 9.02
N PRO C 30 45.96 -17.84 8.40
CA PRO C 30 45.13 -18.40 7.33
C PRO C 30 43.78 -18.89 7.87
N PRO C 31 42.76 -18.93 7.00
CA PRO C 31 41.42 -19.35 7.41
C PRO C 31 41.40 -20.82 7.82
N LYS C 32 40.72 -21.13 8.92
CA LYS C 32 40.44 -22.53 9.31
C LYS C 32 39.14 -23.00 8.63
N ALA C 33 38.66 -24.21 8.93
CA ALA C 33 37.42 -24.76 8.34
C ALA C 33 36.31 -23.69 8.43
N HIS C 34 35.57 -23.47 7.36
CA HIS C 34 34.39 -22.55 7.30
C HIS C 34 34.78 -21.10 7.65
N GLU C 35 36.00 -20.69 7.35
CA GLU C 35 36.43 -19.28 7.44
C GLU C 35 36.93 -18.82 6.07
N VAL C 36 36.95 -17.52 5.92
CA VAL C 36 37.21 -16.82 4.64
C VAL C 36 38.18 -15.69 4.95
N ARG C 37 39.31 -15.66 4.25
CA ARG C 37 40.24 -14.55 4.35
C ARG C 37 39.98 -13.61 3.20
N ILE C 38 39.79 -12.33 3.55
CA ILE C 38 39.36 -11.27 2.62
C ILE C 38 40.45 -10.20 2.54
N LYS C 39 40.78 -9.80 1.31
CA LYS C 39 41.58 -8.59 1.00
C LYS C 39 40.59 -7.43 0.95
N MET C 40 40.69 -6.52 1.90
CA MET C 40 39.80 -5.36 1.95
C MET C 40 40.11 -4.36 0.82
N VAL C 41 39.04 -3.81 0.24
CA VAL C 41 39.14 -2.83 -0.86
C VAL C 41 38.66 -1.47 -0.36
N ALA C 42 37.55 -1.47 0.39
CA ALA C 42 37.01 -0.22 0.91
C ALA C 42 36.31 -0.46 2.25
N THR C 43 36.39 0.50 3.16
CA THR C 43 35.64 0.42 4.43
C THR C 43 35.13 1.82 4.76
N GLY C 44 33.86 1.89 5.17
CA GLY C 44 33.24 3.13 5.68
C GLY C 44 33.54 3.30 7.15
N ILE C 45 33.50 4.55 7.56
CA ILE C 45 33.57 4.97 8.99
C ILE C 45 32.14 5.24 9.48
N CYS C 46 31.63 4.31 10.27
CA CYS C 46 30.29 4.36 10.87
C CYS C 46 30.42 4.96 12.28
N ARG C 47 29.38 5.68 12.75
CA ARG C 47 29.43 6.18 14.14
C ARG C 47 29.61 5.02 15.11
N SER C 48 29.14 3.80 14.81
CA SER C 48 29.31 2.69 15.78
C SER C 48 30.80 2.40 16.00
N ASP C 49 31.66 2.54 14.98
CA ASP C 49 33.12 2.37 15.15
C ASP C 49 33.60 3.45 16.12
N ASP C 50 33.13 4.69 16.01
CA ASP C 50 33.50 5.74 16.97
C ASP C 50 32.99 5.38 18.38
N HIS C 51 31.82 4.80 18.55
CA HIS C 51 31.31 4.31 19.86
C HIS C 51 32.29 3.32 20.50
N VAL C 52 33.01 2.51 19.71
CA VAL C 52 34.00 1.55 20.28
C VAL C 52 35.13 2.40 20.91
N VAL C 53 35.56 3.43 20.21
CA VAL C 53 36.65 4.30 20.68
C VAL C 53 36.19 4.99 21.98
N SER C 54 34.96 5.48 22.00
CA SER C 54 34.50 6.35 23.10
C SER C 54 34.09 5.49 24.31
N GLY C 55 33.98 4.18 24.13
CA GLY C 55 33.53 3.23 25.16
C GLY C 55 32.01 3.18 25.27
N THR C 56 31.26 3.97 24.50
CA THR C 56 29.77 3.95 24.38
C THR C 56 29.31 2.53 24.02
N LEU C 57 29.98 1.91 23.04
CA LEU C 57 29.74 0.53 22.60
C LEU C 57 30.91 -0.31 23.10
N VAL C 58 30.60 -1.27 23.96
CA VAL C 58 31.59 -2.11 24.68
C VAL C 58 31.92 -3.35 23.84
N THR C 59 33.22 -3.60 23.64
CA THR C 59 33.75 -4.81 23.00
C THR C 59 35.18 -4.99 23.51
N PRO C 60 35.66 -6.23 23.71
CA PRO C 60 37.01 -6.45 24.24
C PRO C 60 38.10 -5.75 23.43
N LEU C 61 39.01 -5.03 24.11
CA LEU C 61 40.21 -4.42 23.48
C LEU C 61 41.42 -5.22 23.92
N PRO C 62 42.55 -5.18 23.21
CA PRO C 62 42.71 -4.36 22.01
C PRO C 62 41.92 -5.02 20.87
N VAL C 63 41.56 -4.21 19.87
CA VAL C 63 40.64 -4.71 18.83
C VAL C 63 41.02 -4.14 17.45
N ILE C 64 40.68 -4.88 16.41
CA ILE C 64 40.59 -4.36 15.04
C ILE C 64 39.10 -4.13 14.77
N ALA C 65 38.70 -2.87 14.78
CA ALA C 65 37.29 -2.49 14.54
C ALA C 65 37.05 -2.38 13.02
N GLY C 66 35.93 -1.79 12.63
CA GLY C 66 35.47 -1.71 11.26
C GLY C 66 34.52 -2.86 10.97
N HIS C 67 33.36 -2.51 10.42
CA HIS C 67 32.30 -3.51 10.15
C HIS C 67 31.56 -3.23 8.85
N GLU C 68 31.82 -2.11 8.19
CA GLU C 68 31.13 -1.57 6.99
C GLU C 68 32.13 -1.55 5.85
N ALA C 69 32.15 -2.58 5.02
CA ALA C 69 33.29 -2.82 4.14
C ALA C 69 32.94 -3.73 2.97
N ALA C 70 33.89 -3.75 2.03
CA ALA C 70 33.78 -4.64 0.89
C ALA C 70 35.20 -5.01 0.46
N GLY C 71 35.36 -6.23 0.00
CA GLY C 71 36.65 -6.74 -0.49
C GLY C 71 36.54 -7.93 -1.40
N ILE C 72 37.68 -8.56 -1.57
CA ILE C 72 37.85 -9.69 -2.50
C ILE C 72 38.41 -10.85 -1.70
N VAL C 73 37.78 -11.99 -1.85
CA VAL C 73 38.25 -13.20 -1.16
C VAL C 73 39.69 -13.56 -1.63
N GLU C 74 40.60 -13.68 -0.66
CA GLU C 74 42.00 -14.13 -0.92
C GLU C 74 42.07 -15.65 -0.89
N SER C 75 41.34 -16.27 0.03
CA SER C 75 41.40 -17.73 0.26
C SER C 75 40.24 -18.16 1.16
N ILE C 76 39.89 -19.44 1.06
CA ILE C 76 38.83 -20.08 1.87
C ILE C 76 39.40 -21.30 2.61
N GLY C 77 38.86 -21.54 3.80
CA GLY C 77 39.12 -22.72 4.63
C GLY C 77 38.37 -23.92 4.08
N GLU C 78 38.63 -25.09 4.66
CA GLU C 78 38.00 -26.38 4.28
C GLU C 78 36.48 -26.23 4.44
N GLY C 79 35.68 -26.72 3.48
CA GLY C 79 34.20 -26.80 3.65
C GLY C 79 33.46 -25.51 3.26
N VAL C 80 34.15 -24.39 2.96
CA VAL C 80 33.45 -23.16 2.48
C VAL C 80 32.79 -23.46 1.12
N THR C 81 31.50 -23.14 0.98
CA THR C 81 30.70 -23.41 -0.24
C THR C 81 30.16 -22.12 -0.88
N THR C 82 30.01 -21.02 -0.14
CA THR C 82 29.18 -19.87 -0.60
C THR C 82 30.03 -18.77 -1.25
N VAL C 83 31.35 -18.86 -1.20
CA VAL C 83 32.27 -17.86 -1.80
C VAL C 83 33.49 -18.61 -2.29
N ARG C 84 34.21 -17.99 -3.22
CA ARG C 84 35.45 -18.53 -3.83
C ARG C 84 36.51 -17.43 -3.86
N PRO C 85 37.82 -17.80 -3.93
CA PRO C 85 38.88 -16.83 -4.20
C PRO C 85 38.50 -16.00 -5.42
N GLY C 86 38.68 -14.68 -5.32
CA GLY C 86 38.43 -13.70 -6.38
C GLY C 86 37.03 -13.17 -6.32
N ASP C 87 36.18 -13.74 -5.50
CA ASP C 87 34.79 -13.21 -5.28
C ASP C 87 34.80 -11.87 -4.56
N LYS C 88 33.94 -10.97 -5.03
CA LYS C 88 33.68 -9.74 -4.28
C LYS C 88 32.70 -10.12 -3.17
N VAL C 89 32.99 -9.60 -1.98
CA VAL C 89 32.22 -9.94 -0.75
C VAL C 89 32.01 -8.75 0.15
N ILE C 90 30.96 -8.83 0.95
CA ILE C 90 30.68 -7.87 2.04
C ILE C 90 30.61 -8.69 3.32
N PRO C 91 31.45 -8.34 4.31
CA PRO C 91 31.36 -8.93 5.64
C PRO C 91 30.06 -8.47 6.31
N LEU C 92 29.52 -9.38 7.08
CA LEU C 92 28.18 -9.28 7.72
C LEU C 92 28.35 -9.16 9.23
N PHE C 93 28.16 -7.97 9.77
CA PHE C 93 28.36 -7.78 11.23
C PHE C 93 27.23 -8.44 12.01
N THR C 94 26.07 -8.69 11.38
CA THR C 94 25.03 -9.61 11.91
C THR C 94 25.12 -10.85 11.06
N PRO C 95 25.49 -12.01 11.62
CA PRO C 95 25.63 -13.22 10.81
C PRO C 95 24.25 -13.74 10.35
N GLN C 96 24.25 -14.69 9.43
CA GLN C 96 23.05 -15.49 9.08
C GLN C 96 23.45 -16.96 9.05
N CYS C 97 23.40 -17.64 10.20
CA CYS C 97 23.75 -19.07 10.31
C CYS C 97 22.78 -19.96 9.52
N GLY C 98 21.53 -19.50 9.28
CA GLY C 98 20.50 -20.25 8.53
C GLY C 98 19.83 -21.34 9.36
N LYS C 99 20.29 -21.64 10.58
CA LYS C 99 19.92 -22.84 11.37
C LYS C 99 19.17 -22.47 12.66
N CYS C 100 19.40 -21.29 13.26
CA CYS C 100 18.87 -20.97 14.61
C CYS C 100 17.38 -20.57 14.49
N ARG C 101 16.71 -20.44 15.63
CA ARG C 101 15.26 -20.15 15.65
C ARG C 101 14.98 -18.79 14.97
N VAL C 102 15.91 -17.84 15.14
CA VAL C 102 15.76 -16.49 14.55
C VAL C 102 15.93 -16.59 13.02
N CYS C 103 16.99 -17.26 12.55
CA CYS C 103 17.25 -17.35 11.09
C CYS C 103 16.07 -18.05 10.38
N LYS C 104 15.40 -18.97 11.06
CA LYS C 104 14.23 -19.74 10.57
C LYS C 104 12.92 -18.94 10.67
N HIS C 105 12.85 -17.87 11.45
CA HIS C 105 11.62 -17.08 11.65
C HIS C 105 11.56 -16.08 10.51
N PRO C 106 10.39 -15.86 9.87
CA PRO C 106 10.36 -15.03 8.68
C PRO C 106 10.68 -13.55 8.97
N GLU C 107 10.46 -13.08 10.21
CA GLU C 107 10.63 -11.64 10.56
C GLU C 107 11.94 -11.44 11.31
N GLY C 108 12.59 -12.49 11.79
CA GLY C 108 13.79 -12.28 12.62
C GLY C 108 15.07 -12.14 11.81
N ASN C 109 16.04 -11.33 12.27
CA ASN C 109 17.36 -11.25 11.60
C ASN C 109 18.52 -11.27 12.58
N PHE C 110 18.25 -11.19 13.88
CA PHE C 110 19.31 -11.07 14.92
C PHE C 110 19.74 -12.49 15.28
N CYS C 111 20.46 -13.09 14.33
CA CYS C 111 20.96 -14.49 14.42
C CYS C 111 21.62 -14.74 15.79
N LEU C 112 21.38 -15.90 16.37
CA LEU C 112 21.89 -16.24 17.73
C LEU C 112 23.42 -16.39 17.72
N LYS C 113 24.07 -16.47 16.56
CA LYS C 113 25.58 -16.49 16.50
C LYS C 113 26.19 -15.10 16.54
N ASN C 114 25.39 -14.04 16.71
CA ASN C 114 25.89 -12.64 16.72
C ASN C 114 26.92 -12.45 17.84
N ASP C 115 27.83 -11.49 17.66
CA ASP C 115 28.77 -11.08 18.73
C ASP C 115 28.41 -9.70 19.28
N LEU C 116 27.15 -9.31 19.17
CA LEU C 116 26.69 -7.99 19.64
C LEU C 116 26.17 -8.06 21.06
N SER C 117 25.40 -9.07 21.44
CA SER C 117 24.63 -9.04 22.73
C SER C 117 25.61 -9.16 23.88
N MET C 118 26.60 -10.04 23.73
CA MET C 118 27.59 -10.32 24.78
C MET C 118 28.94 -10.48 24.12
N PRO C 119 29.52 -9.35 23.69
CA PRO C 119 30.68 -9.33 22.81
C PRO C 119 31.91 -10.04 23.40
N ARG C 120 32.42 -11.04 22.69
CA ARG C 120 33.64 -11.81 23.04
C ARG C 120 34.79 -11.33 22.13
N GLY C 121 34.54 -10.75 20.96
CA GLY C 121 35.65 -10.30 20.09
C GLY C 121 36.51 -11.42 19.51
N THR C 122 35.93 -12.54 19.15
CA THR C 122 36.65 -13.72 18.63
C THR C 122 35.97 -14.15 17.33
N MET C 123 36.59 -15.10 16.64
CA MET C 123 35.91 -15.95 15.61
C MET C 123 34.84 -16.82 16.28
N GLN C 124 33.99 -17.47 15.52
CA GLN C 124 32.97 -18.35 16.12
C GLN C 124 33.66 -19.40 16.99
N ASP C 125 34.89 -19.81 16.68
CA ASP C 125 35.52 -20.88 17.51
C ASP C 125 36.14 -20.32 18.80
N GLY C 126 36.02 -19.03 19.14
CA GLY C 126 36.51 -18.47 20.43
C GLY C 126 37.98 -18.05 20.41
N THR C 127 38.61 -18.11 19.25
CA THR C 127 40.01 -17.68 19.04
C THR C 127 40.11 -16.47 18.10
N SER C 128 41.32 -15.92 17.99
CA SER C 128 41.62 -14.72 17.17
C SER C 128 42.52 -15.17 16.02
N ARG C 129 42.34 -14.56 14.86
CA ARG C 129 43.22 -14.77 13.69
C ARG C 129 44.29 -13.69 13.62
N PHE C 130 44.30 -12.78 14.59
CA PHE C 130 45.17 -11.58 14.56
C PHE C 130 46.20 -11.58 15.67
N THR C 131 47.43 -11.26 15.29
CA THR C 131 48.56 -10.97 16.23
C THR C 131 49.16 -9.60 15.94
N CYS C 132 49.56 -8.87 16.98
CA CYS C 132 50.26 -7.60 16.85
C CYS C 132 51.16 -7.44 18.04
N ARG C 133 52.42 -7.16 17.77
CA ARG C 133 53.45 -6.97 18.82
C ARG C 133 53.48 -8.21 19.69
N GLY C 134 53.25 -9.39 19.10
CA GLY C 134 53.33 -10.68 19.81
C GLY C 134 52.03 -11.02 20.53
N LYS C 135 51.02 -10.15 20.51
CA LYS C 135 49.82 -10.37 21.35
C LYS C 135 48.61 -10.67 20.48
N PRO C 136 47.62 -11.48 20.93
CA PRO C 136 46.38 -11.63 20.18
C PRO C 136 45.58 -10.33 20.22
N ILE C 137 44.92 -10.01 19.13
CA ILE C 137 44.05 -8.81 19.00
C ILE C 137 42.63 -9.30 18.75
N HIS C 138 41.66 -8.68 19.41
CA HIS C 138 40.24 -9.04 19.28
C HIS C 138 39.70 -8.69 17.90
N HIS C 139 38.75 -9.51 17.47
CA HIS C 139 37.84 -9.23 16.35
C HIS C 139 36.73 -8.30 16.81
N PHE C 140 36.01 -7.73 15.86
CA PHE C 140 34.87 -6.83 16.13
C PHE C 140 33.68 -7.30 15.33
N LEU C 141 32.62 -7.76 16.01
CA LEU C 141 31.33 -8.25 15.38
C LEU C 141 31.61 -9.26 14.26
N GLY C 142 32.64 -10.07 14.45
CA GLY C 142 33.06 -11.10 13.49
C GLY C 142 33.39 -10.54 12.12
N THR C 143 33.80 -9.30 12.03
CA THR C 143 34.16 -8.64 10.74
C THR C 143 35.62 -8.13 10.78
N SER C 144 35.90 -7.07 11.52
CA SER C 144 37.23 -6.47 11.67
C SER C 144 37.71 -6.05 10.30
N THR C 145 37.21 -4.93 9.81
CA THR C 145 37.47 -4.45 8.43
C THR C 145 38.54 -3.36 8.37
N PHE C 146 39.07 -2.86 9.48
CA PHE C 146 40.11 -1.82 9.46
C PHE C 146 41.47 -2.54 9.39
N SER C 147 41.63 -3.36 8.38
CA SER C 147 42.83 -4.18 8.16
C SER C 147 42.93 -4.47 6.66
N GLN C 148 44.15 -4.60 6.15
CA GLN C 148 44.30 -4.91 4.70
C GLN C 148 43.74 -6.31 4.43
N TYR C 149 43.81 -7.21 5.41
CA TYR C 149 43.22 -8.55 5.33
C TYR C 149 42.49 -8.81 6.63
N THR C 150 41.40 -9.57 6.53
CA THR C 150 40.66 -10.07 7.70
C THR C 150 40.26 -11.51 7.43
N VAL C 151 39.87 -12.17 8.50
CA VAL C 151 39.28 -13.51 8.41
C VAL C 151 37.94 -13.45 9.11
N VAL C 152 36.93 -14.00 8.44
CA VAL C 152 35.53 -14.04 8.93
C VAL C 152 35.01 -15.46 8.82
N ASP C 153 34.09 -15.77 9.70
CA ASP C 153 33.31 -17.02 9.61
C ASP C 153 32.47 -16.96 8.31
N GLU C 154 32.26 -18.08 7.64
CA GLU C 154 31.41 -18.18 6.43
C GLU C 154 29.99 -17.58 6.65
N ILE C 155 29.41 -17.74 7.81
CA ILE C 155 28.05 -17.21 8.07
C ILE C 155 28.11 -15.67 8.20
N SER C 156 29.31 -15.07 8.23
CA SER C 156 29.51 -13.60 8.31
C SER C 156 30.06 -13.03 7.01
N VAL C 157 29.79 -13.65 5.88
CA VAL C 157 30.19 -13.04 4.57
C VAL C 157 29.15 -13.41 3.51
N ALA C 158 28.88 -12.45 2.62
CA ALA C 158 28.01 -12.56 1.43
C ALA C 158 28.82 -12.26 0.16
N LYS C 159 28.66 -13.11 -0.85
CA LYS C 159 29.14 -12.93 -2.22
C LYS C 159 28.22 -11.93 -2.92
N ILE C 160 28.81 -10.93 -3.57
CA ILE C 160 28.06 -9.90 -4.32
C ILE C 160 28.52 -9.84 -5.80
N ASP C 161 27.76 -9.08 -6.58
CA ASP C 161 27.95 -8.91 -8.05
C ASP C 161 29.45 -8.68 -8.32
N ALA C 162 30.04 -9.45 -9.27
CA ALA C 162 31.46 -9.35 -9.66
C ALA C 162 31.74 -7.94 -10.21
N ALA C 163 30.70 -7.25 -10.73
CA ALA C 163 30.82 -5.90 -11.32
C ALA C 163 30.58 -4.77 -10.29
N SER C 164 30.33 -5.06 -8.99
CA SER C 164 30.05 -4.02 -7.96
C SER C 164 31.22 -3.07 -7.83
N PRO C 165 30.95 -1.75 -7.67
CA PRO C 165 31.96 -0.79 -7.22
C PRO C 165 32.13 -0.78 -5.68
N LEU C 166 33.22 -1.40 -5.24
CA LEU C 166 33.38 -1.71 -3.80
C LEU C 166 33.49 -0.40 -3.00
N GLU C 167 33.99 0.70 -3.62
CA GLU C 167 34.19 1.98 -2.93
C GLU C 167 32.81 2.55 -2.59
N LYS C 168 31.73 2.05 -3.17
CA LYS C 168 30.36 2.56 -2.89
C LYS C 168 29.58 1.52 -2.09
N VAL C 169 29.57 0.28 -2.57
CA VAL C 169 28.68 -0.77 -2.02
C VAL C 169 29.10 -1.18 -0.61
N CYS C 170 30.31 -0.86 -0.16
CA CYS C 170 30.66 -1.09 1.26
C CYS C 170 29.58 -0.51 2.21
N LEU C 171 28.92 0.61 1.85
CA LEU C 171 27.87 1.22 2.71
C LEU C 171 26.69 0.24 2.84
N ILE C 172 26.55 -0.75 1.95
CA ILE C 172 25.47 -1.75 2.10
C ILE C 172 25.74 -2.68 3.30
N GLY C 173 26.99 -2.77 3.69
CA GLY C 173 27.41 -3.56 4.86
C GLY C 173 26.95 -2.97 6.18
N CYS C 174 26.54 -1.68 6.22
CA CYS C 174 25.96 -1.17 7.47
C CYS C 174 25.02 0.00 7.22
N GLY C 175 25.51 1.22 7.00
CA GLY C 175 24.73 2.44 7.22
C GLY C 175 23.56 2.57 6.26
N PHE C 176 23.78 2.31 4.98
CA PHE C 176 22.66 2.40 4.01
C PHE C 176 21.59 1.38 4.37
N SER C 177 21.95 0.09 4.47
CA SER C 177 21.00 -1.03 4.67
C SER C 177 20.25 -0.83 5.97
N THR C 178 20.96 -0.37 7.01
CA THR C 178 20.32 -0.18 8.32
C THR C 178 19.22 0.88 8.17
N GLY C 179 19.55 2.04 7.59
CA GLY C 179 18.60 3.18 7.52
C GLY C 179 17.41 2.83 6.62
N TYR C 180 17.73 2.34 5.42
CA TYR C 180 16.71 2.00 4.40
C TYR C 180 15.74 0.95 4.94
N GLY C 181 16.26 -0.17 5.43
CA GLY C 181 15.44 -1.25 6.04
C GLY C 181 14.65 -0.78 7.25
N SER C 182 15.21 0.13 8.06
CA SER C 182 14.44 0.63 9.23
C SER C 182 13.13 1.27 8.75
N ALA C 183 13.15 2.01 7.64
CA ALA C 183 11.96 2.62 7.02
C ALA C 183 11.10 1.56 6.31
N VAL C 184 11.69 0.80 5.40
CA VAL C 184 10.87 0.00 4.44
C VAL C 184 10.45 -1.32 5.06
N LYS C 185 11.21 -1.88 5.99
CA LYS C 185 10.96 -3.25 6.45
C LYS C 185 10.50 -3.25 7.92
N VAL C 186 11.12 -2.45 8.78
CA VAL C 186 10.82 -2.49 10.24
C VAL C 186 9.57 -1.62 10.47
N ALA C 187 9.61 -0.35 10.12
CA ALA C 187 8.47 0.58 10.28
C ALA C 187 7.37 0.21 9.30
N LYS C 188 7.71 -0.22 8.09
CA LYS C 188 6.73 -0.33 6.96
C LYS C 188 6.01 1.01 6.77
N VAL C 189 6.79 2.01 6.41
CA VAL C 189 6.27 3.33 6.03
C VAL C 189 5.25 3.25 4.90
N THR C 190 4.12 3.95 5.08
CA THR C 190 2.96 3.94 4.14
C THR C 190 2.98 5.17 3.24
N GLN C 191 2.46 4.99 2.03
CA GLN C 191 2.32 6.06 1.02
C GLN C 191 1.47 7.16 1.66
N GLY C 192 1.92 8.41 1.56
CA GLY C 192 1.18 9.59 2.04
C GLY C 192 1.35 9.89 3.52
N SER C 193 2.14 9.11 4.25
CA SER C 193 2.36 9.30 5.69
C SER C 193 3.34 10.47 5.94
N THR C 194 3.44 10.84 7.21
CA THR C 194 4.37 11.87 7.74
C THR C 194 5.36 11.11 8.61
N CYS C 195 6.64 11.26 8.31
CA CYS C 195 7.76 10.67 9.02
C CYS C 195 8.58 11.74 9.70
N ALA C 196 9.15 11.41 10.85
CA ALA C 196 10.18 12.25 11.49
C ALA C 196 11.44 11.41 11.67
N VAL C 197 12.57 11.95 11.25
CA VAL C 197 13.89 11.32 11.30
C VAL C 197 14.81 12.17 12.17
N PHE C 198 15.14 11.64 13.33
CA PHE C 198 16.03 12.25 14.32
C PHE C 198 17.44 11.77 14.04
N GLY C 199 18.30 12.68 13.63
CA GLY C 199 19.66 12.38 13.20
C GLY C 199 19.74 12.28 11.71
N LEU C 200 20.61 13.13 11.12
CA LEU C 200 20.77 13.23 9.65
C LEU C 200 22.24 12.96 9.28
N GLY C 201 22.84 11.99 9.97
CA GLY C 201 24.08 11.31 9.50
C GLY C 201 23.79 10.26 8.40
N GLY C 202 24.77 9.47 8.05
CA GLY C 202 24.59 8.49 6.98
C GLY C 202 23.39 7.58 7.18
N VAL C 203 23.16 7.13 8.40
CA VAL C 203 22.06 6.17 8.57
C VAL C 203 20.73 6.95 8.48
N GLY C 204 20.64 8.15 9.09
CA GLY C 204 19.43 8.99 9.07
C GLY C 204 19.07 9.37 7.63
N LEU C 205 20.07 9.75 6.84
CA LEU C 205 19.82 10.00 5.40
C LEU C 205 19.30 8.74 4.71
N SER C 206 19.78 7.55 5.08
CA SER C 206 19.31 6.29 4.47
C SER C 206 17.85 6.01 4.89
N VAL C 207 17.49 6.32 6.13
CA VAL C 207 16.06 6.26 6.58
C VAL C 207 15.24 7.18 5.68
N ILE C 208 15.71 8.42 5.47
CA ILE C 208 14.98 9.40 4.62
C ILE C 208 14.78 8.77 3.24
N MET C 209 15.87 8.26 2.64
CA MET C 209 15.77 7.52 1.35
C MET C 209 14.68 6.46 1.42
N GLY C 210 14.61 5.67 2.49
CA GLY C 210 13.60 4.58 2.58
C GLY C 210 12.18 5.14 2.73
N CYS C 211 12.00 6.18 3.51
CA CYS C 211 10.68 6.84 3.63
C CYS C 211 10.27 7.40 2.26
N LYS C 212 11.17 8.05 1.53
CA LYS C 212 10.83 8.63 0.19
C LYS C 212 10.42 7.49 -0.74
N ALA C 213 11.18 6.40 -0.74
CA ALA C 213 10.93 5.20 -1.56
C ALA C 213 9.57 4.63 -1.23
N ALA C 214 9.17 4.70 0.03
CA ALA C 214 7.86 4.18 0.50
C ALA C 214 6.72 5.14 0.15
N GLY C 215 7.01 6.35 -0.29
CA GLY C 215 6.00 7.32 -0.74
C GLY C 215 5.46 8.14 0.40
N ALA C 216 6.22 8.33 1.46
CA ALA C 216 5.88 9.30 2.55
C ALA C 216 5.56 10.64 1.90
N ALA C 217 4.54 11.35 2.35
CA ALA C 217 4.18 12.69 1.81
C ALA C 217 5.07 13.75 2.49
N ARG C 218 5.45 13.51 3.73
CA ARG C 218 6.22 14.48 4.51
C ARG C 218 7.32 13.72 5.24
N ILE C 219 8.51 14.25 5.24
CA ILE C 219 9.69 13.63 5.91
C ILE C 219 10.39 14.79 6.59
N ILE C 220 10.26 14.82 7.90
CA ILE C 220 10.78 15.92 8.72
C ILE C 220 12.11 15.47 9.31
N GLY C 221 13.22 16.05 8.87
CA GLY C 221 14.51 15.72 9.50
C GLY C 221 14.75 16.60 10.70
N VAL C 222 15.33 16.03 11.74
CA VAL C 222 15.64 16.72 13.00
C VAL C 222 17.13 16.57 13.23
N ASP C 223 17.84 17.69 13.29
CA ASP C 223 19.25 17.65 13.74
C ASP C 223 19.58 18.98 14.43
N ILE C 224 20.46 18.91 15.41
CA ILE C 224 21.01 20.09 16.09
C ILE C 224 22.09 20.72 15.21
N ASN C 225 22.54 20.06 14.16
CA ASN C 225 23.59 20.59 13.26
C ASN C 225 22.87 20.97 11.94
N LYS C 226 22.53 22.24 11.75
CA LYS C 226 21.77 22.69 10.55
C LYS C 226 22.62 22.53 9.28
N ASP C 227 23.95 22.42 9.39
CA ASP C 227 24.76 22.11 8.18
C ASP C 227 24.30 20.81 7.55
N LYS C 228 23.58 19.91 8.28
CA LYS C 228 23.12 18.58 7.78
C LYS C 228 21.85 18.73 6.94
N PHE C 229 21.18 19.89 6.97
CA PHE C 229 19.84 20.00 6.38
C PHE C 229 19.88 19.94 4.86
N ALA C 230 20.88 20.56 4.22
CA ALA C 230 20.87 20.65 2.74
C ALA C 230 20.83 19.23 2.14
N LYS C 231 21.71 18.33 2.62
CA LYS C 231 21.83 16.96 2.07
C LYS C 231 20.53 16.21 2.37
N ALA C 232 19.97 16.36 3.58
CA ALA C 232 18.70 15.68 3.96
C ALA C 232 17.60 16.07 2.97
N LYS C 233 17.54 17.36 2.60
CA LYS C 233 16.56 17.88 1.61
C LYS C 233 16.84 17.24 0.25
N GLU C 234 18.13 17.18 -0.12
CA GLU C 234 18.50 16.62 -1.42
C GLU C 234 17.99 15.18 -1.51
N VAL C 235 18.02 14.40 -0.42
CA VAL C 235 17.66 12.96 -0.54
C VAL C 235 16.18 12.71 -0.16
N GLY C 236 15.40 13.74 0.19
CA GLY C 236 13.95 13.54 0.29
C GLY C 236 13.27 14.20 1.49
N ALA C 237 14.02 14.89 2.38
CA ALA C 237 13.35 15.60 3.49
C ALA C 237 12.54 16.78 2.92
N THR C 238 11.31 16.92 3.38
CA THR C 238 10.39 18.00 2.97
C THR C 238 10.64 19.23 3.84
N GLU C 239 11.12 19.04 5.08
CA GLU C 239 11.27 20.08 6.14
C GLU C 239 12.40 19.58 7.03
N CYS C 240 13.18 20.52 7.55
CA CYS C 240 14.22 20.28 8.58
C CYS C 240 13.98 21.21 9.76
N VAL C 241 14.09 20.64 10.97
CA VAL C 241 13.92 21.41 12.21
C VAL C 241 15.13 21.17 13.09
N ASN C 242 15.63 22.26 13.65
CA ASN C 242 16.71 22.29 14.66
C ASN C 242 16.06 22.58 16.00
N PRO C 243 16.06 21.60 16.92
CA PRO C 243 15.49 21.82 18.25
C PRO C 243 16.01 23.07 18.96
N GLN C 244 17.25 23.47 18.65
CA GLN C 244 17.92 24.64 19.28
C GLN C 244 17.18 25.92 18.92
N ASP C 245 16.35 25.94 17.87
CA ASP C 245 15.71 27.18 17.34
C ASP C 245 14.44 27.49 18.14
N TYR C 246 13.97 26.56 18.95
CA TYR C 246 12.64 26.61 19.59
C TYR C 246 12.77 26.81 21.10
N LYS C 247 11.74 27.40 21.69
CA LYS C 247 11.62 27.68 23.14
C LYS C 247 10.78 26.59 23.80
N LYS C 248 10.31 25.61 23.02
CA LYS C 248 9.53 24.46 23.53
C LYS C 248 10.21 23.17 23.10
N PRO C 249 9.88 22.05 23.76
CA PRO C 249 10.45 20.75 23.43
C PRO C 249 10.07 20.34 22.00
N ILE C 250 10.98 19.65 21.33
CA ILE C 250 10.78 19.33 19.90
C ILE C 250 9.58 18.38 19.71
N GLN C 251 9.26 17.50 20.66
CA GLN C 251 8.08 16.59 20.44
C GLN C 251 6.82 17.42 20.32
N GLU C 252 6.73 18.56 21.02
CA GLU C 252 5.54 19.45 20.94
C GLU C 252 5.53 20.16 19.58
N VAL C 253 6.69 20.61 19.14
CA VAL C 253 6.86 21.23 17.79
C VAL C 253 6.44 20.23 16.72
N LEU C 254 6.93 19.00 16.78
CA LEU C 254 6.61 18.00 15.74
C LEU C 254 5.12 17.62 15.82
N THR C 255 4.55 17.52 17.03
CA THR C 255 3.11 17.20 17.23
C THR C 255 2.28 18.31 16.55
N GLU C 256 2.63 19.60 16.77
CA GLU C 256 1.94 20.78 16.16
C GLU C 256 2.07 20.70 14.63
N MET C 257 3.30 20.53 14.15
CA MET C 257 3.58 20.48 12.68
C MET C 257 2.79 19.38 11.97
N SER C 258 2.59 18.23 12.61
CA SER C 258 1.95 17.02 12.02
C SER C 258 0.49 16.95 12.44
N ASN C 259 -0.06 18.03 12.98
CA ASN C 259 -1.51 18.09 13.29
C ASN C 259 -1.92 16.90 14.17
N GLY C 260 -1.11 16.61 15.20
CA GLY C 260 -1.44 15.65 16.26
C GLY C 260 -0.45 14.51 16.36
N GLY C 261 0.68 14.58 15.68
CA GLY C 261 1.75 13.56 15.76
C GLY C 261 2.01 12.89 14.44
N VAL C 262 3.23 12.35 14.27
CA VAL C 262 3.61 11.68 13.00
C VAL C 262 3.12 10.23 12.94
N ASP C 263 3.10 9.71 11.73
CA ASP C 263 2.80 8.28 11.45
C ASP C 263 3.99 7.42 11.88
N PHE C 264 5.21 7.86 11.55
CA PHE C 264 6.45 7.08 11.79
C PHE C 264 7.55 8.00 12.28
N SER C 265 8.19 7.61 13.37
CA SER C 265 9.37 8.35 13.87
C SER C 265 10.54 7.39 13.96
N PHE C 266 11.73 7.95 13.81
CA PHE C 266 13.01 7.19 13.81
C PHE C 266 14.00 7.91 14.70
N GLU C 267 14.58 7.17 15.66
CA GLU C 267 15.72 7.72 16.44
C GLU C 267 16.96 7.19 15.75
N VAL C 268 17.78 8.07 15.18
CA VAL C 268 18.99 7.67 14.40
C VAL C 268 20.21 8.41 14.96
N ILE C 269 20.33 8.45 16.29
CA ILE C 269 21.40 9.20 16.99
C ILE C 269 22.13 8.31 17.98
N GLY C 270 21.38 7.72 18.92
CA GLY C 270 21.90 6.88 20.04
C GLY C 270 21.90 7.64 21.36
N ARG C 271 20.85 8.41 21.62
CA ARG C 271 20.70 9.13 22.88
C ARG C 271 19.41 8.65 23.53
N LEU C 272 19.45 8.45 24.83
CA LEU C 272 18.26 7.99 25.58
C LEU C 272 17.14 9.01 25.45
N ASP C 273 17.45 10.32 25.52
CA ASP C 273 16.42 11.39 25.53
C ASP C 273 15.74 11.50 24.17
N THR C 274 16.47 11.37 23.05
CA THR C 274 15.82 11.43 21.72
C THR C 274 15.03 10.14 21.47
N MET C 275 15.39 9.03 22.11
CA MET C 275 14.57 7.82 21.93
C MET C 275 13.17 8.09 22.46
N VAL C 276 13.09 8.71 23.62
CA VAL C 276 11.78 8.98 24.28
C VAL C 276 11.06 10.11 23.51
N THR C 277 11.78 11.13 23.11
CA THR C 277 11.24 12.25 22.30
C THR C 277 10.67 11.67 20.99
N ALA C 278 11.37 10.78 20.30
CA ALA C 278 10.89 10.24 19.00
C ALA C 278 9.63 9.45 19.23
N LEU C 279 9.56 8.69 20.31
CA LEU C 279 8.33 7.95 20.62
C LEU C 279 7.20 8.96 20.84
N SER C 280 7.45 9.96 21.68
CA SER C 280 6.42 10.94 22.08
C SER C 280 5.85 11.67 20.84
N CYS C 281 6.66 11.92 19.78
CA CYS C 281 6.23 12.78 18.66
C CYS C 281 5.41 11.95 17.66
N CYS C 282 5.34 10.62 17.77
CA CYS C 282 4.44 9.81 16.90
C CYS C 282 3.01 9.81 17.50
N GLN C 283 2.01 9.76 16.62
CA GLN C 283 0.60 9.92 16.98
C GLN C 283 0.23 8.88 18.06
N GLU C 284 -0.41 9.32 19.14
CA GLU C 284 -0.57 8.53 20.40
C GLU C 284 -1.37 7.24 20.19
N ALA C 285 -2.25 7.21 19.17
CA ALA C 285 -3.18 6.08 18.93
C ALA C 285 -2.67 5.09 17.89
N TYR C 286 -1.87 5.51 16.90
CA TYR C 286 -1.51 4.60 15.80
C TYR C 286 -0.09 4.84 15.33
N GLY C 287 0.66 5.73 16.01
CA GLY C 287 2.04 6.02 15.64
C GLY C 287 2.95 4.82 15.84
N VAL C 288 4.05 4.81 15.10
CA VAL C 288 5.12 3.79 15.22
C VAL C 288 6.43 4.58 15.35
N SER C 289 7.28 4.20 16.31
CA SER C 289 8.62 4.75 16.49
C SER C 289 9.61 3.61 16.42
N VAL C 290 10.65 3.78 15.61
CA VAL C 290 11.75 2.78 15.47
C VAL C 290 13.05 3.32 16.07
N ILE C 291 13.64 2.58 17.01
CA ILE C 291 14.97 2.98 17.54
C ILE C 291 16.01 2.37 16.62
N VAL C 292 16.89 3.20 16.08
CA VAL C 292 17.99 2.71 15.20
C VAL C 292 19.32 3.03 15.87
N GLY C 293 19.43 4.17 16.52
CA GLY C 293 20.66 4.59 17.20
C GLY C 293 21.05 3.67 18.32
N VAL C 294 22.35 3.58 18.54
CA VAL C 294 22.92 2.65 19.54
C VAL C 294 23.11 3.44 20.81
N PRO C 295 22.44 3.05 21.91
CA PRO C 295 22.55 3.75 23.18
C PRO C 295 23.85 3.49 23.93
N PRO C 296 24.23 4.35 24.90
CA PRO C 296 25.47 4.16 25.64
C PRO C 296 25.33 2.93 26.57
N ASP C 297 26.39 2.17 26.66
CA ASP C 297 26.41 0.83 27.33
C ASP C 297 25.74 0.91 28.70
N SER C 298 24.78 0.02 28.94
CA SER C 298 24.27 -0.39 30.26
C SER C 298 23.25 0.60 30.77
N GLN C 299 23.04 1.74 30.09
CA GLN C 299 22.22 2.84 30.65
C GLN C 299 20.76 2.64 30.28
N ASN C 300 19.86 2.99 31.21
CA ASN C 300 18.42 2.80 31.05
C ASN C 300 17.82 4.16 30.70
N LEU C 301 16.83 4.17 29.83
CA LEU C 301 15.93 5.32 29.63
C LEU C 301 14.76 5.22 30.62
N SER C 302 14.14 6.36 30.82
CA SER C 302 12.98 6.57 31.70
C SER C 302 11.82 7.06 30.83
N MET C 303 10.67 6.44 30.91
CA MET C 303 9.50 6.85 30.11
C MET C 303 8.20 6.49 30.81
N ASN C 304 7.18 7.19 30.39
CA ASN C 304 5.81 7.01 30.89
C ASN C 304 5.11 5.99 30.00
N PRO C 305 4.73 4.83 30.54
CA PRO C 305 4.10 3.78 29.72
C PRO C 305 2.71 4.13 29.19
N MET C 306 2.08 5.22 29.66
CA MET C 306 0.87 5.78 29.01
C MET C 306 1.15 6.17 27.55
N LEU C 307 2.42 6.41 27.19
CA LEU C 307 2.75 6.70 25.76
C LEU C 307 2.39 5.45 24.93
N LEU C 308 2.56 4.23 25.48
CA LEU C 308 2.26 3.00 24.75
C LEU C 308 0.78 2.65 24.92
N LEU C 309 0.24 2.80 26.13
CA LEU C 309 -1.12 2.29 26.40
C LEU C 309 -2.12 2.93 25.42
N SER C 310 -1.92 4.18 25.02
CA SER C 310 -2.83 4.90 24.09
C SER C 310 -2.86 4.20 22.72
N GLY C 311 -1.81 3.46 22.33
CA GLY C 311 -1.83 2.73 21.05
C GLY C 311 -0.51 2.77 20.30
N ARG C 312 0.46 3.53 20.74
CA ARG C 312 1.76 3.63 20.04
C ARG C 312 2.44 2.26 19.99
N THR C 313 3.26 2.10 18.95
CA THR C 313 4.12 0.93 18.78
C THR C 313 5.59 1.40 18.81
N TRP C 314 6.41 0.69 19.55
CA TRP C 314 7.84 1.02 19.72
C TRP C 314 8.64 -0.20 19.34
N LYS C 315 9.57 -0.03 18.42
CA LYS C 315 10.30 -1.16 17.80
C LYS C 315 11.76 -0.72 17.75
N GLY C 316 12.67 -1.68 17.75
CA GLY C 316 14.07 -1.41 17.38
C GLY C 316 14.49 -2.43 16.35
N ALA C 317 15.66 -2.24 15.74
CA ALA C 317 16.22 -3.26 14.84
C ALA C 317 17.73 -3.05 14.69
N ILE C 318 18.37 -4.17 14.45
CA ILE C 318 19.78 -4.22 13.96
C ILE C 318 19.72 -4.34 12.44
N PHE C 319 20.57 -3.64 11.74
CA PHE C 319 20.78 -3.82 10.28
C PHE C 319 19.46 -3.68 9.50
N GLY C 320 18.57 -2.78 9.91
CA GLY C 320 17.33 -2.51 9.14
C GLY C 320 16.39 -3.72 9.10
N GLY C 321 16.56 -4.67 10.03
CA GLY C 321 15.79 -5.94 10.06
C GLY C 321 16.10 -6.92 8.92
N PHE C 322 17.10 -6.65 8.11
CA PHE C 322 17.46 -7.50 6.97
C PHE C 322 18.15 -8.77 7.48
N LYS C 323 17.68 -9.94 7.04
CA LYS C 323 18.46 -11.19 7.17
C LYS C 323 19.71 -11.03 6.27
N SER C 324 20.88 -11.02 6.88
CA SER C 324 22.06 -10.35 6.26
C SER C 324 22.53 -11.05 4.97
N LYS C 325 22.65 -12.37 4.98
CA LYS C 325 23.31 -13.08 3.85
C LYS C 325 22.34 -13.19 2.67
N ASP C 326 21.02 -13.35 2.93
CA ASP C 326 19.97 -13.26 1.87
C ASP C 326 19.93 -11.85 1.32
N SER C 327 20.02 -10.83 2.17
CA SER C 327 19.65 -9.45 1.76
C SER C 327 20.81 -8.71 1.09
N VAL C 328 22.05 -8.84 1.58
CA VAL C 328 23.13 -7.96 1.09
C VAL C 328 23.27 -8.16 -0.42
N PRO C 329 23.25 -9.39 -0.96
CA PRO C 329 23.42 -9.51 -2.42
C PRO C 329 22.28 -8.88 -3.23
N LYS C 330 21.05 -8.96 -2.72
CA LYS C 330 19.86 -8.33 -3.36
C LYS C 330 20.00 -6.83 -3.29
N LEU C 331 20.45 -6.31 -2.14
CA LEU C 331 20.68 -4.84 -2.03
C LEU C 331 21.73 -4.42 -3.04
N VAL C 332 22.86 -5.11 -3.15
CA VAL C 332 23.86 -4.74 -4.20
C VAL C 332 23.23 -4.81 -5.60
N ALA C 333 22.50 -5.88 -5.91
CA ALA C 333 21.79 -6.02 -7.21
C ALA C 333 20.84 -4.82 -7.43
N ASP C 334 20.13 -4.36 -6.40
CA ASP C 334 19.24 -3.18 -6.55
C ASP C 334 20.03 -1.91 -6.79
N PHE C 335 21.20 -1.76 -6.16
CA PHE C 335 22.07 -0.61 -6.40
C PHE C 335 22.50 -0.66 -7.85
N MET C 336 22.86 -1.86 -8.35
CA MET C 336 23.40 -2.00 -9.72
C MET C 336 22.28 -1.61 -10.70
N ALA C 337 21.03 -1.84 -10.31
CA ALA C 337 19.82 -1.52 -11.09
C ALA C 337 19.28 -0.14 -10.75
N LYS C 338 20.04 0.69 -10.05
CA LYS C 338 19.77 2.13 -9.77
C LYS C 338 18.46 2.27 -8.99
N LYS C 339 18.14 1.33 -8.10
CA LYS C 339 16.93 1.45 -7.23
C LYS C 339 17.14 2.47 -6.10
N PHE C 340 18.38 2.82 -5.77
CA PHE C 340 18.75 3.83 -4.73
C PHE C 340 20.17 4.34 -5.02
N ALA C 341 20.53 5.44 -4.38
CA ALA C 341 21.81 6.17 -4.58
C ALA C 341 22.65 6.05 -3.30
N LEU C 342 23.94 5.87 -3.47
CA LEU C 342 24.89 5.80 -2.34
C LEU C 342 25.81 7.02 -2.41
N ASP C 343 26.04 7.63 -3.59
CA ASP C 343 26.92 8.82 -3.68
C ASP C 343 26.48 9.90 -2.70
N PRO C 344 25.18 10.20 -2.43
CA PRO C 344 24.89 11.31 -1.52
C PRO C 344 25.37 11.09 -0.10
N LEU C 345 25.67 9.84 0.28
CA LEU C 345 26.19 9.51 1.65
C LEU C 345 27.70 9.70 1.72
N ILE C 346 28.39 9.69 0.58
CA ILE C 346 29.87 9.69 0.58
C ILE C 346 30.34 11.14 0.45
N THR C 347 30.92 11.70 1.49
CA THR C 347 31.36 13.10 1.52
C THR C 347 32.88 13.19 1.40
N HIS C 348 33.61 12.15 1.80
CA HIS C 348 35.07 12.19 1.95
C HIS C 348 35.67 10.86 1.53
N VAL C 349 36.85 10.89 0.93
CA VAL C 349 37.56 9.66 0.48
C VAL C 349 39.01 9.83 0.89
N LEU C 350 39.50 8.88 1.66
CA LEU C 350 40.87 8.96 2.19
C LEU C 350 41.52 7.61 2.01
N PRO C 351 42.84 7.56 1.91
CA PRO C 351 43.49 6.26 2.00
C PRO C 351 43.32 5.73 3.44
N PHE C 352 43.35 4.41 3.58
CA PHE C 352 43.27 3.71 4.88
C PHE C 352 44.26 4.29 5.90
N GLU C 353 45.50 4.59 5.51
CA GLU C 353 46.53 5.14 6.46
C GLU C 353 46.03 6.42 7.15
N LYS C 354 45.04 7.12 6.59
CA LYS C 354 44.48 8.39 7.14
C LYS C 354 43.19 8.12 7.92
N ILE C 355 43.02 6.92 8.44
CA ILE C 355 41.82 6.54 9.24
C ILE C 355 41.57 7.57 10.36
N ASN C 356 42.60 7.95 11.12
CA ASN C 356 42.39 8.89 12.26
C ASN C 356 41.80 10.21 11.76
N GLU C 357 42.30 10.71 10.64
CA GLU C 357 41.75 11.94 10.02
C GLU C 357 40.25 11.69 9.70
N GLY C 358 39.89 10.55 9.16
CA GLY C 358 38.48 10.26 8.81
C GLY C 358 37.59 10.16 10.05
N PHE C 359 38.12 9.70 11.18
CA PHE C 359 37.38 9.76 12.46
C PHE C 359 37.27 11.22 12.95
N ASP C 360 38.32 12.02 12.80
CA ASP C 360 38.25 13.47 13.12
C ASP C 360 37.12 14.18 12.33
N LEU C 361 36.96 13.83 11.05
CA LEU C 361 35.92 14.44 10.18
C LEU C 361 34.54 14.06 10.73
N LEU C 362 34.44 12.81 11.17
CA LEU C 362 33.11 12.37 11.69
C LEU C 362 32.83 13.14 12.98
N ARG C 363 33.78 13.18 13.90
CA ARG C 363 33.57 13.77 15.25
C ARG C 363 33.35 15.30 15.18
N SER C 364 33.94 15.94 14.18
CA SER C 364 33.87 17.40 13.94
C SER C 364 32.48 17.74 13.41
N GLY C 365 31.72 16.76 12.90
CA GLY C 365 30.41 17.02 12.25
C GLY C 365 30.52 17.27 10.77
N GLU C 366 31.73 17.31 10.22
CA GLU C 366 31.94 17.78 8.84
C GLU C 366 31.52 16.69 7.83
N SER C 367 31.69 15.42 8.16
CA SER C 367 31.39 14.32 7.20
C SER C 367 30.04 13.66 7.41
N ILE C 368 29.66 12.93 6.36
CA ILE C 368 28.63 11.86 6.44
C ILE C 368 29.38 10.53 6.45
N ARG C 369 29.66 9.94 5.30
CA ARG C 369 30.57 8.76 5.29
C ARG C 369 31.90 9.15 4.64
N THR C 370 32.99 8.86 5.34
CA THR C 370 34.34 8.81 4.76
C THR C 370 34.53 7.36 4.34
N ILE C 371 34.96 7.16 3.12
CA ILE C 371 35.32 5.81 2.61
C ILE C 371 36.85 5.75 2.55
N LEU C 372 37.40 4.74 3.21
CA LEU C 372 38.84 4.43 3.23
C LEU C 372 39.17 3.43 2.13
N THR C 373 40.23 3.73 1.40
CA THR C 373 40.74 2.91 0.28
C THR C 373 42.02 2.20 0.74
N PHE C 374 42.06 0.91 0.53
CA PHE C 374 43.23 0.07 0.87
C PHE C 374 44.29 0.11 -0.23
N SER D 1 -42.41 9.34 30.91
CA SER D 1 -43.03 10.23 31.97
C SER D 1 -41.91 10.93 32.76
N THR D 2 -40.70 10.33 32.86
CA THR D 2 -39.49 11.02 33.42
C THR D 2 -38.77 11.83 32.33
N ALA D 3 -39.16 11.70 31.06
CA ALA D 3 -38.51 12.41 29.94
C ALA D 3 -38.64 13.93 30.19
N GLY D 4 -37.54 14.64 30.13
CA GLY D 4 -37.53 16.10 30.34
C GLY D 4 -37.36 16.48 31.80
N LYS D 5 -37.47 15.50 32.73
CA LYS D 5 -37.43 15.78 34.18
C LYS D 5 -36.12 15.30 34.78
N VAL D 6 -35.71 15.98 35.85
CA VAL D 6 -34.68 15.48 36.78
C VAL D 6 -35.16 14.15 37.36
N ILE D 7 -34.28 13.15 37.35
CA ILE D 7 -34.53 11.85 38.02
C ILE D 7 -33.77 11.87 39.34
N LYS D 8 -34.47 11.51 40.42
CA LYS D 8 -33.85 11.29 41.75
C LYS D 8 -33.64 9.80 41.85
N CYS D 9 -32.42 9.36 42.06
CA CYS D 9 -32.12 7.91 42.09
C CYS D 9 -30.91 7.71 42.99
N LYS D 10 -30.52 6.46 43.22
CA LYS D 10 -29.33 6.13 44.00
C LYS D 10 -28.13 6.01 43.06
N ALA D 11 -26.98 6.42 43.56
CA ALA D 11 -25.70 6.18 42.89
C ALA D 11 -24.65 5.91 43.96
N ALA D 12 -23.53 5.35 43.55
CA ALA D 12 -22.38 5.12 44.42
C ALA D 12 -21.39 6.24 44.19
N VAL D 13 -21.28 7.12 45.16
CA VAL D 13 -20.43 8.32 45.02
C VAL D 13 -19.10 8.04 45.72
N LEU D 14 -18.01 8.39 45.06
CA LEU D 14 -16.71 8.31 45.73
C LEU D 14 -16.34 9.75 46.01
N TRP D 15 -16.40 10.16 47.28
CA TRP D 15 -16.11 11.52 47.75
C TRP D 15 -14.61 11.79 47.87
N GLU D 16 -13.82 10.78 48.21
CA GLU D 16 -12.34 10.93 48.31
C GLU D 16 -11.68 9.58 48.09
N GLU D 17 -10.38 9.61 47.78
CA GLU D 17 -9.65 8.35 47.57
C GLU D 17 -9.63 7.55 48.89
N LYS D 18 -9.47 6.23 48.76
CA LYS D 18 -9.22 5.26 49.85
C LYS D 18 -10.41 5.27 50.82
N LYS D 19 -11.62 5.48 50.31
CA LYS D 19 -12.86 5.33 51.11
C LYS D 19 -13.80 4.40 50.39
N PRO D 20 -14.74 3.78 51.12
CA PRO D 20 -15.80 3.03 50.47
C PRO D 20 -16.65 3.98 49.62
N PHE D 21 -17.31 3.41 48.62
CA PHE D 21 -18.38 4.09 47.88
C PHE D 21 -19.50 4.37 48.85
N SER D 22 -20.12 5.53 48.72
CA SER D 22 -21.26 5.97 49.55
C SER D 22 -22.51 5.90 48.65
N ILE D 23 -23.46 5.05 49.00
CA ILE D 23 -24.75 4.98 48.29
C ILE D 23 -25.57 6.19 48.73
N GLU D 24 -25.77 7.11 47.80
CA GLU D 24 -26.40 8.43 48.02
C GLU D 24 -27.56 8.60 47.07
N GLU D 25 -28.55 9.41 47.47
CA GLU D 25 -29.51 10.00 46.53
C GLU D 25 -28.81 11.08 45.69
N VAL D 26 -28.88 10.92 44.40
CA VAL D 26 -28.39 11.91 43.41
C VAL D 26 -29.55 12.40 42.56
N GLU D 27 -29.35 13.57 41.95
CA GLU D 27 -30.24 14.10 40.91
C GLU D 27 -29.51 13.92 39.57
N VAL D 28 -30.19 13.33 38.61
CA VAL D 28 -29.66 13.14 37.24
C VAL D 28 -30.46 14.06 36.34
N ALA D 29 -29.81 15.04 35.79
CA ALA D 29 -30.38 15.99 34.85
C ALA D 29 -30.86 15.26 33.59
N PRO D 30 -31.86 15.81 32.89
CA PRO D 30 -32.27 15.28 31.61
C PRO D 30 -31.15 15.53 30.61
N PRO D 31 -31.10 14.72 29.56
CA PRO D 31 -30.07 14.89 28.54
C PRO D 31 -30.27 16.16 27.71
N LYS D 32 -29.15 16.78 27.41
CA LYS D 32 -29.10 17.95 26.52
C LYS D 32 -28.92 17.41 25.10
N ALA D 33 -28.66 18.30 24.18
CA ALA D 33 -28.50 17.97 22.74
C ALA D 33 -27.44 16.84 22.60
N HIS D 34 -27.72 15.81 21.79
CA HIS D 34 -26.71 14.77 21.49
C HIS D 34 -26.30 14.02 22.76
N GLU D 35 -27.17 13.97 23.77
CA GLU D 35 -26.92 13.17 24.99
C GLU D 35 -28.03 12.14 25.16
N VAL D 36 -27.70 11.11 25.93
CA VAL D 36 -28.57 9.91 26.13
C VAL D 36 -28.66 9.61 27.63
N ARG D 37 -29.86 9.49 28.16
CA ARG D 37 -30.05 9.07 29.57
C ARG D 37 -30.42 7.61 29.56
N ILE D 38 -29.69 6.82 30.33
CA ILE D 38 -29.72 5.34 30.34
C ILE D 38 -30.15 4.85 31.71
N LYS D 39 -31.14 3.97 31.76
CA LYS D 39 -31.45 3.23 33.00
C LYS D 39 -30.50 2.02 33.06
N MET D 40 -29.66 1.97 34.08
CA MET D 40 -28.67 0.89 34.19
C MET D 40 -29.37 -0.42 34.56
N VAL D 41 -28.88 -1.48 33.93
CA VAL D 41 -29.38 -2.83 34.22
C VAL D 41 -28.28 -3.66 34.86
N ALA D 42 -27.04 -3.54 34.40
CA ALA D 42 -25.94 -4.34 34.96
C ALA D 42 -24.63 -3.60 34.79
N THR D 43 -23.72 -3.74 35.75
CA THR D 43 -22.38 -3.10 35.69
C THR D 43 -21.36 -4.02 36.36
N GLY D 44 -20.26 -4.28 35.66
CA GLY D 44 -19.16 -5.05 36.23
C GLY D 44 -18.25 -4.22 37.10
N ILE D 45 -17.51 -4.88 37.98
CA ILE D 45 -16.44 -4.22 38.79
C ILE D 45 -15.11 -4.54 38.13
N CYS D 46 -14.51 -3.54 37.50
CA CYS D 46 -13.23 -3.61 36.78
C CYS D 46 -12.14 -3.10 37.74
N ARG D 47 -10.93 -3.68 37.71
CA ARG D 47 -9.80 -3.17 38.51
C ARG D 47 -9.58 -1.63 38.29
N SER D 48 -9.82 -1.07 37.09
CA SER D 48 -9.62 0.36 36.78
C SER D 48 -10.49 1.18 37.76
N ASP D 49 -11.68 0.71 38.06
CA ASP D 49 -12.58 1.43 39.01
C ASP D 49 -11.87 1.47 40.36
N ASP D 50 -11.25 0.37 40.79
CA ASP D 50 -10.49 0.33 42.06
C ASP D 50 -9.27 1.27 42.02
N HIS D 51 -8.62 1.40 40.88
CA HIS D 51 -7.50 2.34 40.67
C HIS D 51 -7.95 3.76 41.05
N VAL D 52 -9.20 4.12 40.77
CA VAL D 52 -9.65 5.47 41.14
C VAL D 52 -9.69 5.54 42.67
N VAL D 53 -10.19 4.53 43.33
CA VAL D 53 -10.24 4.51 44.82
C VAL D 53 -8.82 4.58 45.36
N SER D 54 -7.92 3.79 44.80
CA SER D 54 -6.56 3.69 45.37
C SER D 54 -5.75 4.94 45.03
N GLY D 55 -6.23 5.81 44.10
CA GLY D 55 -5.49 7.02 43.64
C GLY D 55 -4.44 6.70 42.57
N THR D 56 -4.36 5.43 42.13
CA THR D 56 -3.47 4.95 41.03
C THR D 56 -3.89 5.57 39.70
N LEU D 57 -5.20 5.71 39.51
CA LEU D 57 -5.78 6.40 38.33
C LEU D 57 -6.43 7.70 38.83
N VAL D 58 -5.93 8.83 38.36
CA VAL D 58 -6.38 10.17 38.80
C VAL D 58 -7.50 10.61 37.88
N THR D 59 -8.60 11.01 38.49
CA THR D 59 -9.75 11.60 37.78
C THR D 59 -10.42 12.47 38.82
N PRO D 60 -10.99 13.61 38.44
CA PRO D 60 -11.56 14.55 39.40
C PRO D 60 -12.61 13.92 40.33
N LEU D 61 -12.49 14.27 41.61
CA LEU D 61 -13.38 13.76 42.68
C LEU D 61 -14.18 14.96 43.16
N PRO D 62 -15.38 14.78 43.72
CA PRO D 62 -16.03 13.50 43.83
C PRO D 62 -16.53 12.98 42.49
N VAL D 63 -16.80 11.68 42.42
CA VAL D 63 -17.05 11.01 41.11
C VAL D 63 -18.03 9.86 41.29
N ILE D 64 -18.84 9.65 40.26
CA ILE D 64 -19.56 8.37 40.03
C ILE D 64 -18.72 7.54 39.04
N ALA D 65 -18.03 6.52 39.58
CA ALA D 65 -17.18 5.64 38.74
C ALA D 65 -18.06 4.56 38.07
N GLY D 66 -17.43 3.50 37.57
CA GLY D 66 -18.18 2.54 36.73
C GLY D 66 -18.09 2.82 35.25
N HIS D 67 -17.62 1.84 34.45
CA HIS D 67 -17.48 2.04 32.99
C HIS D 67 -17.79 0.78 32.17
N GLU D 68 -18.11 -0.33 32.82
CA GLU D 68 -18.35 -1.66 32.18
C GLU D 68 -19.80 -2.01 32.48
N ALA D 69 -20.72 -1.73 31.58
CA ALA D 69 -22.16 -1.77 31.93
C ALA D 69 -23.03 -1.96 30.70
N ALA D 70 -24.32 -2.20 30.95
CA ALA D 70 -25.37 -2.26 29.91
C ALA D 70 -26.68 -1.75 30.52
N GLY D 71 -27.51 -1.12 29.71
CA GLY D 71 -28.74 -0.51 30.25
C GLY D 71 -29.74 -0.37 29.14
N ILE D 72 -30.81 0.35 29.42
CA ILE D 72 -31.89 0.61 28.44
C ILE D 72 -32.04 2.12 28.42
N VAL D 73 -32.14 2.69 27.22
CA VAL D 73 -32.31 4.15 27.03
C VAL D 73 -33.67 4.56 27.63
N GLU D 74 -33.63 5.52 28.56
CA GLU D 74 -34.83 6.12 29.17
C GLU D 74 -35.25 7.31 28.31
N SER D 75 -34.33 8.14 27.85
CA SER D 75 -34.67 9.30 27.00
C SER D 75 -33.46 9.77 26.18
N ILE D 76 -33.75 10.50 25.11
CA ILE D 76 -32.66 11.08 24.26
C ILE D 76 -32.86 12.58 24.18
N GLY D 77 -31.74 13.29 24.09
CA GLY D 77 -31.71 14.72 23.77
C GLY D 77 -32.01 14.99 22.31
N GLU D 78 -32.20 16.28 22.04
CA GLU D 78 -32.42 16.84 20.69
C GLU D 78 -31.22 16.41 19.82
N GLY D 79 -31.52 15.95 18.61
CA GLY D 79 -30.50 15.67 17.58
C GLY D 79 -29.89 14.27 17.69
N VAL D 80 -30.25 13.45 18.71
CA VAL D 80 -29.75 12.04 18.83
C VAL D 80 -30.41 11.23 17.75
N THR D 81 -29.60 10.49 17.00
CA THR D 81 -30.09 9.68 15.85
C THR D 81 -29.80 8.19 16.01
N THR D 82 -28.82 7.79 16.82
CA THR D 82 -28.30 6.40 16.75
C THR D 82 -28.93 5.49 17.82
N VAL D 83 -29.68 6.01 18.77
CA VAL D 83 -30.37 5.13 19.76
C VAL D 83 -31.73 5.78 20.02
N ARG D 84 -32.68 5.03 20.53
CA ARG D 84 -34.04 5.55 20.83
C ARG D 84 -34.45 5.03 22.22
N PRO D 85 -35.43 5.69 22.89
CA PRO D 85 -35.96 5.15 24.13
C PRO D 85 -36.29 3.66 23.94
N GLY D 86 -35.94 2.82 24.92
CA GLY D 86 -36.22 1.39 24.96
C GLY D 86 -35.10 0.56 24.38
N ASP D 87 -34.14 1.17 23.69
CA ASP D 87 -33.02 0.39 23.12
C ASP D 87 -32.11 -0.08 24.26
N LYS D 88 -31.57 -1.27 24.12
CA LYS D 88 -30.46 -1.79 24.94
C LYS D 88 -29.17 -1.14 24.41
N VAL D 89 -28.33 -0.65 25.34
CA VAL D 89 -27.09 0.10 25.02
C VAL D 89 -25.96 -0.39 25.94
N ILE D 90 -24.73 -0.33 25.42
CA ILE D 90 -23.48 -0.37 26.23
C ILE D 90 -22.81 0.99 26.12
N PRO D 91 -22.59 1.67 27.26
CA PRO D 91 -21.79 2.87 27.26
C PRO D 91 -20.37 2.50 26.82
N LEU D 92 -19.74 3.43 26.12
CA LEU D 92 -18.37 3.27 25.57
C LEU D 92 -17.41 4.21 26.34
N PHE D 93 -16.52 3.63 27.15
CA PHE D 93 -15.57 4.45 27.93
C PHE D 93 -14.52 5.07 26.98
N THR D 94 -14.33 4.48 25.82
CA THR D 94 -13.58 5.05 24.70
C THR D 94 -14.62 5.48 23.69
N PRO D 95 -14.86 6.79 23.43
CA PRO D 95 -15.86 7.14 22.44
C PRO D 95 -15.41 6.84 20.99
N GLN D 96 -16.37 6.97 20.08
CA GLN D 96 -16.06 6.98 18.63
C GLN D 96 -16.83 8.09 17.95
N CYS D 97 -16.24 9.28 17.87
CA CYS D 97 -16.90 10.45 17.25
C CYS D 97 -17.07 10.21 15.75
N GLY D 98 -16.16 9.44 15.15
CA GLY D 98 -16.24 9.09 13.70
C GLY D 98 -15.74 10.20 12.78
N LYS D 99 -15.24 11.34 13.30
CA LYS D 99 -14.86 12.53 12.50
C LYS D 99 -13.39 12.91 12.74
N CYS D 100 -12.75 12.43 13.79
CA CYS D 100 -11.35 12.85 14.10
C CYS D 100 -10.33 12.01 13.32
N ARG D 101 -9.07 12.42 13.36
CA ARG D 101 -8.03 11.75 12.54
C ARG D 101 -7.92 10.29 13.01
N VAL D 102 -8.07 10.04 14.30
CA VAL D 102 -7.92 8.65 14.79
C VAL D 102 -9.12 7.83 14.32
N CYS D 103 -10.34 8.38 14.45
CA CYS D 103 -11.58 7.64 14.12
C CYS D 103 -11.48 7.24 12.64
N LYS D 104 -10.91 8.10 11.80
CA LYS D 104 -10.80 7.85 10.32
C LYS D 104 -9.61 6.94 9.97
N HIS D 105 -8.69 6.69 10.89
CA HIS D 105 -7.50 5.85 10.62
C HIS D 105 -7.93 4.39 10.67
N PRO D 106 -7.53 3.54 9.72
CA PRO D 106 -7.91 2.13 9.80
C PRO D 106 -7.54 1.33 11.07
N GLU D 107 -6.50 1.72 11.82
N GLU D 107 -6.55 1.77 11.88
CA GLU D 107 -5.98 0.93 12.96
CA GLU D 107 -5.95 0.98 12.98
C GLU D 107 -6.45 1.58 14.27
C GLU D 107 -5.97 1.76 14.31
N GLY D 108 -6.49 2.93 14.32
N GLY D 108 -6.57 2.93 14.31
CA GLY D 108 -6.68 3.75 15.53
C GLY D 108 -8.06 3.60 16.14
N ASN D 109 -8.13 3.60 17.48
CA ASN D 109 -9.41 3.56 18.24
C ASN D 109 -9.46 4.56 19.38
N PHE D 110 -8.34 5.22 19.73
CA PHE D 110 -8.29 6.18 20.86
C PHE D 110 -8.77 7.54 20.38
N CYS D 111 -10.07 7.63 20.21
CA CYS D 111 -10.79 8.83 19.70
C CYS D 111 -10.32 10.06 20.47
N LEU D 112 -10.08 11.17 19.76
CA LEU D 112 -9.57 12.41 20.38
C LEU D 112 -10.59 13.00 21.37
N LYS D 113 -11.85 12.55 21.35
CA LYS D 113 -12.87 13.07 22.33
C LYS D 113 -12.85 12.29 23.66
N ASN D 114 -11.94 11.32 23.81
CA ASN D 114 -11.81 10.51 25.04
C ASN D 114 -11.54 11.44 26.25
N ASP D 115 -11.92 10.95 27.43
CA ASP D 115 -11.64 11.56 28.75
C ASP D 115 -10.66 10.72 29.60
N LEU D 116 -9.77 10.00 28.92
CA LEU D 116 -8.75 9.14 29.58
C LEU D 116 -7.44 9.94 29.68
N SER D 117 -6.99 10.52 28.57
CA SER D 117 -5.64 11.15 28.47
C SER D 117 -5.47 12.23 29.54
N MET D 118 -6.40 13.19 29.62
CA MET D 118 -6.32 14.26 30.62
C MET D 118 -7.72 14.39 31.22
N PRO D 119 -8.08 13.49 32.15
CA PRO D 119 -9.46 13.39 32.60
C PRO D 119 -10.02 14.68 33.16
N ARG D 120 -11.18 15.12 32.65
CA ARG D 120 -11.95 16.28 33.12
C ARG D 120 -13.15 15.81 33.96
N GLY D 121 -13.65 14.59 33.77
CA GLY D 121 -14.81 14.06 34.51
C GLY D 121 -16.10 14.83 34.24
N THR D 122 -16.33 15.18 32.98
CA THR D 122 -17.51 15.94 32.55
C THR D 122 -18.13 15.25 31.35
N MET D 123 -19.23 15.83 30.91
CA MET D 123 -19.83 15.53 29.60
C MET D 123 -18.93 16.20 28.58
N GLN D 124 -19.23 16.04 27.31
CA GLN D 124 -18.41 16.68 26.26
C GLN D 124 -18.52 18.21 26.39
N ASP D 125 -19.64 18.72 26.90
CA ASP D 125 -19.86 20.19 26.97
C ASP D 125 -19.15 20.79 28.20
N GLY D 126 -18.39 20.04 29.00
CA GLY D 126 -17.59 20.60 30.11
C GLY D 126 -18.37 20.72 31.38
N THR D 127 -19.59 20.20 31.42
CA THR D 127 -20.49 20.24 32.59
C THR D 127 -20.87 18.82 33.02
N SER D 128 -21.49 18.71 34.21
CA SER D 128 -21.93 17.46 34.83
C SER D 128 -23.46 17.39 34.89
N ARG D 129 -24.05 16.19 34.77
CA ARG D 129 -25.53 15.99 34.85
C ARG D 129 -25.90 15.46 36.23
N PHE D 130 -24.91 15.29 37.12
CA PHE D 130 -25.08 14.69 38.48
C PHE D 130 -24.94 15.74 39.58
N THR D 131 -25.88 15.72 40.51
CA THR D 131 -25.72 16.51 41.77
C THR D 131 -26.05 15.62 42.97
N CYS D 132 -25.37 15.87 44.07
CA CYS D 132 -25.59 15.19 45.35
C CYS D 132 -25.59 16.26 46.43
N ARG D 133 -26.74 16.44 47.09
CA ARG D 133 -26.98 17.49 48.09
C ARG D 133 -26.42 18.81 47.56
N GLY D 134 -26.82 19.21 46.35
CA GLY D 134 -26.55 20.50 45.71
C GLY D 134 -25.16 20.56 45.10
N LYS D 135 -24.35 19.53 45.30
CA LYS D 135 -22.93 19.54 44.88
C LYS D 135 -22.79 18.78 43.57
N PRO D 136 -22.13 19.41 42.58
CA PRO D 136 -21.87 18.76 41.31
C PRO D 136 -21.00 17.50 41.56
N ILE D 137 -21.30 16.40 40.88
CA ILE D 137 -20.46 15.18 40.97
C ILE D 137 -19.89 14.87 39.57
N HIS D 138 -18.62 14.49 39.53
CA HIS D 138 -17.94 14.23 38.25
C HIS D 138 -18.43 12.93 37.62
N HIS D 139 -18.37 12.91 36.30
CA HIS D 139 -18.51 11.69 35.50
C HIS D 139 -17.14 11.02 35.47
N PHE D 140 -17.10 9.80 34.97
CA PHE D 140 -15.91 8.95 34.86
C PHE D 140 -15.87 8.41 33.44
N LEU D 141 -14.86 8.83 32.66
CA LEU D 141 -14.67 8.31 31.28
C LEU D 141 -15.93 8.49 30.43
N GLY D 142 -16.73 9.53 30.67
CA GLY D 142 -17.97 9.77 29.89
C GLY D 142 -18.99 8.64 30.03
N THR D 143 -18.92 7.84 31.10
CA THR D 143 -19.83 6.68 31.30
C THR D 143 -20.53 6.75 32.65
N SER D 144 -19.83 6.60 33.77
CA SER D 144 -20.43 6.71 35.13
C SER D 144 -21.59 5.73 35.29
N THR D 145 -21.26 4.49 35.49
CA THR D 145 -22.26 3.41 35.46
C THR D 145 -22.59 2.87 36.85
N PHE D 146 -21.98 3.39 37.91
CA PHE D 146 -22.35 2.99 39.29
C PHE D 146 -23.49 3.91 39.75
N SER D 147 -24.57 3.88 38.99
CA SER D 147 -25.77 4.74 39.24
C SER D 147 -26.99 4.08 38.58
N GLN D 148 -28.17 4.26 39.15
CA GLN D 148 -29.37 3.66 38.57
C GLN D 148 -29.62 4.28 37.21
N TYR D 149 -29.23 5.54 37.04
CA TYR D 149 -29.38 6.36 35.80
C TYR D 149 -28.09 7.12 35.51
N THR D 150 -27.65 7.13 34.27
CA THR D 150 -26.51 7.97 33.84
C THR D 150 -26.89 8.67 32.56
N VAL D 151 -26.16 9.72 32.23
CA VAL D 151 -26.32 10.52 30.98
C VAL D 151 -24.96 10.40 30.30
N VAL D 152 -24.96 10.01 29.04
CA VAL D 152 -23.72 9.94 28.25
C VAL D 152 -23.89 10.72 26.96
N ASP D 153 -22.76 11.14 26.40
CA ASP D 153 -22.72 11.70 25.03
C ASP D 153 -23.06 10.56 24.04
N GLU D 154 -23.72 10.92 22.94
CA GLU D 154 -24.11 9.95 21.88
C GLU D 154 -22.86 9.25 21.32
N ILE D 155 -21.73 9.93 21.25
CA ILE D 155 -20.49 9.24 20.74
C ILE D 155 -19.96 8.20 21.73
N SER D 156 -20.55 8.10 22.93
CA SER D 156 -20.12 7.19 24.01
C SER D 156 -21.21 6.17 24.33
N VAL D 157 -22.06 5.83 23.37
CA VAL D 157 -23.03 4.75 23.57
C VAL D 157 -23.25 4.02 22.25
N ALA D 158 -23.44 2.71 22.36
CA ALA D 158 -23.73 1.81 21.23
C ALA D 158 -25.04 1.07 21.50
N LYS D 159 -25.96 1.12 20.53
CA LYS D 159 -27.17 0.26 20.48
C LYS D 159 -26.71 -1.18 20.26
N ILE D 160 -27.29 -2.09 21.04
CA ILE D 160 -26.98 -3.54 20.93
C ILE D 160 -28.26 -4.35 20.72
N ASP D 161 -28.08 -5.60 20.32
CA ASP D 161 -29.17 -6.57 20.04
C ASP D 161 -30.28 -6.44 21.09
N ALA D 162 -31.53 -6.24 20.66
CA ALA D 162 -32.75 -6.16 21.51
C ALA D 162 -32.90 -7.41 22.41
N ALA D 163 -32.36 -8.57 22.01
CA ALA D 163 -32.51 -9.83 22.78
C ALA D 163 -31.30 -10.12 23.69
N SER D 164 -30.29 -9.25 23.79
CA SER D 164 -29.05 -9.61 24.54
C SER D 164 -29.30 -9.62 26.05
N PRO D 165 -28.68 -10.60 26.77
CA PRO D 165 -28.75 -10.70 28.23
C PRO D 165 -27.77 -9.69 28.85
N LEU D 166 -28.31 -8.59 29.38
CA LEU D 166 -27.48 -7.41 29.76
C LEU D 166 -26.58 -7.82 30.95
N GLU D 167 -26.92 -8.86 31.73
CA GLU D 167 -26.13 -9.24 32.94
C GLU D 167 -24.86 -10.00 32.54
N LYS D 168 -24.73 -10.42 31.29
CA LYS D 168 -23.43 -10.96 30.74
C LYS D 168 -22.77 -9.94 29.84
N VAL D 169 -23.51 -9.34 28.91
CA VAL D 169 -22.87 -8.55 27.82
C VAL D 169 -22.31 -7.19 28.33
N CYS D 170 -22.59 -6.77 29.58
CA CYS D 170 -21.91 -5.60 30.20
C CYS D 170 -20.38 -5.79 30.09
N LEU D 171 -19.87 -7.02 30.10
CA LEU D 171 -18.39 -7.27 30.01
C LEU D 171 -17.81 -6.91 28.65
N ILE D 172 -18.63 -6.81 27.61
CA ILE D 172 -18.15 -6.36 26.28
C ILE D 172 -17.85 -4.85 26.36
N GLY D 173 -18.40 -4.18 27.39
CA GLY D 173 -18.14 -2.77 27.69
C GLY D 173 -16.73 -2.53 28.19
N CYS D 174 -16.02 -3.56 28.66
CA CYS D 174 -14.62 -3.32 29.06
C CYS D 174 -13.80 -4.60 29.03
N GLY D 175 -13.95 -5.45 30.07
CA GLY D 175 -12.93 -6.49 30.39
C GLY D 175 -12.76 -7.48 29.26
N PHE D 176 -13.86 -8.01 28.71
CA PHE D 176 -13.75 -9.03 27.65
C PHE D 176 -13.11 -8.42 26.40
N SER D 177 -13.67 -7.34 25.88
CA SER D 177 -13.26 -6.73 24.61
C SER D 177 -11.79 -6.29 24.70
N THR D 178 -11.38 -5.71 25.84
CA THR D 178 -9.98 -5.29 26.06
C THR D 178 -9.09 -6.50 25.93
N GLY D 179 -9.35 -7.56 26.69
CA GLY D 179 -8.39 -8.69 26.68
C GLY D 179 -8.36 -9.36 25.31
N TYR D 180 -9.54 -9.74 24.82
CA TYR D 180 -9.67 -10.47 23.54
C TYR D 180 -9.01 -9.68 22.40
N GLY D 181 -9.37 -8.41 22.26
CA GLY D 181 -8.81 -7.53 21.23
C GLY D 181 -7.31 -7.35 21.43
N SER D 182 -6.83 -7.28 22.68
CA SER D 182 -5.36 -7.14 22.90
C SER D 182 -4.65 -8.31 22.23
N ALA D 183 -5.25 -9.52 22.21
CA ALA D 183 -4.60 -10.71 21.63
C ALA D 183 -4.79 -10.73 20.11
N VAL D 184 -6.03 -10.56 19.69
CA VAL D 184 -6.44 -10.84 18.29
C VAL D 184 -6.14 -9.66 17.37
N LYS D 185 -6.36 -8.43 17.82
CA LYS D 185 -6.25 -7.20 17.02
C LYS D 185 -4.90 -6.51 17.24
N VAL D 186 -4.43 -6.43 18.47
CA VAL D 186 -3.27 -5.58 18.79
C VAL D 186 -1.99 -6.43 18.64
N ALA D 187 -1.86 -7.51 19.41
CA ALA D 187 -0.71 -8.42 19.21
C ALA D 187 -0.78 -9.10 17.83
N LYS D 188 -1.98 -9.46 17.35
CA LYS D 188 -2.15 -10.27 16.12
C LYS D 188 -1.43 -11.59 16.39
N VAL D 189 -1.77 -12.22 17.52
CA VAL D 189 -1.26 -13.58 17.86
C VAL D 189 -1.47 -14.50 16.64
N THR D 190 -0.46 -15.33 16.37
CA THR D 190 -0.42 -16.23 15.20
C THR D 190 -0.62 -17.69 15.63
N GLN D 191 -1.13 -18.50 14.68
CA GLN D 191 -1.37 -19.95 14.87
C GLN D 191 -0.03 -20.62 15.22
N GLY D 192 0.00 -21.41 16.27
CA GLY D 192 1.19 -22.18 16.63
C GLY D 192 2.13 -21.46 17.55
N SER D 193 1.86 -20.21 17.89
CA SER D 193 2.75 -19.36 18.71
C SER D 193 2.75 -19.74 20.21
N THR D 194 3.75 -19.21 20.92
CA THR D 194 3.80 -19.28 22.39
C THR D 194 3.53 -17.89 22.97
N CYS D 195 2.58 -17.83 23.87
CA CYS D 195 2.11 -16.61 24.54
C CYS D 195 2.41 -16.64 26.04
N ALA D 196 2.68 -15.48 26.66
CA ALA D 196 2.81 -15.33 28.11
C ALA D 196 1.85 -14.20 28.53
N VAL D 197 0.97 -14.49 29.47
CA VAL D 197 -0.06 -13.52 29.94
C VAL D 197 0.18 -13.29 31.42
N PHE D 198 0.60 -12.08 31.76
CA PHE D 198 0.87 -11.67 33.15
C PHE D 198 -0.40 -11.04 33.73
N GLY D 199 -0.98 -11.70 34.74
CA GLY D 199 -2.22 -11.26 35.39
C GLY D 199 -3.38 -12.07 34.86
N LEU D 200 -4.08 -12.78 35.76
CA LEU D 200 -5.15 -13.73 35.39
C LEU D 200 -6.46 -13.28 36.03
N GLY D 201 -6.72 -11.96 36.02
CA GLY D 201 -8.06 -11.39 36.30
C GLY D 201 -8.98 -11.43 35.09
N GLY D 202 -10.13 -10.73 35.12
CA GLY D 202 -11.07 -10.73 33.99
C GLY D 202 -10.38 -10.41 32.68
N VAL D 203 -9.48 -9.43 32.70
CA VAL D 203 -8.87 -8.97 31.44
C VAL D 203 -7.87 -10.03 30.93
N GLY D 204 -7.05 -10.59 31.81
CA GLY D 204 -6.04 -11.56 31.44
C GLY D 204 -6.72 -12.80 30.90
N LEU D 205 -7.81 -13.21 31.54
CA LEU D 205 -8.50 -14.43 31.07
C LEU D 205 -9.04 -14.15 29.66
N SER D 206 -9.53 -12.94 29.41
CA SER D 206 -10.01 -12.53 28.06
C SER D 206 -8.83 -12.51 27.06
N VAL D 207 -7.64 -12.12 27.49
CA VAL D 207 -6.40 -12.24 26.66
C VAL D 207 -6.13 -13.71 26.32
N ILE D 208 -6.15 -14.60 27.32
CA ILE D 208 -6.05 -16.06 27.06
C ILE D 208 -7.13 -16.53 26.07
N MET D 209 -8.40 -16.19 26.29
CA MET D 209 -9.47 -16.57 25.33
C MET D 209 -9.07 -16.15 23.90
N GLY D 210 -8.44 -14.99 23.74
CA GLY D 210 -8.10 -14.44 22.42
C GLY D 210 -6.89 -15.16 21.83
N CYS D 211 -5.94 -15.52 22.67
CA CYS D 211 -4.73 -16.26 22.24
C CYS D 211 -5.19 -17.63 21.74
N LYS D 212 -6.16 -18.21 22.45
CA LYS D 212 -6.64 -19.56 22.12
C LYS D 212 -7.45 -19.51 20.82
N ALA D 213 -8.37 -18.55 20.67
CA ALA D 213 -9.13 -18.32 19.43
C ALA D 213 -8.17 -18.03 18.25
N ALA D 214 -6.97 -17.49 18.47
CA ALA D 214 -6.02 -17.13 17.39
C ALA D 214 -5.13 -18.35 17.07
N GLY D 215 -5.31 -19.41 17.87
CA GLY D 215 -4.65 -20.70 17.66
C GLY D 215 -3.26 -20.79 18.21
N ALA D 216 -2.97 -20.04 19.28
CA ALA D 216 -1.70 -20.22 20.06
C ALA D 216 -1.52 -21.69 20.45
N ALA D 217 -0.29 -22.20 20.30
CA ALA D 217 0.10 -23.57 20.71
C ALA D 217 0.27 -23.64 22.22
N ARG D 218 0.90 -22.63 22.82
CA ARG D 218 1.17 -22.55 24.28
C ARG D 218 0.77 -21.16 24.76
N ILE D 219 0.14 -21.17 25.92
CA ILE D 219 -0.34 -19.98 26.65
C ILE D 219 0.07 -20.18 28.10
N ILE D 220 1.10 -19.45 28.54
CA ILE D 220 1.65 -19.55 29.92
C ILE D 220 1.03 -18.40 30.74
N GLY D 221 0.15 -18.70 31.68
CA GLY D 221 -0.37 -17.71 32.62
C GLY D 221 0.64 -17.45 33.71
N VAL D 222 0.77 -16.19 34.14
CA VAL D 222 1.64 -15.75 35.28
C VAL D 222 0.79 -14.97 36.28
N ASP D 223 0.76 -15.39 37.54
CA ASP D 223 0.02 -14.65 38.60
C ASP D 223 0.67 -15.03 39.95
N ILE D 224 0.79 -14.07 40.88
CA ILE D 224 1.27 -14.36 42.25
C ILE D 224 0.16 -15.00 43.10
N ASN D 225 -1.04 -15.11 42.56
CA ASN D 225 -2.19 -15.75 43.25
C ASN D 225 -2.54 -17.05 42.53
N LYS D 226 -2.04 -18.15 43.05
CA LYS D 226 -2.17 -19.50 42.45
C LYS D 226 -3.66 -19.84 42.37
N ASP D 227 -4.54 -19.16 43.12
CA ASP D 227 -5.98 -19.55 43.08
C ASP D 227 -6.57 -19.19 41.71
N LYS D 228 -5.88 -18.35 40.93
CA LYS D 228 -6.35 -17.94 39.58
C LYS D 228 -5.99 -18.95 38.50
N PHE D 229 -5.16 -19.97 38.79
CA PHE D 229 -4.62 -20.88 37.73
C PHE D 229 -5.70 -21.83 37.15
N ALA D 230 -6.63 -22.36 37.98
CA ALA D 230 -7.64 -23.33 37.55
C ALA D 230 -8.44 -22.73 36.39
N LYS D 231 -8.97 -21.50 36.57
CA LYS D 231 -9.86 -20.80 35.60
C LYS D 231 -9.05 -20.42 34.32
N ALA D 232 -7.80 -20.04 34.48
CA ALA D 232 -6.89 -19.71 33.36
C ALA D 232 -6.69 -20.95 32.47
N LYS D 233 -6.46 -22.14 33.07
CA LYS D 233 -6.41 -23.42 32.30
C LYS D 233 -7.79 -23.70 31.67
N GLU D 234 -8.88 -23.51 32.40
CA GLU D 234 -10.21 -23.83 31.84
C GLU D 234 -10.40 -23.01 30.54
N VAL D 235 -9.93 -21.76 30.41
CA VAL D 235 -10.18 -20.88 29.20
C VAL D 235 -9.02 -20.95 28.20
N GLY D 236 -7.99 -21.74 28.48
CA GLY D 236 -7.05 -22.20 27.44
C GLY D 236 -5.58 -22.08 27.82
N ALA D 237 -5.25 -21.69 29.07
CA ALA D 237 -3.83 -21.64 29.48
C ALA D 237 -3.31 -23.07 29.50
N THR D 238 -2.13 -23.30 28.96
CA THR D 238 -1.49 -24.64 28.90
C THR D 238 -0.60 -24.89 30.12
N GLU D 239 -0.14 -23.84 30.77
CA GLU D 239 0.73 -23.90 31.98
C GLU D 239 0.50 -22.59 32.69
N CYS D 240 0.64 -22.59 34.02
CA CYS D 240 0.62 -21.37 34.86
C CYS D 240 1.84 -21.44 35.77
N VAL D 241 2.45 -20.27 36.01
CA VAL D 241 3.63 -20.12 36.89
C VAL D 241 3.36 -18.98 37.83
N ASN D 242 3.83 -19.12 39.06
CA ASN D 242 3.76 -18.13 40.15
C ASN D 242 5.17 -17.68 40.42
N PRO D 243 5.47 -16.41 40.13
CA PRO D 243 6.82 -15.86 40.34
C PRO D 243 7.36 -16.07 41.77
N GLN D 244 6.45 -16.07 42.76
CA GLN D 244 6.77 -16.23 44.19
C GLN D 244 7.40 -17.60 44.46
N ASP D 245 7.22 -18.56 43.54
CA ASP D 245 7.70 -19.95 43.72
C ASP D 245 9.21 -20.06 43.43
N TYR D 246 9.79 -19.09 42.73
CA TYR D 246 11.14 -19.21 42.12
C TYR D 246 12.13 -18.28 42.82
N LYS D 247 13.39 -18.68 42.84
CA LYS D 247 14.47 -17.92 43.49
C LYS D 247 15.17 -17.07 42.44
N LYS D 248 14.74 -17.10 41.19
CA LYS D 248 15.27 -16.21 40.12
C LYS D 248 14.13 -15.46 39.44
N PRO D 249 14.43 -14.36 38.70
CA PRO D 249 13.39 -13.55 38.07
C PRO D 249 12.61 -14.38 37.05
N ILE D 250 11.30 -14.16 37.02
CA ILE D 250 10.36 -14.90 36.14
C ILE D 250 10.72 -14.69 34.66
N GLN D 251 11.37 -13.59 34.28
CA GLN D 251 11.76 -13.42 32.84
C GLN D 251 12.72 -14.57 32.46
N GLU D 252 13.61 -14.99 33.36
CA GLU D 252 14.53 -16.14 33.10
C GLU D 252 13.76 -17.46 33.06
N VAL D 253 12.90 -17.70 34.05
CA VAL D 253 12.09 -18.95 34.02
C VAL D 253 11.39 -18.99 32.66
N LEU D 254 10.75 -17.88 32.24
CA LEU D 254 9.89 -17.92 31.02
C LEU D 254 10.78 -18.08 29.79
N THR D 255 11.91 -17.38 29.72
CA THR D 255 12.87 -17.49 28.61
C THR D 255 13.26 -18.96 28.42
N GLU D 256 13.53 -19.69 29.50
CA GLU D 256 13.93 -21.13 29.43
C GLU D 256 12.76 -22.03 29.01
N MET D 257 11.56 -21.81 29.55
CA MET D 257 10.36 -22.63 29.25
C MET D 257 10.05 -22.56 27.75
N SER D 258 10.31 -21.38 27.19
CA SER D 258 10.00 -21.01 25.77
C SER D 258 11.22 -21.19 24.88
N ASN D 259 12.34 -21.72 25.38
CA ASN D 259 13.56 -22.07 24.57
C ASN D 259 14.09 -20.79 23.92
N GLY D 260 14.09 -19.69 24.69
CA GLY D 260 14.76 -18.42 24.42
C GLY D 260 13.79 -17.25 24.19
N GLY D 261 12.53 -17.31 24.68
CA GLY D 261 11.59 -16.17 24.69
C GLY D 261 10.27 -16.48 23.98
N VAL D 262 9.16 -15.88 24.41
CA VAL D 262 7.80 -16.18 23.88
C VAL D 262 7.58 -15.34 22.62
N ASP D 263 6.65 -15.74 21.78
CA ASP D 263 6.26 -14.95 20.58
C ASP D 263 5.52 -13.68 21.02
N PHE D 264 4.62 -13.80 21.97
CA PHE D 264 3.71 -12.70 22.38
C PHE D 264 3.60 -12.70 23.90
N SER D 265 3.87 -11.55 24.54
CA SER D 265 3.65 -11.39 25.99
C SER D 265 2.71 -10.24 26.25
N PHE D 266 1.94 -10.34 27.32
CA PHE D 266 0.88 -9.38 27.66
C PHE D 266 1.07 -9.02 29.14
N GLU D 267 1.15 -7.73 29.46
CA GLU D 267 1.11 -7.23 30.84
C GLU D 267 -0.34 -6.79 31.10
N VAL D 268 -0.98 -7.51 31.98
CA VAL D 268 -2.41 -7.31 32.31
C VAL D 268 -2.57 -7.18 33.82
N ILE D 269 -1.72 -6.37 34.42
CA ILE D 269 -1.71 -6.11 35.88
C ILE D 269 -1.77 -4.60 36.14
N GLY D 270 -0.77 -3.88 35.63
CA GLY D 270 -0.65 -2.44 35.87
C GLY D 270 0.52 -2.12 36.78
N ARG D 271 1.62 -2.85 36.67
CA ARG D 271 2.82 -2.49 37.45
C ARG D 271 3.99 -2.23 36.51
N LEU D 272 4.81 -1.23 36.86
CA LEU D 272 5.97 -0.85 36.05
C LEU D 272 6.91 -2.06 35.91
N ASP D 273 7.11 -2.83 36.96
CA ASP D 273 8.16 -3.89 36.97
C ASP D 273 7.71 -5.02 36.03
N THR D 274 6.44 -5.39 36.07
CA THR D 274 5.93 -6.47 35.21
C THR D 274 5.88 -6.00 33.76
N MET D 275 5.69 -4.71 33.49
CA MET D 275 5.74 -4.21 32.08
C MET D 275 7.15 -4.54 31.53
N VAL D 276 8.16 -4.34 32.34
CA VAL D 276 9.56 -4.52 31.84
C VAL D 276 9.81 -6.04 31.71
N THR D 277 9.30 -6.80 32.67
CA THR D 277 9.50 -8.27 32.72
C THR D 277 8.82 -8.90 31.50
N ALA D 278 7.63 -8.40 31.19
CA ALA D 278 6.84 -8.97 30.09
C ALA D 278 7.59 -8.67 28.79
N LEU D 279 8.14 -7.48 28.66
CA LEU D 279 8.91 -7.13 27.44
C LEU D 279 10.11 -8.09 27.35
N SER D 280 10.83 -8.25 28.45
CA SER D 280 12.11 -8.99 28.47
C SER D 280 11.86 -10.42 28.06
N CYS D 281 10.72 -11.00 28.43
CA CYS D 281 10.48 -12.45 28.32
C CYS D 281 10.02 -12.76 26.88
N CYS D 282 9.75 -11.76 26.03
CA CYS D 282 9.46 -12.09 24.59
CA CYS D 282 9.52 -11.93 24.57
C CYS D 282 10.81 -12.22 23.84
N GLN D 283 10.81 -13.01 22.77
CA GLN D 283 12.07 -13.35 22.05
C GLN D 283 12.72 -12.04 21.55
N GLU D 284 14.04 -11.95 21.74
CA GLU D 284 14.76 -10.65 21.57
C GLU D 284 14.67 -10.15 20.12
N ALA D 285 14.51 -11.02 19.12
CA ALA D 285 14.67 -10.68 17.69
C ALA D 285 13.30 -10.43 17.02
N TYR D 286 12.23 -11.05 17.49
CA TYR D 286 10.90 -10.99 16.83
C TYR D 286 9.74 -11.06 17.82
N GLY D 287 10.02 -11.00 19.13
CA GLY D 287 8.98 -10.93 20.16
C GLY D 287 8.11 -9.69 20.09
N VAL D 288 6.86 -9.87 20.51
CA VAL D 288 5.91 -8.76 20.65
C VAL D 288 5.39 -8.76 22.08
N SER D 289 5.41 -7.58 22.72
CA SER D 289 4.86 -7.39 24.08
C SER D 289 3.84 -6.26 24.08
N VAL D 290 2.66 -6.55 24.63
CA VAL D 290 1.51 -5.62 24.68
C VAL D 290 1.22 -5.25 26.14
N ILE D 291 1.25 -3.95 26.44
CA ILE D 291 0.84 -3.40 27.76
C ILE D 291 -0.66 -3.21 27.72
N VAL D 292 -1.32 -3.87 28.66
CA VAL D 292 -2.77 -3.73 28.87
C VAL D 292 -3.06 -3.07 30.22
N GLY D 293 -2.27 -3.38 31.25
CA GLY D 293 -2.46 -2.84 32.61
C GLY D 293 -2.29 -1.34 32.64
N VAL D 294 -3.07 -0.70 33.50
CA VAL D 294 -3.01 0.77 33.69
C VAL D 294 -1.95 1.00 34.73
N PRO D 295 -0.91 1.77 34.34
CA PRO D 295 0.16 2.14 35.25
C PRO D 295 -0.20 3.20 36.28
N PRO D 296 0.55 3.22 37.39
CA PRO D 296 0.29 4.16 38.48
C PRO D 296 0.61 5.59 38.05
N ASP D 297 -0.24 6.52 38.47
CA ASP D 297 -0.24 7.92 38.00
C ASP D 297 1.17 8.49 38.10
N SER D 298 1.60 9.11 36.99
CA SER D 298 2.79 9.99 36.86
C SER D 298 4.11 9.25 37.04
N GLN D 299 4.11 7.94 37.24
CA GLN D 299 5.39 7.21 37.47
C GLN D 299 5.97 6.73 36.15
N ASN D 300 7.29 6.87 35.99
CA ASN D 300 8.04 6.40 34.80
C ASN D 300 8.60 5.02 35.05
N LEU D 301 8.61 4.17 34.05
CA LEU D 301 9.42 2.93 34.13
C LEU D 301 10.83 3.25 33.63
N SER D 302 11.76 2.42 34.07
CA SER D 302 13.16 2.43 33.62
C SER D 302 13.43 1.15 32.81
N MET D 303 14.00 1.29 31.62
CA MET D 303 14.35 0.08 30.85
C MET D 303 15.56 0.33 29.94
N ASN D 304 16.15 -0.77 29.52
CA ASN D 304 17.35 -0.80 28.66
C ASN D 304 16.88 -0.85 27.22
N PRO D 305 17.09 0.18 26.39
CA PRO D 305 16.62 0.15 25.00
C PRO D 305 17.24 -0.94 24.13
N MET D 306 18.32 -1.57 24.57
CA MET D 306 18.84 -2.76 23.86
C MET D 306 17.74 -3.83 23.78
N LEU D 307 16.77 -3.83 24.71
CA LEU D 307 15.68 -4.84 24.61
C LEU D 307 14.95 -4.65 23.28
N LEU D 308 14.84 -3.41 22.83
CA LEU D 308 14.13 -3.08 21.57
C LEU D 308 15.09 -3.19 20.36
N LEU D 309 16.32 -2.69 20.48
CA LEU D 309 17.24 -2.63 19.32
C LEU D 309 17.42 -4.03 18.70
N SER D 310 17.42 -5.09 19.51
CA SER D 310 17.58 -6.49 19.04
C SER D 310 16.42 -6.90 18.12
N GLY D 311 15.27 -6.24 18.19
CA GLY D 311 14.13 -6.54 17.29
C GLY D 311 12.77 -6.61 17.96
N ARG D 312 12.66 -6.51 19.28
CA ARG D 312 11.34 -6.61 19.97
C ARG D 312 10.45 -5.46 19.57
N THR D 313 9.16 -5.70 19.61
CA THR D 313 8.10 -4.70 19.42
C THR D 313 7.36 -4.60 20.74
N TRP D 314 7.13 -3.37 21.16
CA TRP D 314 6.41 -3.03 22.40
C TRP D 314 5.25 -2.12 22.04
N LYS D 315 4.05 -2.48 22.47
CA LYS D 315 2.91 -1.61 22.18
C LYS D 315 1.93 -1.72 23.32
N GLY D 316 1.01 -0.80 23.34
CA GLY D 316 -0.13 -0.88 24.26
C GLY D 316 -1.41 -0.57 23.55
N ALA D 317 -2.53 -0.73 24.22
CA ALA D 317 -3.85 -0.44 23.64
C ALA D 317 -4.87 -0.20 24.75
N ILE D 318 -5.86 0.60 24.40
CA ILE D 318 -7.09 0.89 25.14
C ILE D 318 -8.15 0.05 24.46
N PHE D 319 -8.92 -0.68 25.24
CA PHE D 319 -10.16 -1.39 24.83
C PHE D 319 -9.84 -2.39 23.69
N GLY D 320 -8.68 -3.09 23.79
CA GLY D 320 -8.20 -4.10 22.84
C GLY D 320 -8.11 -3.62 21.39
N GLY D 321 -7.88 -2.33 21.15
CA GLY D 321 -7.74 -1.74 19.81
C GLY D 321 -9.05 -1.60 19.04
N PHE D 322 -10.19 -1.96 19.66
CA PHE D 322 -11.53 -1.87 19.00
C PHE D 322 -12.00 -0.42 18.83
N LYS D 323 -12.42 -0.05 17.61
CA LYS D 323 -13.25 1.15 17.37
C LYS D 323 -14.57 0.85 18.08
N SER D 324 -14.87 1.66 19.09
CA SER D 324 -15.80 1.22 20.15
C SER D 324 -17.22 1.05 19.62
N LYS D 325 -17.75 2.05 18.93
CA LYS D 325 -19.17 2.05 18.49
C LYS D 325 -19.38 1.09 17.32
N ASP D 326 -18.39 1.00 16.44
CA ASP D 326 -18.40 -0.06 15.39
C ASP D 326 -18.42 -1.45 16.05
N SER D 327 -17.57 -1.65 17.05
CA SER D 327 -17.16 -3.02 17.45
C SER D 327 -18.15 -3.58 18.45
N VAL D 328 -18.68 -2.79 19.40
CA VAL D 328 -19.45 -3.35 20.54
C VAL D 328 -20.69 -4.07 20.00
N PRO D 329 -21.47 -3.49 19.06
CA PRO D 329 -22.66 -4.20 18.57
C PRO D 329 -22.29 -5.50 17.85
N LYS D 330 -21.15 -5.55 17.16
CA LYS D 330 -20.68 -6.78 16.47
C LYS D 330 -20.25 -7.82 17.51
N LEU D 331 -19.51 -7.39 18.54
CA LEU D 331 -19.10 -8.33 19.62
C LEU D 331 -20.35 -8.91 20.30
N VAL D 332 -21.41 -8.11 20.44
CA VAL D 332 -22.64 -8.62 21.13
C VAL D 332 -23.26 -9.67 20.20
N ALA D 333 -23.38 -9.36 18.91
CA ALA D 333 -23.99 -10.28 17.93
C ALA D 333 -23.16 -11.58 17.93
N ASP D 334 -21.83 -11.49 17.98
CA ASP D 334 -20.92 -12.68 17.96
C ASP D 334 -21.12 -13.46 19.25
N PHE D 335 -21.33 -12.77 20.36
CA PHE D 335 -21.71 -13.46 21.62
C PHE D 335 -23.03 -14.23 21.43
N MET D 336 -24.01 -13.57 20.81
CA MET D 336 -25.39 -14.11 20.67
C MET D 336 -25.26 -15.31 19.75
N ALA D 337 -24.27 -15.30 18.84
CA ALA D 337 -23.94 -16.41 17.90
C ALA D 337 -23.00 -17.45 18.52
N LYS D 338 -22.69 -17.41 19.82
CA LYS D 338 -21.91 -18.40 20.60
C LYS D 338 -20.46 -18.45 20.11
N LYS D 339 -19.88 -17.33 19.68
CA LYS D 339 -18.50 -17.35 19.10
C LYS D 339 -17.48 -17.28 20.23
N PHE D 340 -17.89 -16.81 21.40
CA PHE D 340 -17.05 -16.75 22.64
C PHE D 340 -17.99 -16.85 23.84
N ALA D 341 -17.43 -17.19 25.01
CA ALA D 341 -18.17 -17.33 26.27
C ALA D 341 -17.79 -16.14 27.19
N LEU D 342 -18.76 -15.67 27.99
CA LEU D 342 -18.56 -14.64 29.05
C LEU D 342 -18.74 -15.25 30.45
N ASP D 343 -19.50 -16.35 30.61
CA ASP D 343 -19.79 -16.92 31.96
C ASP D 343 -18.51 -17.28 32.71
N PRO D 344 -17.41 -17.72 32.06
CA PRO D 344 -16.18 -17.96 32.82
C PRO D 344 -15.63 -16.74 33.58
N LEU D 345 -15.91 -15.55 33.06
CA LEU D 345 -15.41 -14.32 33.73
C LEU D 345 -16.29 -13.96 34.94
N ILE D 346 -17.53 -14.43 35.00
CA ILE D 346 -18.49 -13.96 36.05
C ILE D 346 -18.44 -14.95 37.21
N THR D 347 -17.86 -14.58 38.34
CA THR D 347 -17.76 -15.42 39.56
C THR D 347 -18.82 -15.04 40.62
N HIS D 348 -19.30 -13.80 40.65
CA HIS D 348 -20.20 -13.26 41.71
C HIS D 348 -21.24 -12.34 41.09
N VAL D 349 -22.41 -12.32 41.68
CA VAL D 349 -23.51 -11.37 41.31
C VAL D 349 -24.00 -10.78 42.61
N LEU D 350 -24.10 -9.45 42.67
CA LEU D 350 -24.60 -8.71 43.85
C LEU D 350 -25.56 -7.66 43.37
N PRO D 351 -26.53 -7.33 44.22
CA PRO D 351 -27.34 -6.16 43.97
C PRO D 351 -26.41 -4.93 44.09
N PHE D 352 -26.70 -3.91 43.31
CA PHE D 352 -25.90 -2.65 43.26
C PHE D 352 -25.55 -2.11 44.66
N GLU D 353 -26.49 -2.12 45.61
CA GLU D 353 -26.33 -1.49 46.93
C GLU D 353 -25.18 -2.17 47.70
N LYS D 354 -24.74 -3.38 47.31
CA LYS D 354 -23.59 -4.14 47.90
C LYS D 354 -22.30 -3.94 47.08
N ILE D 355 -22.23 -2.82 46.37
CA ILE D 355 -21.05 -2.50 45.54
C ILE D 355 -19.78 -2.69 46.38
N ASN D 356 -19.75 -2.24 47.65
CA ASN D 356 -18.49 -2.25 48.45
C ASN D 356 -18.06 -3.69 48.73
N GLU D 357 -19.00 -4.58 49.03
CA GLU D 357 -18.68 -6.04 49.11
C GLU D 357 -18.06 -6.51 47.80
N GLY D 358 -18.55 -5.98 46.68
CA GLY D 358 -18.05 -6.37 45.35
C GLY D 358 -16.59 -5.96 45.20
N PHE D 359 -16.25 -4.79 45.72
CA PHE D 359 -14.87 -4.25 45.64
C PHE D 359 -14.00 -5.08 46.58
N ASP D 360 -14.56 -5.43 47.74
CA ASP D 360 -13.83 -6.20 48.76
C ASP D 360 -13.46 -7.56 48.16
N LEU D 361 -14.38 -8.19 47.38
CA LEU D 361 -14.14 -9.51 46.74
C LEU D 361 -12.99 -9.38 45.75
N LEU D 362 -12.94 -8.28 45.04
CA LEU D 362 -11.90 -8.07 44.02
C LEU D 362 -10.58 -7.90 44.77
N ARG D 363 -10.59 -7.06 45.80
CA ARG D 363 -9.32 -6.68 46.46
C ARG D 363 -8.72 -7.92 47.12
N SER D 364 -9.56 -8.78 47.67
CA SER D 364 -9.11 -9.92 48.50
C SER D 364 -8.53 -11.01 47.59
N GLY D 365 -8.83 -10.98 46.29
CA GLY D 365 -8.33 -11.96 45.30
C GLY D 365 -9.38 -12.99 44.95
N GLU D 366 -10.56 -12.89 45.60
CA GLU D 366 -11.54 -14.00 45.57
C GLU D 366 -12.33 -13.95 44.27
N SER D 367 -12.45 -12.81 43.60
CA SER D 367 -13.34 -12.70 42.41
C SER D 367 -12.58 -12.49 41.10
N ILE D 368 -13.26 -12.79 39.99
CA ILE D 368 -12.85 -12.28 38.66
C ILE D 368 -13.74 -11.06 38.38
N ARG D 369 -14.93 -11.24 37.78
CA ARG D 369 -15.93 -10.17 37.61
C ARG D 369 -17.09 -10.42 38.56
N THR D 370 -17.35 -9.43 39.40
CA THR D 370 -18.66 -9.30 40.06
C THR D 370 -19.55 -8.45 39.16
N ILE D 371 -20.76 -8.92 38.88
CA ILE D 371 -21.79 -8.17 38.12
C ILE D 371 -22.80 -7.65 39.12
N LEU D 372 -22.97 -6.34 39.17
CA LEU D 372 -24.01 -5.71 40.02
C LEU D 372 -25.30 -5.58 39.20
N THR D 373 -26.43 -5.93 39.80
CA THR D 373 -27.77 -5.77 39.16
C THR D 373 -28.51 -4.65 39.90
N PHE D 374 -29.32 -3.89 39.17
CA PHE D 374 -30.05 -2.69 39.61
C PHE D 374 -31.50 -3.07 39.97
#